data_2LXS
#
_entry.id   2LXS
#
loop_
_entity.id
_entity.type
_entity.pdbx_description
1 polymer 'CREB-binding protein'
2 polymer 'Histone-lysine N-methyltransferase MLL'
#
loop_
_entity_poly.entity_id
_entity_poly.type
_entity_poly.pdbx_seq_one_letter_code
_entity_poly.pdbx_strand_id
1 'polypeptide(L)'
;GVRKGWHEHVTQDLRSHLVHKLVQAIFPTPDPAALKDRRMENLVAYAKKVEGDMYESANSRDEYYHLLAEKIYKIQKELE
EKRRSRL
;
A
2 'polypeptide(L)' DAGNILPSDIMDFVLKNTP B
#
# COMPACT_ATOMS: atom_id res chain seq x y z
N GLY A 1 -25.59 6.18 -11.29
CA GLY A 1 -25.64 7.46 -10.65
C GLY A 1 -26.45 8.46 -11.42
N VAL A 2 -27.61 8.81 -10.90
CA VAL A 2 -28.47 9.81 -11.52
C VAL A 2 -27.87 11.19 -11.35
N ARG A 3 -27.86 11.64 -10.12
CA ARG A 3 -27.27 12.93 -9.78
C ARG A 3 -26.14 12.71 -8.78
N LYS A 4 -26.13 11.53 -8.19
CA LYS A 4 -25.07 11.14 -7.27
C LYS A 4 -24.26 10.00 -7.86
N GLY A 5 -23.11 10.34 -8.41
CA GLY A 5 -22.24 9.35 -8.99
C GLY A 5 -20.82 9.88 -9.15
N TRP A 6 -20.17 10.10 -8.02
CA TRP A 6 -18.79 10.58 -8.02
C TRP A 6 -17.84 9.40 -8.19
N HIS A 7 -18.01 8.41 -7.32
CA HIS A 7 -17.07 7.29 -7.22
C HIS A 7 -17.22 6.30 -8.36
N GLU A 8 -18.24 6.46 -9.20
CA GLU A 8 -18.59 5.45 -10.18
C GLU A 8 -17.40 5.04 -11.06
N HIS A 9 -16.61 6.01 -11.51
CA HIS A 9 -15.42 5.70 -12.33
C HIS A 9 -14.37 4.84 -11.61
N VAL A 10 -14.63 4.45 -10.37
CA VAL A 10 -13.80 3.47 -9.69
C VAL A 10 -14.71 2.47 -8.96
N THR A 11 -14.43 1.19 -9.12
CA THR A 11 -15.20 0.17 -8.45
C THR A 11 -14.59 -0.13 -7.08
N GLN A 12 -15.41 -0.59 -6.15
CA GLN A 12 -14.94 -0.90 -4.80
C GLN A 12 -13.84 -1.96 -4.88
N ASP A 13 -14.05 -2.92 -5.77
CA ASP A 13 -13.12 -4.02 -5.97
C ASP A 13 -11.74 -3.51 -6.37
N LEU A 14 -11.71 -2.51 -7.24
CA LEU A 14 -10.46 -1.90 -7.68
C LEU A 14 -9.66 -1.42 -6.48
N ARG A 15 -10.32 -0.66 -5.62
CA ARG A 15 -9.67 -0.10 -4.44
C ARG A 15 -9.20 -1.18 -3.50
N SER A 16 -10.07 -2.14 -3.17
CA SER A 16 -9.71 -3.20 -2.25
C SER A 16 -8.61 -4.07 -2.85
N HIS A 17 -8.71 -4.34 -4.15
CA HIS A 17 -7.70 -5.15 -4.84
C HIS A 17 -6.33 -4.49 -4.75
N LEU A 18 -6.29 -3.20 -5.07
CA LEU A 18 -5.05 -2.43 -5.03
C LEU A 18 -4.52 -2.30 -3.61
N VAL A 19 -5.42 -2.12 -2.64
CA VAL A 19 -5.01 -1.98 -1.25
C VAL A 19 -4.36 -3.27 -0.76
N HIS A 20 -4.96 -4.41 -1.08
CA HIS A 20 -4.38 -5.70 -0.70
C HIS A 20 -3.06 -5.90 -1.44
N LYS A 21 -3.02 -5.49 -2.70
CA LYS A 21 -1.79 -5.53 -3.49
C LYS A 21 -0.69 -4.73 -2.81
N LEU A 22 -1.07 -3.56 -2.29
CA LEU A 22 -0.14 -2.70 -1.57
C LEU A 22 0.41 -3.42 -0.35
N VAL A 23 -0.49 -3.99 0.45
CA VAL A 23 -0.10 -4.79 1.60
C VAL A 23 0.76 -5.99 1.17
N GLN A 24 0.31 -6.69 0.15
CA GLN A 24 1.02 -7.86 -0.38
C GLN A 24 2.42 -7.50 -0.85
N ALA A 25 2.55 -6.34 -1.49
CA ALA A 25 3.85 -5.84 -1.90
C ALA A 25 4.78 -5.73 -0.70
N ILE A 26 4.23 -5.30 0.42
CA ILE A 26 4.99 -5.14 1.65
C ILE A 26 5.26 -6.51 2.30
N PHE A 27 4.33 -7.45 2.14
CA PHE A 27 4.43 -8.74 2.80
C PHE A 27 3.63 -9.79 2.01
N PRO A 28 4.31 -10.57 1.16
CA PRO A 28 3.65 -11.48 0.21
C PRO A 28 3.22 -12.81 0.84
N THR A 29 3.98 -13.30 1.81
CA THR A 29 3.70 -14.58 2.43
C THR A 29 2.53 -14.48 3.40
N PRO A 30 1.39 -15.12 3.08
CA PRO A 30 0.18 -15.08 3.91
C PRO A 30 0.27 -16.06 5.08
N ASP A 31 0.82 -15.60 6.19
CA ASP A 31 0.93 -16.42 7.39
C ASP A 31 -0.38 -16.36 8.17
N PRO A 32 -0.99 -17.54 8.43
CA PRO A 32 -2.29 -17.64 9.09
C PRO A 32 -2.33 -16.98 10.46
N ALA A 33 -1.20 -16.90 11.13
CA ALA A 33 -1.13 -16.27 12.45
C ALA A 33 -0.95 -14.76 12.31
N ALA A 34 0.06 -14.37 11.53
CA ALA A 34 0.32 -12.95 11.28
C ALA A 34 -0.89 -12.25 10.66
N LEU A 35 -1.70 -13.01 9.92
CA LEU A 35 -2.92 -12.48 9.32
C LEU A 35 -3.88 -11.99 10.41
N LYS A 36 -3.83 -12.67 11.55
CA LYS A 36 -4.70 -12.34 12.67
C LYS A 36 -3.96 -11.47 13.69
N ASP A 37 -2.84 -10.90 13.29
CA ASP A 37 -2.00 -10.12 14.19
C ASP A 37 -2.25 -8.63 14.00
N ARG A 38 -2.34 -7.91 15.13
CA ARG A 38 -2.62 -6.47 15.13
C ARG A 38 -1.60 -5.68 14.30
N ARG A 39 -0.34 -6.07 14.34
CA ARG A 39 0.71 -5.32 13.66
C ARG A 39 0.46 -5.32 12.16
N MET A 40 0.02 -6.45 11.62
CA MET A 40 -0.36 -6.52 10.22
C MET A 40 -1.56 -5.63 9.95
N GLU A 41 -2.50 -5.60 10.89
CA GLU A 41 -3.72 -4.81 10.74
C GLU A 41 -3.39 -3.32 10.65
N ASN A 42 -2.42 -2.90 11.45
CA ASN A 42 -1.94 -1.50 11.41
C ASN A 42 -1.41 -1.17 10.02
N LEU A 43 -0.70 -2.12 9.43
CA LEU A 43 -0.14 -1.95 8.09
C LEU A 43 -1.27 -1.89 7.07
N VAL A 44 -2.28 -2.74 7.25
CA VAL A 44 -3.43 -2.77 6.34
C VAL A 44 -4.18 -1.44 6.42
N ALA A 45 -4.34 -0.94 7.64
CA ALA A 45 -4.95 0.37 7.87
C ALA A 45 -4.11 1.46 7.21
N TYR A 46 -2.78 1.32 7.29
CA TYR A 46 -1.86 2.24 6.64
C TYR A 46 -2.08 2.25 5.13
N ALA A 47 -2.35 1.07 4.56
CA ALA A 47 -2.62 0.96 3.12
C ALA A 47 -3.89 1.75 2.75
N LYS A 48 -4.91 1.66 3.61
CA LYS A 48 -6.13 2.44 3.43
C LYS A 48 -5.84 3.93 3.55
N LYS A 49 -4.96 4.29 4.49
CA LYS A 49 -4.52 5.66 4.66
C LYS A 49 -3.93 6.19 3.34
N VAL A 50 -3.08 5.38 2.73
CA VAL A 50 -2.56 5.67 1.39
C VAL A 50 -3.70 5.91 0.39
N GLU A 51 -4.70 5.02 0.42
CA GLU A 51 -5.87 5.15 -0.44
C GLU A 51 -6.54 6.52 -0.24
N GLY A 52 -6.66 6.92 1.02
CA GLY A 52 -7.26 8.21 1.35
C GLY A 52 -6.46 9.37 0.80
N ASP A 53 -5.15 9.34 0.95
CA ASP A 53 -4.29 10.40 0.45
C ASP A 53 -4.32 10.49 -1.07
N MET A 54 -4.30 9.33 -1.72
CA MET A 54 -4.32 9.27 -3.18
C MET A 54 -5.60 9.87 -3.75
N TYR A 55 -6.72 9.61 -3.06
CA TYR A 55 -8.06 9.92 -3.59
C TYR A 55 -8.18 11.35 -4.15
N GLU A 56 -7.56 12.34 -3.52
CA GLU A 56 -7.69 13.72 -4.03
C GLU A 56 -7.04 13.85 -5.41
N SER A 57 -5.80 13.42 -5.50
CA SER A 57 -5.06 13.44 -6.76
C SER A 57 -5.69 12.47 -7.77
N ALA A 58 -6.12 11.32 -7.26
CA ALA A 58 -6.75 10.22 -8.02
C ALA A 58 -8.02 10.60 -8.79
N ASN A 59 -8.23 11.88 -9.06
CA ASN A 59 -9.45 12.32 -9.74
C ASN A 59 -9.38 11.99 -11.24
N SER A 60 -8.61 10.94 -11.59
CA SER A 60 -8.47 10.47 -12.97
C SER A 60 -7.93 9.05 -12.96
N ARG A 61 -8.39 8.22 -13.90
CA ARG A 61 -8.03 6.79 -13.89
C ARG A 61 -6.52 6.55 -13.90
N ASP A 62 -5.82 7.19 -14.83
CA ASP A 62 -4.39 7.00 -14.98
C ASP A 62 -3.63 7.43 -13.72
N GLU A 63 -4.03 8.56 -13.19
CA GLU A 63 -3.43 9.09 -11.96
C GLU A 63 -3.54 8.08 -10.83
N TYR A 64 -4.74 7.53 -10.65
CA TYR A 64 -5.00 6.62 -9.54
C TYR A 64 -4.09 5.40 -9.59
N TYR A 65 -3.99 4.76 -10.76
CA TYR A 65 -3.18 3.56 -10.89
C TYR A 65 -1.71 3.89 -10.69
N HIS A 66 -1.29 5.03 -11.26
CA HIS A 66 0.12 5.39 -11.25
C HIS A 66 0.59 5.69 -9.83
N LEU A 67 -0.26 6.38 -9.08
CA LEU A 67 0.05 6.76 -7.71
C LEU A 67 0.39 5.54 -6.86
N LEU A 68 -0.51 4.57 -6.87
CA LEU A 68 -0.34 3.34 -6.09
C LEU A 68 0.86 2.53 -6.58
N ALA A 69 0.92 2.29 -7.89
CA ALA A 69 1.98 1.47 -8.48
C ALA A 69 3.37 2.07 -8.23
N GLU A 70 3.49 3.38 -8.45
CA GLU A 70 4.77 4.08 -8.25
C GLU A 70 5.27 3.91 -6.83
N LYS A 71 4.38 4.10 -5.87
CA LYS A 71 4.75 3.99 -4.47
C LYS A 71 5.17 2.56 -4.14
N ILE A 72 4.46 1.58 -4.70
CA ILE A 72 4.78 0.18 -4.48
C ILE A 72 6.21 -0.13 -4.94
N TYR A 73 6.56 0.37 -6.12
CA TYR A 73 7.91 0.13 -6.66
C TYR A 73 8.95 0.82 -5.78
N LYS A 74 8.61 2.02 -5.29
CA LYS A 74 9.45 2.74 -4.36
C LYS A 74 9.70 1.93 -3.11
N ILE A 75 8.62 1.40 -2.54
CA ILE A 75 8.67 0.65 -1.30
C ILE A 75 9.50 -0.62 -1.46
N GLN A 76 9.31 -1.29 -2.59
CA GLN A 76 10.03 -2.53 -2.88
C GLN A 76 11.53 -2.26 -3.01
N LYS A 77 11.86 -1.14 -3.64
CA LYS A 77 13.25 -0.74 -3.83
C LYS A 77 13.90 -0.44 -2.48
N GLU A 78 13.16 0.21 -1.60
CA GLU A 78 13.66 0.60 -0.29
C GLU A 78 14.14 -0.62 0.50
N LEU A 79 13.30 -1.65 0.53
CA LEU A 79 13.61 -2.85 1.28
C LEU A 79 14.88 -3.52 0.78
N GLU A 80 14.97 -3.70 -0.53
CA GLU A 80 16.14 -4.36 -1.12
C GLU A 80 17.39 -3.53 -0.92
N GLU A 81 17.26 -2.23 -1.14
CA GLU A 81 18.38 -1.31 -1.05
C GLU A 81 18.98 -1.28 0.35
N LYS A 82 18.14 -1.11 1.36
CA LYS A 82 18.65 -1.04 2.73
C LYS A 82 19.25 -2.38 3.16
N ARG A 83 18.62 -3.49 2.75
CA ARG A 83 19.09 -4.81 3.14
C ARG A 83 20.44 -5.13 2.53
N ARG A 84 20.82 -4.33 1.58
CA ARG A 84 22.13 -4.43 0.93
C ARG A 84 23.22 -4.12 1.95
N SER A 85 22.90 -3.26 2.90
CA SER A 85 23.85 -2.83 3.92
C SER A 85 23.80 -3.73 5.16
N ARG A 86 23.09 -4.85 5.05
CA ARG A 86 23.01 -5.82 6.14
C ARG A 86 24.41 -6.25 6.58
N LEU A 87 24.51 -6.72 7.83
CA LEU A 87 25.80 -7.01 8.46
C LEU A 87 26.57 -5.73 8.75
N ASP B 1 1.30 14.96 4.11
CA ASP B 1 2.20 13.85 4.39
C ASP B 1 1.46 12.74 5.11
N ALA B 2 0.72 11.94 4.36
CA ALA B 2 0.03 10.79 4.91
C ALA B 2 0.98 9.60 4.96
N GLY B 3 2.13 9.76 4.30
CA GLY B 3 3.13 8.74 4.29
C GLY B 3 2.99 7.83 3.09
N ASN B 4 3.29 8.38 1.93
CA ASN B 4 3.24 7.62 0.69
C ASN B 4 4.33 6.55 0.68
N ILE B 5 5.42 6.84 1.38
CA ILE B 5 6.50 5.88 1.55
C ILE B 5 6.47 5.39 3.00
N LEU B 6 6.72 4.11 3.22
CA LEU B 6 6.57 3.52 4.54
C LEU B 6 7.75 3.86 5.45
N PRO B 7 7.45 4.26 6.69
CA PRO B 7 8.47 4.58 7.70
C PRO B 7 9.30 3.36 8.08
N SER B 8 10.46 3.58 8.69
CA SER B 8 11.44 2.54 8.93
C SER B 8 10.85 1.34 9.69
N ASP B 9 10.15 1.62 10.79
CA ASP B 9 9.67 0.58 11.71
C ASP B 9 8.77 -0.45 11.01
N ILE B 10 7.85 0.03 10.18
CA ILE B 10 6.95 -0.86 9.45
C ILE B 10 7.74 -1.72 8.46
N MET B 11 8.70 -1.07 7.79
CA MET B 11 9.55 -1.75 6.83
C MET B 11 10.44 -2.79 7.49
N ASP B 12 10.93 -2.48 8.69
CA ASP B 12 11.76 -3.39 9.46
C ASP B 12 11.03 -4.71 9.72
N PHE B 13 9.72 -4.64 9.96
CA PHE B 13 8.94 -5.82 10.31
C PHE B 13 9.10 -6.94 9.27
N VAL B 14 8.95 -6.60 7.99
CA VAL B 14 9.10 -7.61 6.93
C VAL B 14 10.55 -8.13 6.87
N LEU B 15 11.51 -7.24 7.05
CA LEU B 15 12.93 -7.63 7.04
C LEU B 15 13.24 -8.57 8.20
N LYS B 16 12.63 -8.32 9.35
CA LYS B 16 12.86 -9.16 10.53
C LYS B 16 12.15 -10.52 10.39
N ASN B 17 11.10 -10.56 9.59
CA ASN B 17 10.32 -11.79 9.43
C ASN B 17 10.83 -12.59 8.22
N THR B 18 11.10 -13.86 8.44
CA THR B 18 11.52 -14.75 7.37
C THR B 18 10.97 -16.15 7.61
N PRO B 19 9.98 -16.57 6.80
CA PRO B 19 9.33 -17.87 6.95
C PRO B 19 10.31 -19.04 6.85
N GLY A 1 -25.99 13.85 -18.73
CA GLY A 1 -24.93 13.78 -17.75
C GLY A 1 -25.37 14.30 -16.40
N VAL A 2 -24.88 13.68 -15.34
CA VAL A 2 -25.21 14.10 -13.98
C VAL A 2 -24.06 14.89 -13.38
N ARG A 3 -24.36 15.69 -12.36
CA ARG A 3 -23.33 16.53 -11.75
C ARG A 3 -22.75 15.85 -10.52
N LYS A 4 -23.33 14.72 -10.16
CA LYS A 4 -22.87 13.98 -9.01
C LYS A 4 -22.40 12.59 -9.44
N GLY A 5 -21.09 12.44 -9.54
CA GLY A 5 -20.50 11.20 -9.96
C GLY A 5 -19.04 11.17 -9.62
N TRP A 6 -18.75 11.03 -8.34
CA TRP A 6 -17.37 11.01 -7.86
C TRP A 6 -16.79 9.61 -8.01
N HIS A 7 -17.34 8.67 -7.25
CA HIS A 7 -16.80 7.33 -7.13
C HIS A 7 -17.14 6.44 -8.31
N GLU A 8 -18.10 6.85 -9.15
CA GLU A 8 -18.66 5.97 -10.16
C GLU A 8 -17.62 5.40 -11.12
N HIS A 9 -16.72 6.24 -11.64
CA HIS A 9 -15.69 5.77 -12.58
C HIS A 9 -14.64 4.85 -11.92
N VAL A 10 -14.90 4.43 -10.67
CA VAL A 10 -14.04 3.46 -10.00
C VAL A 10 -14.91 2.46 -9.23
N THR A 11 -14.62 1.19 -9.36
CA THR A 11 -15.36 0.20 -8.61
C THR A 11 -14.70 0.00 -7.24
N GLN A 12 -15.51 -0.29 -6.24
CA GLN A 12 -15.01 -0.46 -4.86
C GLN A 12 -13.99 -1.59 -4.82
N ASP A 13 -14.27 -2.63 -5.59
CA ASP A 13 -13.36 -3.77 -5.71
C ASP A 13 -11.98 -3.33 -6.18
N LEU A 14 -11.94 -2.38 -7.12
CA LEU A 14 -10.68 -1.88 -7.66
C LEU A 14 -9.81 -1.30 -6.54
N ARG A 15 -10.42 -0.43 -5.74
CA ARG A 15 -9.71 0.24 -4.66
C ARG A 15 -9.22 -0.76 -3.61
N SER A 16 -10.12 -1.64 -3.19
CA SER A 16 -9.79 -2.62 -2.17
C SER A 16 -8.74 -3.60 -2.70
N HIS A 17 -8.87 -3.98 -3.96
CA HIS A 17 -7.92 -4.90 -4.61
C HIS A 17 -6.50 -4.34 -4.54
N LEU A 18 -6.37 -3.08 -4.93
CA LEU A 18 -5.08 -2.39 -4.94
C LEU A 18 -4.50 -2.28 -3.55
N VAL A 19 -5.37 -2.03 -2.56
CA VAL A 19 -4.94 -1.93 -1.18
C VAL A 19 -4.26 -3.22 -0.73
N HIS A 20 -4.90 -4.36 -1.03
CA HIS A 20 -4.34 -5.66 -0.66
C HIS A 20 -3.03 -5.92 -1.41
N LYS A 21 -2.98 -5.51 -2.68
CA LYS A 21 -1.77 -5.63 -3.47
C LYS A 21 -0.62 -4.85 -2.82
N LEU A 22 -0.96 -3.66 -2.31
CA LEU A 22 0.00 -2.84 -1.59
C LEU A 22 0.47 -3.56 -0.33
N VAL A 23 -0.47 -4.11 0.42
CA VAL A 23 -0.17 -4.96 1.57
C VAL A 23 0.71 -6.14 1.16
N GLN A 24 0.37 -6.75 0.03
CA GLN A 24 1.11 -7.90 -0.49
C GLN A 24 2.55 -7.52 -0.77
N ALA A 25 2.76 -6.32 -1.28
CA ALA A 25 4.10 -5.82 -1.55
C ALA A 25 4.93 -5.74 -0.26
N ILE A 26 4.29 -5.31 0.82
CA ILE A 26 4.96 -5.18 2.10
C ILE A 26 5.12 -6.55 2.77
N PHE A 27 4.14 -7.42 2.56
CA PHE A 27 4.10 -8.70 3.25
C PHE A 27 3.48 -9.76 2.34
N PRO A 28 4.29 -10.44 1.54
CA PRO A 28 3.78 -11.37 0.52
C PRO A 28 3.27 -12.67 1.11
N THR A 29 3.93 -13.15 2.17
CA THR A 29 3.58 -14.42 2.80
C THR A 29 2.19 -14.39 3.41
N PRO A 30 1.24 -15.18 2.86
CA PRO A 30 -0.12 -15.29 3.38
C PRO A 30 -0.20 -16.23 4.57
N ASP A 31 0.31 -15.78 5.71
CA ASP A 31 0.33 -16.60 6.91
C ASP A 31 -0.94 -16.36 7.71
N PRO A 32 -1.67 -17.44 8.05
CA PRO A 32 -2.96 -17.35 8.75
C PRO A 32 -2.88 -16.61 10.08
N ALA A 33 -1.76 -16.75 10.79
CA ALA A 33 -1.59 -16.06 12.06
C ALA A 33 -1.26 -14.59 11.82
N ALA A 34 -0.33 -14.35 10.89
CA ALA A 34 0.03 -12.99 10.49
C ALA A 34 -1.18 -12.22 9.99
N LEU A 35 -2.11 -12.92 9.36
CA LEU A 35 -3.35 -12.32 8.88
C LEU A 35 -4.16 -11.75 10.04
N LYS A 36 -4.07 -12.40 11.19
CA LYS A 36 -4.79 -11.97 12.39
C LYS A 36 -3.84 -11.29 13.38
N ASP A 37 -2.69 -10.85 12.87
CA ASP A 37 -1.65 -10.26 13.72
C ASP A 37 -1.72 -8.73 13.61
N ARG A 38 -1.63 -8.08 14.78
CA ARG A 38 -1.73 -6.62 14.88
C ARG A 38 -0.71 -5.92 13.99
N ARG A 39 0.49 -6.49 13.89
CA ARG A 39 1.53 -5.94 13.02
C ARG A 39 1.03 -5.76 11.60
N MET A 40 0.40 -6.80 11.04
CA MET A 40 -0.12 -6.71 9.69
C MET A 40 -1.24 -5.68 9.61
N GLU A 41 -2.11 -5.63 10.62
CA GLU A 41 -3.27 -4.76 10.59
C GLU A 41 -2.84 -3.30 10.58
N ASN A 42 -1.79 -2.99 11.36
CA ASN A 42 -1.26 -1.62 11.38
C ASN A 42 -0.78 -1.19 10.00
N LEU A 43 -0.02 -2.08 9.34
CA LEU A 43 0.50 -1.77 8.01
C LEU A 43 -0.63 -1.72 6.99
N VAL A 44 -1.63 -2.60 7.14
CA VAL A 44 -2.79 -2.59 6.26
C VAL A 44 -3.58 -1.29 6.43
N ALA A 45 -3.68 -0.84 7.68
CA ALA A 45 -4.31 0.44 7.98
C ALA A 45 -3.61 1.56 7.21
N TYR A 46 -2.29 1.48 7.08
CA TYR A 46 -1.54 2.45 6.30
C TYR A 46 -1.93 2.35 4.82
N ALA A 47 -2.18 1.13 4.35
CA ALA A 47 -2.58 0.90 2.97
C ALA A 47 -3.91 1.60 2.68
N LYS A 48 -4.83 1.55 3.66
CA LYS A 48 -6.08 2.28 3.55
C LYS A 48 -5.84 3.79 3.55
N LYS A 49 -4.89 4.24 4.37
CA LYS A 49 -4.49 5.64 4.39
C LYS A 49 -4.02 6.05 3.00
N VAL A 50 -3.28 5.15 2.35
CA VAL A 50 -2.84 5.36 0.98
C VAL A 50 -4.04 5.63 0.07
N GLU A 51 -5.06 4.78 0.15
CA GLU A 51 -6.26 4.92 -0.65
C GLU A 51 -6.94 6.27 -0.38
N GLY A 52 -7.12 6.59 0.90
CA GLY A 52 -7.74 7.86 1.26
C GLY A 52 -6.94 9.05 0.76
N ASP A 53 -5.64 8.99 0.94
CA ASP A 53 -4.73 10.06 0.51
C ASP A 53 -4.73 10.22 -1.00
N MET A 54 -4.57 9.11 -1.72
CA MET A 54 -4.50 9.12 -3.19
C MET A 54 -5.77 9.70 -3.78
N TYR A 55 -6.91 9.39 -3.16
CA TYR A 55 -8.22 9.69 -3.73
C TYR A 55 -8.34 11.14 -4.25
N GLU A 56 -7.74 12.10 -3.57
CA GLU A 56 -7.85 13.49 -4.02
C GLU A 56 -7.19 13.68 -5.38
N SER A 57 -5.95 13.23 -5.50
CA SER A 57 -5.23 13.27 -6.77
C SER A 57 -5.86 12.31 -7.79
N ALA A 58 -6.26 11.13 -7.30
CA ALA A 58 -6.89 10.04 -8.08
C ALA A 58 -8.17 10.45 -8.84
N ASN A 59 -8.37 11.73 -9.08
CA ASN A 59 -9.58 12.19 -9.74
C ASN A 59 -9.60 11.76 -11.22
N SER A 60 -8.53 11.08 -11.64
CA SER A 60 -8.45 10.55 -12.99
C SER A 60 -7.90 9.11 -12.97
N ARG A 61 -8.36 8.28 -13.90
CA ARG A 61 -7.99 6.86 -13.91
C ARG A 61 -6.47 6.65 -13.91
N ASP A 62 -5.78 7.33 -14.83
CA ASP A 62 -4.34 7.17 -14.98
C ASP A 62 -3.60 7.58 -13.72
N GLU A 63 -4.03 8.69 -13.13
CA GLU A 63 -3.41 9.22 -11.92
C GLU A 63 -3.47 8.18 -10.81
N TYR A 64 -4.67 7.62 -10.62
CA TYR A 64 -4.90 6.64 -9.56
C TYR A 64 -3.94 5.47 -9.68
N TYR A 65 -3.81 4.91 -10.88
CA TYR A 65 -2.92 3.78 -11.10
C TYR A 65 -1.46 4.20 -10.92
N HIS A 66 -1.14 5.37 -11.42
CA HIS A 66 0.24 5.85 -11.47
C HIS A 66 0.78 6.07 -10.06
N LEU A 67 -0.05 6.70 -9.22
CA LEU A 67 0.33 6.98 -7.85
C LEU A 67 0.66 5.70 -7.09
N LEU A 68 -0.23 4.72 -7.21
CA LEU A 68 -0.04 3.43 -6.55
C LEU A 68 1.18 2.69 -7.11
N ALA A 69 1.28 2.63 -8.43
CA ALA A 69 2.36 1.88 -9.08
C ALA A 69 3.74 2.36 -8.62
N GLU A 70 3.93 3.68 -8.64
CA GLU A 70 5.18 4.28 -8.17
C GLU A 70 5.40 3.94 -6.70
N LYS A 71 4.33 4.12 -5.92
CA LYS A 71 4.40 4.00 -4.47
C LYS A 71 4.75 2.57 -4.06
N ILE A 72 4.10 1.61 -4.69
CA ILE A 72 4.35 0.20 -4.39
C ILE A 72 5.78 -0.19 -4.75
N TYR A 73 6.26 0.31 -5.89
CA TYR A 73 7.62 0.02 -6.33
C TYR A 73 8.63 0.64 -5.38
N LYS A 74 8.33 1.84 -4.87
CA LYS A 74 9.19 2.52 -3.91
C LYS A 74 9.41 1.66 -2.67
N ILE A 75 8.32 1.09 -2.16
CA ILE A 75 8.39 0.20 -1.01
C ILE A 75 9.23 -1.03 -1.33
N GLN A 76 9.11 -1.53 -2.56
CA GLN A 76 9.89 -2.70 -2.98
C GLN A 76 11.39 -2.37 -2.98
N LYS A 77 11.71 -1.15 -3.40
CA LYS A 77 13.08 -0.69 -3.43
C LYS A 77 13.62 -0.59 -2.00
N GLU A 78 12.78 -0.13 -1.07
CA GLU A 78 13.14 -0.09 0.34
C GLU A 78 13.46 -1.49 0.86
N LEU A 79 12.67 -2.47 0.44
CA LEU A 79 12.90 -3.86 0.82
C LEU A 79 14.31 -4.29 0.40
N GLU A 80 14.69 -3.90 -0.80
CA GLU A 80 16.03 -4.18 -1.31
C GLU A 80 17.07 -3.50 -0.44
N GLU A 81 16.85 -2.22 -0.16
CA GLU A 81 17.79 -1.39 0.56
C GLU A 81 18.02 -1.89 1.98
N LYS A 82 16.93 -2.13 2.70
CA LYS A 82 17.03 -2.56 4.09
C LYS A 82 17.67 -3.93 4.20
N ARG A 83 17.31 -4.84 3.29
CA ARG A 83 17.83 -6.20 3.33
C ARG A 83 19.27 -6.24 2.82
N ARG A 84 19.64 -5.18 2.16
CA ARG A 84 21.01 -4.98 1.68
C ARG A 84 21.97 -4.84 2.85
N SER A 85 21.45 -4.37 3.98
CA SER A 85 22.23 -4.16 5.18
C SER A 85 22.57 -5.51 5.86
N ARG A 86 22.32 -6.61 5.15
CA ARG A 86 22.63 -7.94 5.66
C ARG A 86 24.12 -8.07 5.96
N LEU A 87 24.45 -8.71 7.06
CA LEU A 87 25.83 -8.91 7.45
C LEU A 87 26.22 -10.37 7.26
N ASP B 1 2.36 16.89 -1.60
CA ASP B 1 3.47 15.98 -1.34
C ASP B 1 3.00 14.86 -0.42
N ALA B 2 2.57 13.76 -1.01
CA ALA B 2 2.08 12.62 -0.24
C ALA B 2 3.22 11.72 0.21
N GLY B 3 4.41 12.00 -0.31
CA GLY B 3 5.56 11.21 0.02
C GLY B 3 5.88 10.20 -1.05
N ASN B 4 6.91 10.48 -1.84
CA ASN B 4 7.32 9.56 -2.90
C ASN B 4 7.79 8.25 -2.31
N ILE B 5 8.49 8.34 -1.19
CA ILE B 5 8.93 7.14 -0.47
C ILE B 5 8.15 7.03 0.84
N LEU B 6 7.75 5.81 1.20
CA LEU B 6 6.86 5.62 2.34
C LEU B 6 7.66 5.38 3.61
N PRO B 7 7.06 5.71 4.77
CA PRO B 7 7.68 5.57 6.11
C PRO B 7 8.67 4.41 6.23
N SER B 8 9.92 4.77 6.51
CA SER B 8 10.99 3.80 6.65
C SER B 8 10.66 2.76 7.71
N ASP B 9 10.03 3.20 8.80
CA ASP B 9 9.78 2.36 9.97
C ASP B 9 9.01 1.09 9.62
N ILE B 10 7.97 1.22 8.80
CA ILE B 10 7.14 0.07 8.44
C ILE B 10 7.96 -0.95 7.65
N MET B 11 8.78 -0.44 6.73
CA MET B 11 9.66 -1.28 5.93
C MET B 11 10.71 -1.95 6.82
N ASP B 12 11.29 -1.18 7.72
CA ASP B 12 12.27 -1.71 8.67
C ASP B 12 11.63 -2.74 9.59
N PHE B 13 10.40 -2.48 10.02
CA PHE B 13 9.69 -3.37 10.92
C PHE B 13 9.48 -4.76 10.30
N VAL B 14 9.00 -4.79 9.05
CA VAL B 14 8.79 -6.08 8.37
C VAL B 14 10.11 -6.79 8.11
N LEU B 15 11.12 -6.04 7.71
CA LEU B 15 12.44 -6.59 7.41
C LEU B 15 13.08 -7.26 8.63
N LYS B 16 12.87 -6.67 9.80
CA LYS B 16 13.52 -7.16 11.03
C LYS B 16 13.01 -8.55 11.41
N ASN B 17 11.85 -8.93 10.88
CA ASN B 17 11.29 -10.24 11.17
C ASN B 17 11.21 -11.08 9.90
N THR B 18 11.20 -12.39 10.04
CA THR B 18 11.11 -13.28 8.91
C THR B 18 10.12 -14.41 9.20
N PRO B 19 9.12 -14.60 8.32
CA PRO B 19 8.13 -15.67 8.47
C PRO B 19 8.76 -17.05 8.52
N GLY A 1 -27.49 13.86 -16.87
CA GLY A 1 -27.33 15.14 -16.22
C GLY A 1 -27.35 14.99 -14.71
N VAL A 2 -26.19 14.71 -14.14
CA VAL A 2 -26.09 14.44 -12.71
C VAL A 2 -25.04 15.34 -12.07
N ARG A 3 -25.16 15.58 -10.78
CA ARG A 3 -24.23 16.44 -10.07
C ARG A 3 -23.40 15.65 -9.06
N LYS A 4 -23.74 14.38 -8.88
CA LYS A 4 -23.01 13.53 -7.94
C LYS A 4 -22.51 12.28 -8.65
N GLY A 5 -21.42 12.46 -9.35
CA GLY A 5 -20.75 11.36 -9.98
C GLY A 5 -19.29 11.69 -10.25
N TRP A 6 -18.56 11.95 -9.18
CA TRP A 6 -17.15 12.36 -9.31
C TRP A 6 -16.28 11.12 -9.50
N HIS A 7 -16.31 10.25 -8.50
CA HIS A 7 -15.44 9.09 -8.45
C HIS A 7 -16.10 7.84 -8.96
N GLU A 8 -17.35 7.96 -9.43
CA GLU A 8 -18.13 6.79 -9.84
C GLU A 8 -17.45 6.00 -10.94
N HIS A 9 -16.66 6.67 -11.78
CA HIS A 9 -15.87 5.98 -12.82
C HIS A 9 -14.71 5.18 -12.20
N VAL A 10 -14.83 4.88 -10.91
CA VAL A 10 -13.96 3.95 -10.24
C VAL A 10 -14.83 3.03 -9.40
N THR A 11 -14.64 1.73 -9.50
CA THR A 11 -15.46 0.81 -8.75
C THR A 11 -14.85 0.56 -7.38
N GLN A 12 -15.67 0.19 -6.41
CA GLN A 12 -15.19 -0.03 -5.05
C GLN A 12 -14.21 -1.20 -5.03
N ASP A 13 -14.53 -2.23 -5.80
CA ASP A 13 -13.70 -3.43 -5.90
C ASP A 13 -12.29 -3.06 -6.34
N LEU A 14 -12.19 -2.12 -7.28
CA LEU A 14 -10.89 -1.64 -7.76
C LEU A 14 -10.06 -1.12 -6.59
N ARG A 15 -10.70 -0.31 -5.78
CA ARG A 15 -10.03 0.39 -4.68
C ARG A 15 -9.52 -0.62 -3.65
N SER A 16 -10.41 -1.52 -3.22
CA SER A 16 -10.04 -2.53 -2.24
C SER A 16 -9.00 -3.51 -2.80
N HIS A 17 -9.15 -3.87 -4.07
CA HIS A 17 -8.21 -4.79 -4.71
C HIS A 17 -6.79 -4.21 -4.67
N LEU A 18 -6.68 -2.94 -5.01
CA LEU A 18 -5.40 -2.25 -5.03
C LEU A 18 -4.79 -2.17 -3.63
N VAL A 19 -5.63 -1.96 -2.62
CA VAL A 19 -5.15 -1.89 -1.25
C VAL A 19 -4.44 -3.17 -0.85
N HIS A 20 -5.01 -4.31 -1.25
CA HIS A 20 -4.42 -5.61 -0.95
C HIS A 20 -3.06 -5.75 -1.63
N LYS A 21 -2.95 -5.26 -2.86
CA LYS A 21 -1.70 -5.31 -3.59
C LYS A 21 -0.60 -4.56 -2.84
N LEU A 22 -0.95 -3.42 -2.28
CA LEU A 22 0.00 -2.62 -1.51
C LEU A 22 0.44 -3.38 -0.26
N VAL A 23 -0.51 -4.01 0.42
CA VAL A 23 -0.21 -4.86 1.57
C VAL A 23 0.67 -6.05 1.15
N GLN A 24 0.31 -6.65 0.03
CA GLN A 24 1.05 -7.77 -0.54
C GLN A 24 2.49 -7.38 -0.87
N ALA A 25 2.66 -6.15 -1.37
CA ALA A 25 3.98 -5.61 -1.65
C ALA A 25 4.81 -5.57 -0.37
N ILE A 26 4.18 -5.21 0.74
CA ILE A 26 4.86 -5.12 2.02
C ILE A 26 5.08 -6.52 2.62
N PHE A 27 4.16 -7.44 2.33
CA PHE A 27 4.21 -8.75 2.94
C PHE A 27 3.60 -9.80 2.00
N PRO A 28 4.42 -10.55 1.27
CA PRO A 28 3.93 -11.50 0.26
C PRO A 28 3.43 -12.82 0.86
N THR A 29 4.08 -13.29 1.93
CA THR A 29 3.70 -14.54 2.56
C THR A 29 2.50 -14.40 3.50
N PRO A 30 1.34 -14.99 3.13
CA PRO A 30 0.14 -14.96 3.95
C PRO A 30 0.17 -16.04 5.04
N ASP A 31 0.93 -15.80 6.09
CA ASP A 31 0.99 -16.73 7.22
C ASP A 31 -0.28 -16.63 8.05
N PRO A 32 -0.94 -17.78 8.28
CA PRO A 32 -2.24 -17.83 8.98
C PRO A 32 -2.20 -17.20 10.37
N ALA A 33 -1.04 -17.20 11.02
CA ALA A 33 -0.92 -16.63 12.35
C ALA A 33 -0.65 -15.13 12.25
N ALA A 34 0.35 -14.79 11.44
CA ALA A 34 0.68 -13.39 11.17
C ALA A 34 -0.53 -12.63 10.60
N LEU A 35 -1.41 -13.36 9.93
CA LEU A 35 -2.62 -12.78 9.36
C LEU A 35 -3.51 -12.22 10.48
N LYS A 36 -3.42 -12.84 11.65
CA LYS A 36 -4.22 -12.45 12.80
C LYS A 36 -3.39 -11.62 13.78
N ASP A 37 -2.26 -11.12 13.31
CA ASP A 37 -1.34 -10.37 14.16
C ASP A 37 -1.53 -8.87 13.94
N ARG A 38 -1.53 -8.12 15.04
CA ARG A 38 -1.73 -6.68 15.02
C ARG A 38 -0.73 -5.97 14.11
N ARG A 39 0.51 -6.46 14.07
CA ARG A 39 1.54 -5.88 13.24
C ARG A 39 1.09 -5.77 11.79
N MET A 40 0.53 -6.86 11.28
CA MET A 40 0.05 -6.87 9.90
C MET A 40 -1.10 -5.89 9.72
N GLU A 41 -2.01 -5.83 10.70
CA GLU A 41 -3.18 -4.98 10.60
C GLU A 41 -2.78 -3.51 10.57
N ASN A 42 -1.79 -3.16 11.38
CA ASN A 42 -1.27 -1.80 11.42
C ASN A 42 -0.73 -1.37 10.06
N LEU A 43 0.03 -2.25 9.41
CA LEU A 43 0.57 -1.96 8.09
C LEU A 43 -0.56 -1.90 7.06
N VAL A 44 -1.57 -2.77 7.21
CA VAL A 44 -2.73 -2.76 6.31
C VAL A 44 -3.48 -1.44 6.44
N ALA A 45 -3.59 -0.95 7.66
CA ALA A 45 -4.22 0.33 7.93
C ALA A 45 -3.54 1.45 7.13
N TYR A 46 -2.20 1.39 7.02
CA TYR A 46 -1.47 2.38 6.25
C TYR A 46 -1.87 2.31 4.78
N ALA A 47 -2.10 1.10 4.29
CA ALA A 47 -2.52 0.92 2.89
C ALA A 47 -3.81 1.68 2.62
N LYS A 48 -4.74 1.63 3.58
CA LYS A 48 -5.98 2.39 3.49
C LYS A 48 -5.70 3.89 3.52
N LYS A 49 -4.76 4.30 4.35
CA LYS A 49 -4.34 5.69 4.43
C LYS A 49 -3.83 6.16 3.07
N VAL A 50 -3.05 5.29 2.43
CA VAL A 50 -2.60 5.53 1.06
C VAL A 50 -3.80 5.78 0.14
N GLU A 51 -4.79 4.90 0.20
CA GLU A 51 -6.02 5.06 -0.56
C GLU A 51 -6.66 6.41 -0.25
N GLY A 52 -6.71 6.76 1.03
CA GLY A 52 -7.23 8.05 1.44
C GLY A 52 -6.50 9.22 0.77
N ASP A 53 -5.17 9.18 0.81
CA ASP A 53 -4.36 10.22 0.18
C ASP A 53 -4.56 10.25 -1.33
N MET A 54 -4.52 9.07 -1.95
CA MET A 54 -4.64 8.95 -3.41
C MET A 54 -6.01 9.42 -3.87
N TYR A 55 -7.03 9.10 -3.07
CA TYR A 55 -8.44 9.22 -3.47
C TYR A 55 -8.77 10.58 -4.09
N GLU A 56 -8.19 11.68 -3.60
CA GLU A 56 -8.51 12.99 -4.17
C GLU A 56 -7.98 13.09 -5.61
N SER A 57 -6.70 12.76 -5.78
CA SER A 57 -6.06 12.75 -7.09
C SER A 57 -6.65 11.66 -8.00
N ALA A 58 -6.95 10.50 -7.38
CA ALA A 58 -7.51 9.32 -8.05
C ALA A 58 -8.82 9.55 -8.81
N ASN A 59 -9.12 10.78 -9.17
CA ASN A 59 -10.36 11.06 -9.89
C ASN A 59 -10.11 10.90 -11.38
N SER A 60 -9.08 10.12 -11.72
CA SER A 60 -8.74 9.80 -13.09
C SER A 60 -8.08 8.42 -13.15
N ARG A 61 -8.50 7.57 -14.07
CA ARG A 61 -8.07 6.17 -14.07
C ARG A 61 -6.55 6.04 -14.09
N ASP A 62 -5.92 6.73 -15.03
CA ASP A 62 -4.47 6.66 -15.20
C ASP A 62 -3.75 7.19 -13.97
N GLU A 63 -4.28 8.28 -13.43
CA GLU A 63 -3.71 8.90 -12.24
C GLU A 63 -3.70 7.90 -11.08
N TYR A 64 -4.85 7.27 -10.87
CA TYR A 64 -5.04 6.33 -9.77
C TYR A 64 -4.00 5.20 -9.82
N TYR A 65 -3.82 4.59 -11.00
CA TYR A 65 -2.89 3.51 -11.17
C TYR A 65 -1.45 3.96 -10.91
N HIS A 66 -1.11 5.14 -11.41
CA HIS A 66 0.27 5.61 -11.37
C HIS A 66 0.72 5.85 -9.94
N LEU A 67 -0.16 6.50 -9.18
CA LEU A 67 0.13 6.85 -7.80
C LEU A 67 0.47 5.62 -6.97
N LEU A 68 -0.37 4.61 -7.07
CA LEU A 68 -0.16 3.36 -6.36
C LEU A 68 1.09 2.63 -6.86
N ALA A 69 1.23 2.50 -8.17
CA ALA A 69 2.36 1.78 -8.76
C ALA A 69 3.69 2.36 -8.30
N GLU A 70 3.79 3.69 -8.30
CA GLU A 70 5.00 4.38 -7.83
C GLU A 70 5.32 3.99 -6.40
N LYS A 71 4.30 3.98 -5.56
CA LYS A 71 4.46 3.68 -4.14
C LYS A 71 4.89 2.23 -3.93
N ILE A 72 4.29 1.32 -4.68
CA ILE A 72 4.59 -0.11 -4.54
C ILE A 72 6.06 -0.38 -4.85
N TYR A 73 6.53 0.14 -5.98
CA TYR A 73 7.92 -0.04 -6.37
C TYR A 73 8.83 0.69 -5.37
N LYS A 74 8.38 1.87 -4.91
CA LYS A 74 9.13 2.64 -3.94
C LYS A 74 9.41 1.83 -2.68
N ILE A 75 8.36 1.21 -2.14
CA ILE A 75 8.50 0.36 -0.96
C ILE A 75 9.40 -0.83 -1.24
N GLN A 76 9.29 -1.41 -2.44
CA GLN A 76 10.13 -2.55 -2.81
C GLN A 76 11.60 -2.11 -2.85
N LYS A 77 11.81 -0.90 -3.33
CA LYS A 77 13.14 -0.30 -3.41
C LYS A 77 13.70 -0.11 -2.00
N GLU A 78 12.83 0.32 -1.08
CA GLU A 78 13.20 0.53 0.30
C GLU A 78 13.60 -0.79 0.97
N LEU A 79 12.81 -1.84 0.71
CA LEU A 79 13.06 -3.16 1.28
C LEU A 79 14.46 -3.64 0.95
N GLU A 80 14.84 -3.55 -0.32
CA GLU A 80 16.13 -4.02 -0.77
C GLU A 80 17.25 -3.22 -0.12
N GLU A 81 17.05 -1.90 -0.01
CA GLU A 81 18.06 -1.01 0.53
C GLU A 81 18.36 -1.33 1.99
N LYS A 82 17.32 -1.44 2.80
CA LYS A 82 17.49 -1.76 4.22
C LYS A 82 18.01 -3.17 4.43
N ARG A 83 17.54 -4.12 3.61
CA ARG A 83 17.95 -5.51 3.73
C ARG A 83 19.43 -5.69 3.43
N ARG A 84 20.06 -4.59 3.06
CA ARG A 84 21.51 -4.50 2.95
C ARG A 84 22.18 -5.09 4.19
N SER A 85 21.54 -4.95 5.33
CA SER A 85 21.99 -5.63 6.53
C SER A 85 20.87 -6.53 7.09
N ARG A 86 19.59 -6.13 6.87
CA ARG A 86 18.42 -7.00 7.11
C ARG A 86 18.44 -7.63 8.50
N LEU A 87 18.70 -6.80 9.50
CA LEU A 87 18.75 -7.25 10.87
C LEU A 87 17.42 -6.96 11.57
N ASP B 1 2.51 15.87 2.07
CA ASP B 1 3.68 16.75 2.10
C ASP B 1 4.86 16.01 2.74
N ALA B 2 4.74 14.69 2.82
CA ALA B 2 5.75 13.86 3.46
C ALA B 2 6.57 13.12 2.42
N GLY B 3 6.46 13.55 1.18
CA GLY B 3 7.24 12.95 0.12
C GLY B 3 6.47 11.85 -0.60
N ASN B 4 6.93 11.52 -1.79
CA ASN B 4 6.32 10.45 -2.57
C ASN B 4 6.92 9.10 -2.17
N ILE B 5 7.54 9.09 -1.01
CA ILE B 5 8.15 7.88 -0.46
C ILE B 5 7.43 7.49 0.81
N LEU B 6 7.25 6.20 1.04
CA LEU B 6 6.51 5.73 2.20
C LEU B 6 7.46 5.55 3.38
N PRO B 7 6.98 5.89 4.59
CA PRO B 7 7.76 5.87 5.83
C PRO B 7 8.59 4.62 6.02
N SER B 8 9.88 4.84 6.24
CA SER B 8 10.85 3.77 6.50
C SER B 8 10.42 2.91 7.68
N ASP B 9 9.80 3.57 8.66
CA ASP B 9 9.41 2.92 9.93
C ASP B 9 8.57 1.66 9.69
N ILE B 10 7.59 1.72 8.79
CA ILE B 10 6.73 0.55 8.54
C ILE B 10 7.55 -0.58 7.92
N MET B 11 8.46 -0.22 7.02
CA MET B 11 9.35 -1.19 6.40
C MET B 11 10.24 -1.84 7.46
N ASP B 12 10.74 -1.03 8.38
CA ASP B 12 11.47 -1.55 9.53
C ASP B 12 10.57 -2.41 10.41
N PHE B 13 9.33 -1.98 10.57
CA PHE B 13 8.35 -2.68 11.38
C PHE B 13 8.14 -4.11 10.88
N VAL B 14 7.97 -4.28 9.56
CA VAL B 14 7.86 -5.63 8.98
C VAL B 14 9.18 -6.40 9.10
N LEU B 15 10.30 -5.71 8.86
CA LEU B 15 11.62 -6.34 8.96
C LEU B 15 11.86 -6.90 10.36
N LYS B 16 11.42 -6.17 11.39
CA LYS B 16 11.67 -6.56 12.77
C LYS B 16 10.53 -7.44 13.30
N ASN B 17 9.95 -8.26 12.43
CA ASN B 17 8.89 -9.18 12.85
C ASN B 17 9.47 -10.54 13.20
N THR B 18 8.70 -11.33 13.93
CA THR B 18 9.11 -12.68 14.30
C THR B 18 7.88 -13.55 14.54
N PRO B 19 7.19 -13.96 13.47
CA PRO B 19 5.96 -14.77 13.56
C PRO B 19 6.24 -16.16 14.08
N GLY A 1 -21.60 19.63 -15.03
CA GLY A 1 -20.26 19.99 -15.44
C GLY A 1 -19.18 19.49 -14.52
N VAL A 2 -19.49 19.56 -13.24
CA VAL A 2 -18.59 19.11 -12.16
C VAL A 2 -17.77 17.88 -12.56
N ARG A 3 -16.50 17.88 -12.18
CA ARG A 3 -15.57 16.86 -12.66
C ARG A 3 -15.22 15.86 -11.57
N LYS A 4 -15.62 16.14 -10.34
CA LYS A 4 -15.30 15.24 -9.23
C LYS A 4 -16.47 14.31 -8.99
N GLY A 5 -16.22 13.03 -9.16
CA GLY A 5 -17.24 12.01 -9.06
C GLY A 5 -16.65 10.65 -9.30
N TRP A 6 -15.81 10.23 -8.36
CA TRP A 6 -15.01 9.02 -8.50
C TRP A 6 -15.86 7.78 -8.69
N HIS A 7 -16.94 7.69 -7.96
CA HIS A 7 -17.76 6.48 -7.92
C HIS A 7 -18.35 6.10 -9.28
N GLU A 8 -18.41 7.05 -10.23
CA GLU A 8 -19.01 6.78 -11.53
C GLU A 8 -18.00 6.27 -12.57
N HIS A 9 -16.71 6.42 -12.31
CA HIS A 9 -15.68 5.90 -13.21
C HIS A 9 -14.60 5.13 -12.43
N VAL A 10 -14.94 4.81 -11.20
CA VAL A 10 -14.12 3.95 -10.36
C VAL A 10 -15.04 2.98 -9.64
N THR A 11 -14.66 1.72 -9.63
CA THR A 11 -15.47 0.69 -9.02
C THR A 11 -15.02 0.45 -7.59
N GLN A 12 -15.94 0.02 -6.74
CA GLN A 12 -15.63 -0.26 -5.34
C GLN A 12 -14.50 -1.27 -5.23
N ASP A 13 -14.57 -2.27 -6.11
CA ASP A 13 -13.57 -3.34 -6.17
C ASP A 13 -12.16 -2.79 -6.41
N LEU A 14 -12.05 -1.77 -7.25
CA LEU A 14 -10.75 -1.21 -7.62
C LEU A 14 -9.97 -0.79 -6.37
N ARG A 15 -10.62 0.01 -5.53
CA ARG A 15 -9.99 0.52 -4.32
C ARG A 15 -9.52 -0.61 -3.40
N SER A 16 -10.40 -1.56 -3.11
CA SER A 16 -10.05 -2.68 -2.24
C SER A 16 -8.97 -3.55 -2.88
N HIS A 17 -9.06 -3.73 -4.19
CA HIS A 17 -8.07 -4.50 -4.93
C HIS A 17 -6.68 -3.89 -4.75
N LEU A 18 -6.59 -2.58 -4.93
CA LEU A 18 -5.32 -1.86 -4.80
C LEU A 18 -4.79 -1.92 -3.37
N VAL A 19 -5.68 -1.80 -2.40
CA VAL A 19 -5.29 -1.88 -1.00
C VAL A 19 -4.61 -3.22 -0.71
N HIS A 20 -5.23 -4.32 -1.13
CA HIS A 20 -4.64 -5.64 -0.96
C HIS A 20 -3.30 -5.74 -1.69
N LYS A 21 -3.25 -5.16 -2.89
CA LYS A 21 -2.02 -5.18 -3.68
C LYS A 21 -0.88 -4.47 -2.95
N LEU A 22 -1.20 -3.35 -2.31
CA LEU A 22 -0.23 -2.60 -1.52
C LEU A 22 0.22 -3.44 -0.33
N VAL A 23 -0.76 -4.06 0.34
CA VAL A 23 -0.47 -5.00 1.42
C VAL A 23 0.44 -6.12 0.93
N GLN A 24 0.14 -6.63 -0.25
CA GLN A 24 0.91 -7.70 -0.89
C GLN A 24 2.37 -7.29 -1.07
N ALA A 25 2.58 -6.03 -1.46
CA ALA A 25 3.93 -5.51 -1.64
C ALA A 25 4.69 -5.53 -0.32
N ILE A 26 4.03 -5.11 0.75
CA ILE A 26 4.63 -5.10 2.08
C ILE A 26 4.82 -6.54 2.61
N PHE A 27 3.90 -7.44 2.26
CA PHE A 27 3.89 -8.77 2.84
C PHE A 27 3.17 -9.76 1.90
N PRO A 28 3.92 -10.42 1.00
CA PRO A 28 3.32 -11.25 -0.08
C PRO A 28 2.88 -12.63 0.39
N THR A 29 3.23 -13.00 1.61
CA THR A 29 2.91 -14.31 2.14
C THR A 29 1.67 -14.25 3.05
N PRO A 30 0.54 -14.82 2.60
CA PRO A 30 -0.70 -14.86 3.40
C PRO A 30 -0.64 -15.90 4.51
N ASP A 31 0.37 -15.79 5.35
CA ASP A 31 0.53 -16.66 6.51
C ASP A 31 -0.61 -16.42 7.50
N PRO A 32 -1.37 -17.49 7.84
CA PRO A 32 -2.57 -17.39 8.67
C PRO A 32 -2.32 -16.78 10.06
N ALA A 33 -1.20 -17.13 10.68
CA ALA A 33 -0.84 -16.56 11.98
C ALA A 33 -0.49 -15.09 11.84
N ALA A 34 0.24 -14.74 10.79
CA ALA A 34 0.62 -13.36 10.55
C ALA A 34 -0.62 -12.52 10.25
N LEU A 35 -1.56 -13.10 9.50
CA LEU A 35 -2.88 -12.50 9.30
C LEU A 35 -3.51 -12.04 10.62
N LYS A 36 -3.21 -12.75 11.70
CA LYS A 36 -3.79 -12.44 13.01
C LYS A 36 -2.82 -11.62 13.86
N ASP A 37 -1.82 -11.02 13.23
CA ASP A 37 -0.83 -10.22 13.94
C ASP A 37 -1.21 -8.75 13.93
N ARG A 38 -1.05 -8.10 15.07
CA ARG A 38 -1.34 -6.67 15.22
C ARG A 38 -0.47 -5.81 14.31
N ARG A 39 0.79 -6.21 14.09
CA ARG A 39 1.69 -5.42 13.27
C ARG A 39 1.16 -5.30 11.84
N MET A 40 0.58 -6.40 11.35
CA MET A 40 -0.07 -6.39 10.04
C MET A 40 -1.20 -5.36 9.99
N GLU A 41 -1.93 -5.23 11.09
CA GLU A 41 -3.07 -4.33 11.17
C GLU A 41 -2.62 -2.90 10.86
N ASN A 42 -1.45 -2.55 11.39
CA ASN A 42 -0.87 -1.22 11.18
C ASN A 42 -0.57 -0.99 9.70
N LEU A 43 0.00 -1.99 9.05
CA LEU A 43 0.34 -1.86 7.63
C LEU A 43 -0.95 -1.77 6.81
N VAL A 44 -1.95 -2.56 7.20
CA VAL A 44 -3.27 -2.51 6.56
C VAL A 44 -3.87 -1.13 6.70
N ALA A 45 -3.74 -0.55 7.89
CA ALA A 45 -4.20 0.80 8.15
C ALA A 45 -3.47 1.81 7.27
N TYR A 46 -2.16 1.60 7.07
CA TYR A 46 -1.38 2.47 6.20
C TYR A 46 -1.87 2.37 4.75
N ALA A 47 -2.18 1.15 4.32
CA ALA A 47 -2.71 0.93 2.96
C ALA A 47 -4.04 1.67 2.78
N LYS A 48 -4.92 1.57 3.78
CA LYS A 48 -6.18 2.30 3.78
C LYS A 48 -5.95 3.80 3.76
N LYS A 49 -4.95 4.26 4.51
CA LYS A 49 -4.59 5.67 4.51
C LYS A 49 -4.20 6.12 3.11
N VAL A 50 -3.45 5.26 2.42
CA VAL A 50 -3.04 5.53 1.06
C VAL A 50 -4.24 5.68 0.13
N GLU A 51 -5.16 4.71 0.20
CA GLU A 51 -6.37 4.78 -0.64
C GLU A 51 -7.10 6.09 -0.41
N GLY A 52 -7.12 6.55 0.84
CA GLY A 52 -7.76 7.81 1.17
C GLY A 52 -7.09 9.01 0.53
N ASP A 53 -5.77 9.12 0.70
CA ASP A 53 -5.03 10.27 0.18
C ASP A 53 -5.09 10.31 -1.35
N MET A 54 -4.85 9.15 -1.97
CA MET A 54 -4.87 9.03 -3.42
C MET A 54 -6.27 9.34 -3.94
N TYR A 55 -7.26 8.94 -3.16
CA TYR A 55 -8.68 9.01 -3.55
C TYR A 55 -9.06 10.40 -4.12
N GLU A 56 -8.52 11.49 -3.57
CA GLU A 56 -8.80 12.81 -4.13
C GLU A 56 -8.19 12.95 -5.53
N SER A 57 -6.92 12.62 -5.64
CA SER A 57 -6.18 12.71 -6.91
C SER A 57 -6.73 11.71 -7.94
N ALA A 58 -7.08 10.52 -7.44
CA ALA A 58 -7.68 9.40 -8.19
C ALA A 58 -8.86 9.74 -9.13
N ASN A 59 -9.01 10.99 -9.52
CA ASN A 59 -10.11 11.39 -10.38
C ASN A 59 -9.91 10.81 -11.79
N SER A 60 -8.76 10.16 -12.01
CA SER A 60 -8.48 9.52 -13.28
C SER A 60 -7.81 8.16 -13.04
N ARG A 61 -8.15 7.17 -13.86
CA ARG A 61 -7.58 5.82 -13.71
C ARG A 61 -6.06 5.85 -13.76
N ASP A 62 -5.51 6.53 -14.76
CA ASP A 62 -4.06 6.59 -14.95
C ASP A 62 -3.37 7.23 -13.74
N GLU A 63 -3.97 8.29 -13.23
CA GLU A 63 -3.45 8.98 -12.05
C GLU A 63 -3.42 8.04 -10.85
N TYR A 64 -4.53 7.33 -10.63
CA TYR A 64 -4.68 6.44 -9.48
C TYR A 64 -3.58 5.38 -9.49
N TYR A 65 -3.37 4.74 -10.63
CA TYR A 65 -2.37 3.71 -10.78
C TYR A 65 -0.96 4.28 -10.61
N HIS A 66 -0.74 5.50 -11.11
CA HIS A 66 0.59 6.10 -11.11
C HIS A 66 1.05 6.33 -9.67
N LEU A 67 0.17 6.93 -8.88
CA LEU A 67 0.45 7.23 -7.48
C LEU A 67 0.80 5.96 -6.70
N LEU A 68 -0.04 4.94 -6.83
CA LEU A 68 0.17 3.67 -6.15
C LEU A 68 1.43 2.96 -6.65
N ALA A 69 1.58 2.86 -7.97
CA ALA A 69 2.69 2.12 -8.58
C ALA A 69 4.04 2.66 -8.12
N GLU A 70 4.18 3.98 -8.11
CA GLU A 70 5.42 4.62 -7.64
C GLU A 70 5.73 4.19 -6.22
N LYS A 71 4.73 4.24 -5.35
CA LYS A 71 4.89 3.82 -3.96
C LYS A 71 5.33 2.36 -3.88
N ILE A 72 4.74 1.51 -4.72
CA ILE A 72 5.05 0.09 -4.72
C ILE A 72 6.50 -0.16 -5.13
N TYR A 73 6.95 0.54 -6.17
CA TYR A 73 8.34 0.39 -6.62
C TYR A 73 9.30 0.88 -5.54
N LYS A 74 8.93 1.98 -4.86
CA LYS A 74 9.72 2.48 -3.74
C LYS A 74 9.87 1.41 -2.67
N ILE A 75 8.80 0.67 -2.41
CA ILE A 75 8.84 -0.48 -1.51
C ILE A 75 9.91 -1.47 -1.97
N GLN A 76 10.04 -1.66 -3.27
CA GLN A 76 11.00 -2.63 -3.82
C GLN A 76 12.42 -2.14 -3.53
N LYS A 77 12.60 -0.83 -3.68
CA LYS A 77 13.87 -0.18 -3.41
C LYS A 77 14.21 -0.30 -1.93
N GLU A 78 13.22 -0.06 -1.09
CA GLU A 78 13.40 -0.14 0.35
C GLU A 78 13.73 -1.56 0.80
N LEU A 79 12.98 -2.54 0.28
CA LEU A 79 13.26 -3.94 0.57
C LEU A 79 14.70 -4.27 0.21
N GLU A 80 15.16 -3.72 -0.91
CA GLU A 80 16.52 -3.88 -1.35
C GLU A 80 17.48 -3.28 -0.32
N GLU A 81 17.18 -2.05 0.09
CA GLU A 81 18.02 -1.31 1.03
C GLU A 81 18.15 -2.04 2.37
N LYS A 82 17.04 -2.59 2.85
CA LYS A 82 17.01 -3.27 4.14
C LYS A 82 18.00 -4.43 4.16
N ARG A 83 18.05 -5.17 3.07
CA ARG A 83 18.91 -6.32 2.98
C ARG A 83 20.32 -5.90 2.62
N ARG A 84 20.40 -4.88 1.81
CA ARG A 84 21.66 -4.41 1.26
C ARG A 84 22.50 -3.74 2.33
N SER A 85 21.85 -3.00 3.22
CA SER A 85 22.56 -2.34 4.30
C SER A 85 23.24 -3.36 5.22
N ARG A 86 22.57 -4.46 5.56
CA ARG A 86 23.22 -5.58 6.23
C ARG A 86 24.24 -6.24 5.30
N LEU A 87 25.51 -5.90 5.51
CA LEU A 87 26.59 -6.45 4.70
C LEU A 87 27.07 -7.77 5.29
N ASP B 1 2.84 15.24 1.47
CA ASP B 1 3.38 13.91 1.79
C ASP B 1 2.31 12.84 1.68
N ALA B 2 2.20 12.24 0.51
CA ALA B 2 1.34 11.08 0.31
C ALA B 2 2.14 9.80 0.55
N GLY B 3 3.38 10.02 0.95
CA GLY B 3 4.28 8.92 1.24
C GLY B 3 4.84 8.31 -0.02
N ASN B 4 5.61 9.10 -0.73
CA ASN B 4 6.28 8.62 -1.94
C ASN B 4 7.22 7.49 -1.58
N ILE B 5 7.81 7.61 -0.40
CA ILE B 5 8.61 6.54 0.18
C ILE B 5 7.97 6.13 1.50
N LEU B 6 7.93 4.83 1.78
CA LEU B 6 7.23 4.32 2.95
C LEU B 6 8.07 4.48 4.20
N PRO B 7 7.48 4.29 5.39
CA PRO B 7 8.24 4.25 6.64
C PRO B 7 9.14 3.02 6.70
N SER B 8 10.43 3.27 6.98
CA SER B 8 11.45 2.23 7.01
C SER B 8 11.08 1.09 7.95
N ASP B 9 10.46 1.46 9.07
CA ASP B 9 10.11 0.49 10.11
C ASP B 9 9.21 -0.64 9.59
N ILE B 10 8.26 -0.31 8.71
CA ILE B 10 7.36 -1.34 8.15
C ILE B 10 8.18 -2.36 7.36
N MET B 11 9.16 -1.84 6.62
CA MET B 11 10.08 -2.67 5.85
C MET B 11 10.92 -3.54 6.79
N ASP B 12 11.33 -2.96 7.91
CA ASP B 12 12.09 -3.70 8.93
C ASP B 12 11.36 -4.96 9.36
N PHE B 13 10.03 -4.85 9.51
CA PHE B 13 9.23 -5.97 9.99
C PHE B 13 9.31 -7.18 9.05
N VAL B 14 9.17 -6.94 7.75
CA VAL B 14 9.16 -8.06 6.79
C VAL B 14 10.51 -8.78 6.79
N LEU B 15 11.60 -8.01 6.91
CA LEU B 15 12.93 -8.59 7.07
C LEU B 15 13.01 -9.35 8.40
N LYS B 16 12.40 -8.78 9.44
CA LYS B 16 12.51 -9.32 10.80
C LYS B 16 11.77 -10.65 10.95
N ASN B 17 10.61 -10.76 10.33
CA ASN B 17 9.78 -11.95 10.52
C ASN B 17 10.07 -13.00 9.46
N THR B 18 9.92 -14.26 9.81
CA THR B 18 10.18 -15.35 8.90
C THR B 18 9.09 -16.43 9.02
N PRO B 19 8.09 -16.39 8.13
CA PRO B 19 7.02 -17.38 8.11
C PRO B 19 7.48 -18.71 7.54
N GLY A 1 -14.31 16.13 -15.23
CA GLY A 1 -12.98 16.16 -14.67
C GLY A 1 -12.76 17.37 -13.82
N VAL A 2 -13.50 17.44 -12.74
CA VAL A 2 -13.44 18.56 -11.81
C VAL A 2 -13.22 18.06 -10.40
N ARG A 3 -13.01 18.99 -9.46
CA ARG A 3 -12.68 18.63 -8.07
C ARG A 3 -13.86 17.94 -7.37
N LYS A 4 -14.99 17.86 -8.05
CA LYS A 4 -16.17 17.23 -7.50
C LYS A 4 -16.53 16.01 -8.33
N GLY A 5 -16.23 14.86 -7.77
CA GLY A 5 -16.39 13.59 -8.46
C GLY A 5 -15.42 12.56 -7.95
N TRP A 6 -15.56 12.20 -6.68
CA TRP A 6 -14.64 11.28 -6.02
C TRP A 6 -15.04 9.83 -6.30
N HIS A 7 -16.28 9.51 -5.95
CA HIS A 7 -16.78 8.14 -6.02
C HIS A 7 -17.47 7.87 -7.36
N GLU A 8 -17.42 8.84 -8.26
CA GLU A 8 -18.25 8.80 -9.46
C GLU A 8 -17.61 7.98 -10.60
N HIS A 9 -16.32 7.67 -10.50
CA HIS A 9 -15.64 6.87 -11.54
C HIS A 9 -14.84 5.72 -10.93
N VAL A 10 -15.16 5.37 -9.69
CA VAL A 10 -14.45 4.30 -8.98
C VAL A 10 -15.42 3.51 -8.10
N THR A 11 -15.32 2.19 -8.15
CA THR A 11 -16.17 1.33 -7.34
C THR A 11 -15.46 0.97 -6.02
N GLN A 12 -16.22 0.46 -5.06
CA GLN A 12 -15.66 0.11 -3.75
C GLN A 12 -14.62 -0.98 -3.87
N ASP A 13 -14.95 -2.00 -4.66
CA ASP A 13 -14.07 -3.16 -4.84
C ASP A 13 -12.72 -2.75 -5.36
N LEU A 14 -12.70 -1.79 -6.29
CA LEU A 14 -11.45 -1.29 -6.85
C LEU A 14 -10.52 -0.79 -5.75
N ARG A 15 -11.05 0.04 -4.86
CA ARG A 15 -10.25 0.65 -3.81
C ARG A 15 -9.68 -0.41 -2.88
N SER A 16 -10.53 -1.31 -2.42
CA SER A 16 -10.12 -2.34 -1.48
C SER A 16 -9.11 -3.30 -2.13
N HIS A 17 -9.36 -3.63 -3.40
CA HIS A 17 -8.50 -4.58 -4.13
C HIS A 17 -7.07 -4.04 -4.21
N LEU A 18 -6.95 -2.77 -4.56
CA LEU A 18 -5.65 -2.11 -4.65
C LEU A 18 -4.92 -2.11 -3.31
N VAL A 19 -5.68 -1.93 -2.23
CA VAL A 19 -5.10 -1.91 -0.89
C VAL A 19 -4.39 -3.23 -0.59
N HIS A 20 -5.01 -4.34 -0.99
CA HIS A 20 -4.41 -5.66 -0.78
C HIS A 20 -3.11 -5.78 -1.57
N LYS A 21 -3.11 -5.22 -2.79
CA LYS A 21 -1.91 -5.20 -3.62
C LYS A 21 -0.76 -4.49 -2.90
N LEU A 22 -1.09 -3.38 -2.25
CA LEU A 22 -0.10 -2.63 -1.49
C LEU A 22 0.41 -3.45 -0.31
N VAL A 23 -0.52 -4.01 0.46
CA VAL A 23 -0.17 -4.89 1.58
C VAL A 23 0.68 -6.08 1.10
N GLN A 24 0.30 -6.63 -0.06
CA GLN A 24 1.02 -7.75 -0.67
C GLN A 24 2.49 -7.41 -0.87
N ALA A 25 2.74 -6.17 -1.29
CA ALA A 25 4.11 -5.69 -1.52
C ALA A 25 4.94 -5.73 -0.24
N ILE A 26 4.32 -5.36 0.89
CA ILE A 26 5.03 -5.29 2.16
C ILE A 26 5.10 -6.69 2.80
N PHE A 27 4.09 -7.52 2.56
CA PHE A 27 4.00 -8.80 3.21
C PHE A 27 3.18 -9.78 2.37
N PRO A 28 3.85 -10.54 1.50
CA PRO A 28 3.17 -11.45 0.58
C PRO A 28 2.76 -12.77 1.24
N THR A 29 3.61 -13.25 2.16
CA THR A 29 3.42 -14.54 2.80
C THR A 29 2.11 -14.61 3.59
N PRO A 30 1.16 -15.46 3.16
CA PRO A 30 -0.10 -15.68 3.87
C PRO A 30 0.08 -16.63 5.06
N ASP A 31 0.68 -16.11 6.11
CA ASP A 31 0.85 -16.89 7.35
C ASP A 31 -0.44 -16.84 8.16
N PRO A 32 -1.03 -18.01 8.46
CA PRO A 32 -2.31 -18.10 9.17
C PRO A 32 -2.29 -17.45 10.54
N ALA A 33 -1.12 -17.37 11.15
CA ALA A 33 -0.99 -16.76 12.46
C ALA A 33 -0.85 -15.26 12.33
N ALA A 34 0.04 -14.84 11.44
CA ALA A 34 0.20 -13.42 11.13
C ALA A 34 -1.09 -12.80 10.62
N LEU A 35 -1.91 -13.61 9.97
CA LEU A 35 -3.20 -13.15 9.46
C LEU A 35 -4.07 -12.68 10.63
N LYS A 36 -3.89 -13.31 11.78
CA LYS A 36 -4.64 -12.98 12.98
C LYS A 36 -3.82 -12.09 13.92
N ASP A 37 -2.76 -11.50 13.39
CA ASP A 37 -1.87 -10.69 14.22
C ASP A 37 -2.25 -9.22 14.14
N ARG A 38 -2.43 -8.62 15.31
CA ARG A 38 -2.86 -7.23 15.45
C ARG A 38 -1.95 -6.25 14.71
N ARG A 39 -0.64 -6.51 14.72
CA ARG A 39 0.31 -5.59 14.09
C ARG A 39 0.09 -5.52 12.58
N MET A 40 -0.25 -6.64 11.95
CA MET A 40 -0.57 -6.66 10.52
C MET A 40 -1.68 -5.65 10.21
N GLU A 41 -2.66 -5.54 11.11
CA GLU A 41 -3.78 -4.63 10.93
C GLU A 41 -3.29 -3.20 10.74
N ASN A 42 -2.24 -2.82 11.47
CA ASN A 42 -1.67 -1.48 11.37
C ASN A 42 -1.19 -1.21 9.95
N LEU A 43 -0.51 -2.19 9.38
CA LEU A 43 0.06 -2.06 8.04
C LEU A 43 -1.08 -1.95 7.02
N VAL A 44 -2.11 -2.76 7.22
CA VAL A 44 -3.27 -2.74 6.33
C VAL A 44 -4.00 -1.41 6.44
N ALA A 45 -4.13 -0.93 7.67
CA ALA A 45 -4.76 0.35 7.95
C ALA A 45 -3.97 1.49 7.30
N TYR A 46 -2.65 1.40 7.33
CA TYR A 46 -1.80 2.40 6.67
C TYR A 46 -2.02 2.36 5.16
N ALA A 47 -2.20 1.16 4.62
CA ALA A 47 -2.48 1.00 3.19
C ALA A 47 -3.75 1.77 2.81
N LYS A 48 -4.75 1.73 3.70
CA LYS A 48 -5.97 2.51 3.52
C LYS A 48 -5.66 4.02 3.50
N LYS A 49 -4.74 4.45 4.36
CA LYS A 49 -4.32 5.85 4.38
C LYS A 49 -3.78 6.27 3.02
N VAL A 50 -2.92 5.42 2.45
CA VAL A 50 -2.41 5.65 1.10
C VAL A 50 -3.56 5.81 0.11
N GLU A 51 -4.51 4.87 0.14
CA GLU A 51 -5.66 4.92 -0.73
C GLU A 51 -6.45 6.23 -0.53
N GLY A 52 -6.58 6.65 0.72
CA GLY A 52 -7.26 7.91 1.03
C GLY A 52 -6.53 9.12 0.47
N ASP A 53 -5.22 9.18 0.71
CA ASP A 53 -4.39 10.30 0.25
C ASP A 53 -4.43 10.41 -1.28
N MET A 54 -4.31 9.27 -1.95
CA MET A 54 -4.36 9.23 -3.40
C MET A 54 -5.66 9.82 -3.93
N TYR A 55 -6.72 9.58 -3.18
CA TYR A 55 -8.09 9.92 -3.61
C TYR A 55 -8.23 11.37 -4.11
N GLU A 56 -7.51 12.32 -3.51
CA GLU A 56 -7.57 13.71 -4.02
C GLU A 56 -7.03 13.76 -5.45
N SER A 57 -5.85 13.20 -5.62
CA SER A 57 -5.20 13.10 -6.93
C SER A 57 -5.99 12.22 -7.90
N ALA A 58 -6.57 11.14 -7.36
CA ALA A 58 -7.39 10.16 -8.09
C ALA A 58 -8.58 10.75 -8.89
N ASN A 59 -8.54 12.02 -9.19
CA ASN A 59 -9.60 12.68 -9.95
C ASN A 59 -9.61 12.17 -11.39
N SER A 60 -8.67 11.28 -11.72
CA SER A 60 -8.62 10.63 -13.01
C SER A 60 -8.20 9.17 -12.85
N ARG A 61 -8.74 8.29 -13.68
CA ARG A 61 -8.44 6.86 -13.60
C ARG A 61 -6.94 6.59 -13.69
N ASP A 62 -6.30 7.18 -14.69
CA ASP A 62 -4.88 6.94 -14.94
C ASP A 62 -4.02 7.39 -13.76
N GLU A 63 -4.35 8.53 -13.18
CA GLU A 63 -3.59 9.07 -12.05
C GLU A 63 -3.61 8.08 -10.89
N TYR A 64 -4.80 7.54 -10.61
CA TYR A 64 -5.01 6.65 -9.48
C TYR A 64 -4.06 5.45 -9.53
N TYR A 65 -3.99 4.80 -10.69
CA TYR A 65 -3.13 3.64 -10.89
C TYR A 65 -1.66 4.02 -10.79
N HIS A 66 -1.30 5.19 -11.34
CA HIS A 66 0.09 5.62 -11.39
C HIS A 66 0.64 5.86 -9.99
N LEU A 67 -0.17 6.50 -9.17
CA LEU A 67 0.24 6.86 -7.80
C LEU A 67 0.57 5.62 -7.00
N LEU A 68 -0.33 4.65 -7.01
CA LEU A 68 -0.12 3.40 -6.28
C LEU A 68 1.08 2.65 -6.82
N ALA A 69 1.19 2.56 -8.15
CA ALA A 69 2.29 1.86 -8.80
C ALA A 69 3.64 2.41 -8.37
N GLU A 70 3.78 3.74 -8.40
CA GLU A 70 5.03 4.40 -8.04
C GLU A 70 5.41 4.06 -6.59
N LYS A 71 4.45 4.18 -5.70
CA LYS A 71 4.69 3.96 -4.27
C LYS A 71 5.10 2.52 -4.00
N ILE A 72 4.46 1.58 -4.70
CA ILE A 72 4.82 0.18 -4.57
C ILE A 72 6.28 -0.05 -4.96
N TYR A 73 6.70 0.59 -6.05
CA TYR A 73 8.11 0.51 -6.48
C TYR A 73 9.01 1.14 -5.42
N LYS A 74 8.55 2.26 -4.82
CA LYS A 74 9.32 2.92 -3.78
C LYS A 74 9.59 1.95 -2.63
N ILE A 75 8.54 1.25 -2.21
CA ILE A 75 8.65 0.26 -1.15
C ILE A 75 9.55 -0.91 -1.56
N GLN A 76 9.47 -1.33 -2.81
CA GLN A 76 10.30 -2.42 -3.30
C GLN A 76 11.76 -2.00 -3.28
N LYS A 77 11.99 -0.76 -3.68
CA LYS A 77 13.33 -0.21 -3.73
C LYS A 77 13.91 -0.11 -2.32
N GLU A 78 13.07 0.28 -1.37
CA GLU A 78 13.47 0.36 0.04
C GLU A 78 14.01 -0.97 0.54
N LEU A 79 13.26 -2.03 0.28
CA LEU A 79 13.64 -3.38 0.67
C LEU A 79 14.96 -3.77 0.01
N GLU A 80 15.07 -3.42 -1.26
CA GLU A 80 16.25 -3.71 -2.05
C GLU A 80 17.46 -2.95 -1.51
N GLU A 81 17.28 -1.66 -1.31
CA GLU A 81 18.35 -0.77 -0.87
C GLU A 81 18.93 -1.20 0.48
N LYS A 82 18.07 -1.44 1.46
CA LYS A 82 18.52 -1.76 2.81
C LYS A 82 19.27 -3.08 2.86
N ARG A 83 18.78 -4.10 2.14
CA ARG A 83 19.40 -5.41 2.20
C ARG A 83 20.63 -5.46 1.31
N ARG A 84 20.65 -4.56 0.36
CA ARG A 84 21.80 -4.39 -0.51
C ARG A 84 23.00 -3.90 0.30
N SER A 85 22.69 -3.20 1.38
CA SER A 85 23.72 -2.70 2.28
C SER A 85 24.01 -3.69 3.40
N ARG A 86 23.26 -4.79 3.48
CA ARG A 86 23.40 -5.73 4.57
C ARG A 86 22.51 -6.96 4.41
N LEU A 87 23.06 -8.00 3.78
CA LEU A 87 22.44 -9.33 3.75
C LEU A 87 21.16 -9.36 2.91
N ASP B 1 5.96 15.40 3.78
CA ASP B 1 5.19 14.20 4.10
C ASP B 1 3.92 14.13 3.26
N ALA B 2 4.11 13.93 1.96
CA ALA B 2 3.01 13.71 1.05
C ALA B 2 2.81 12.23 0.83
N GLY B 3 3.74 11.45 1.39
CA GLY B 3 3.72 10.02 1.22
C GLY B 3 4.41 9.60 -0.04
N ASN B 4 5.57 10.19 -0.24
CA ASN B 4 6.42 9.90 -1.40
C ASN B 4 7.09 8.55 -1.23
N ILE B 5 7.50 8.26 -0.01
CA ILE B 5 8.09 6.98 0.34
C ILE B 5 7.48 6.49 1.65
N LEU B 6 7.16 5.21 1.74
CA LEU B 6 6.46 4.69 2.91
C LEU B 6 7.42 4.42 4.06
N PRO B 7 6.91 4.57 5.31
CA PRO B 7 7.70 4.42 6.55
C PRO B 7 8.67 3.23 6.56
N SER B 8 9.90 3.53 6.92
CA SER B 8 10.98 2.55 6.99
C SER B 8 10.65 1.43 7.99
N ASP B 9 10.05 1.82 9.11
CA ASP B 9 9.80 0.91 10.21
C ASP B 9 8.84 -0.22 9.82
N ILE B 10 7.81 0.08 9.04
CA ILE B 10 6.86 -0.95 8.60
C ILE B 10 7.60 -1.96 7.72
N MET B 11 8.43 -1.44 6.83
CA MET B 11 9.28 -2.27 5.98
C MET B 11 10.21 -3.13 6.80
N ASP B 12 10.72 -2.58 7.89
CA ASP B 12 11.59 -3.32 8.79
C ASP B 12 10.86 -4.49 9.44
N PHE B 13 9.59 -4.29 9.78
CA PHE B 13 8.80 -5.31 10.48
C PHE B 13 8.79 -6.64 9.72
N VAL B 14 8.60 -6.60 8.41
CA VAL B 14 8.61 -7.82 7.60
C VAL B 14 9.98 -8.48 7.60
N LEU B 15 11.04 -7.68 7.47
CA LEU B 15 12.41 -8.20 7.48
C LEU B 15 12.75 -8.83 8.83
N LYS B 16 12.27 -8.23 9.91
CA LYS B 16 12.52 -8.75 11.25
C LYS B 16 11.82 -10.10 11.45
N ASN B 17 10.80 -10.35 10.66
CA ASN B 17 10.08 -11.62 10.73
C ASN B 17 10.66 -12.61 9.72
N THR B 18 10.89 -13.83 10.16
CA THR B 18 11.41 -14.87 9.29
C THR B 18 10.29 -15.54 8.50
N PRO B 19 10.23 -15.32 7.17
CA PRO B 19 9.21 -15.93 6.31
C PRO B 19 9.44 -17.43 6.14
N GLY A 1 -28.33 10.55 -13.08
CA GLY A 1 -27.15 11.25 -12.65
C GLY A 1 -27.21 11.55 -11.16
N VAL A 2 -26.08 11.43 -10.49
CA VAL A 2 -26.02 11.60 -9.05
C VAL A 2 -25.06 12.72 -8.69
N ARG A 3 -25.26 13.33 -7.51
CA ARG A 3 -24.43 14.43 -7.05
C ARG A 3 -23.13 13.90 -6.45
N LYS A 4 -23.13 12.62 -6.16
CA LYS A 4 -21.96 11.94 -5.63
C LYS A 4 -21.56 10.84 -6.59
N GLY A 5 -21.12 11.29 -7.75
CA GLY A 5 -20.71 10.40 -8.81
C GLY A 5 -19.52 10.93 -9.58
N TRP A 6 -18.49 11.36 -8.85
CA TRP A 6 -17.26 11.83 -9.48
C TRP A 6 -16.36 10.64 -9.74
N HIS A 7 -16.29 9.76 -8.76
CA HIS A 7 -15.41 8.60 -8.80
C HIS A 7 -16.15 7.36 -9.29
N GLU A 8 -17.41 7.55 -9.70
CA GLU A 8 -18.28 6.44 -10.06
C GLU A 8 -17.66 5.50 -11.10
N HIS A 9 -16.82 6.04 -11.98
CA HIS A 9 -16.12 5.21 -12.97
C HIS A 9 -14.93 4.47 -12.35
N VAL A 10 -15.00 4.25 -11.05
CA VAL A 10 -14.09 3.35 -10.35
C VAL A 10 -14.92 2.49 -9.42
N THR A 11 -14.69 1.19 -9.44
CA THR A 11 -15.42 0.31 -8.54
C THR A 11 -14.67 0.18 -7.21
N GLN A 12 -15.41 -0.12 -6.15
CA GLN A 12 -14.82 -0.27 -4.82
C GLN A 12 -13.84 -1.44 -4.83
N ASP A 13 -14.21 -2.49 -5.54
CA ASP A 13 -13.37 -3.69 -5.66
C ASP A 13 -12.01 -3.34 -6.25
N LEU A 14 -12.00 -2.44 -7.24
CA LEU A 14 -10.76 -1.98 -7.84
C LEU A 14 -9.84 -1.40 -6.77
N ARG A 15 -10.41 -0.56 -5.93
CA ARG A 15 -9.68 0.13 -4.88
C ARG A 15 -9.14 -0.88 -3.85
N SER A 16 -10.01 -1.77 -3.40
CA SER A 16 -9.62 -2.78 -2.43
C SER A 16 -8.56 -3.72 -3.01
N HIS A 17 -8.73 -4.05 -4.29
CA HIS A 17 -7.78 -4.89 -5.01
C HIS A 17 -6.39 -4.26 -4.92
N LEU A 18 -6.34 -2.96 -5.15
CA LEU A 18 -5.10 -2.19 -5.08
C LEU A 18 -4.54 -2.17 -3.66
N VAL A 19 -5.45 -2.07 -2.68
CA VAL A 19 -5.06 -2.03 -1.28
C VAL A 19 -4.38 -3.34 -0.87
N HIS A 20 -4.95 -4.46 -1.31
CA HIS A 20 -4.39 -5.78 -1.01
C HIS A 20 -2.99 -5.90 -1.57
N LYS A 21 -2.80 -5.38 -2.78
CA LYS A 21 -1.49 -5.41 -3.43
C LYS A 21 -0.48 -4.59 -2.65
N LEU A 22 -0.91 -3.44 -2.12
CA LEU A 22 -0.05 -2.60 -1.30
C LEU A 22 0.32 -3.33 -0.01
N VAL A 23 -0.66 -3.99 0.61
CA VAL A 23 -0.41 -4.84 1.77
C VAL A 23 0.58 -5.94 1.41
N GLN A 24 0.33 -6.57 0.27
CA GLN A 24 1.18 -7.61 -0.28
C GLN A 24 2.60 -7.10 -0.50
N ALA A 25 2.70 -5.85 -0.94
CA ALA A 25 3.99 -5.21 -1.16
C ALA A 25 4.79 -5.14 0.13
N ILE A 26 4.12 -4.85 1.24
CA ILE A 26 4.80 -4.75 2.53
C ILE A 26 5.08 -6.15 3.09
N PHE A 27 4.18 -7.09 2.84
CA PHE A 27 4.29 -8.42 3.41
C PHE A 27 3.51 -9.41 2.56
N PRO A 28 4.20 -10.20 1.73
CA PRO A 28 3.53 -11.05 0.73
C PRO A 28 2.93 -12.31 1.33
N THR A 29 3.57 -12.85 2.35
CA THR A 29 3.10 -14.08 2.98
C THR A 29 1.91 -13.82 3.90
N PRO A 30 0.72 -14.33 3.55
CA PRO A 30 -0.48 -14.22 4.38
C PRO A 30 -0.45 -15.22 5.53
N ASP A 31 0.36 -14.92 6.53
CA ASP A 31 0.50 -15.78 7.70
C ASP A 31 -0.76 -15.71 8.55
N PRO A 32 -1.38 -16.88 8.83
CA PRO A 32 -2.66 -16.97 9.55
C PRO A 32 -2.61 -16.32 10.93
N ALA A 33 -1.44 -16.34 11.57
CA ALA A 33 -1.29 -15.74 12.89
C ALA A 33 -1.08 -14.23 12.75
N ALA A 34 -0.17 -13.85 11.86
CA ALA A 34 0.06 -12.44 11.55
C ALA A 34 -1.22 -11.76 11.09
N LEU A 35 -2.10 -12.54 10.46
CA LEU A 35 -3.39 -12.03 9.99
C LEU A 35 -4.20 -11.51 11.17
N LYS A 36 -3.99 -12.11 12.33
CA LYS A 36 -4.69 -11.73 13.55
C LYS A 36 -3.77 -10.94 14.48
N ASP A 37 -2.65 -10.46 13.95
CA ASP A 37 -1.68 -9.71 14.75
C ASP A 37 -1.86 -8.21 14.49
N ARG A 38 -1.73 -7.43 15.55
CA ARG A 38 -1.82 -5.98 15.47
C ARG A 38 -0.82 -5.42 14.46
N ARG A 39 0.36 -6.04 14.39
CA ARG A 39 1.41 -5.62 13.48
C ARG A 39 0.91 -5.56 12.04
N MET A 40 0.26 -6.62 11.57
CA MET A 40 -0.28 -6.63 10.21
C MET A 40 -1.40 -5.60 10.06
N GLU A 41 -2.24 -5.47 11.09
CA GLU A 41 -3.40 -4.60 11.02
C GLU A 41 -2.99 -3.16 10.78
N ASN A 42 -1.93 -2.73 11.44
CA ASN A 42 -1.45 -1.35 11.30
C ASN A 42 -1.02 -1.07 9.87
N LEU A 43 -0.31 -2.01 9.26
CA LEU A 43 0.15 -1.84 7.89
C LEU A 43 -1.04 -1.85 6.93
N VAL A 44 -2.04 -2.69 7.21
CA VAL A 44 -3.25 -2.75 6.39
C VAL A 44 -4.01 -1.43 6.49
N ALA A 45 -4.08 -0.89 7.70
CA ALA A 45 -4.70 0.40 7.94
C ALA A 45 -3.95 1.51 7.19
N TYR A 46 -2.64 1.41 7.14
CA TYR A 46 -1.82 2.37 6.40
C TYR A 46 -2.16 2.29 4.90
N ALA A 47 -2.40 1.07 4.40
CA ALA A 47 -2.77 0.88 3.01
C ALA A 47 -4.09 1.60 2.70
N LYS A 48 -5.06 1.48 3.60
CA LYS A 48 -6.32 2.22 3.48
C LYS A 48 -6.08 3.71 3.58
N LYS A 49 -5.19 4.11 4.48
CA LYS A 49 -4.79 5.50 4.62
C LYS A 49 -4.29 6.04 3.29
N VAL A 50 -3.42 5.27 2.64
CA VAL A 50 -2.96 5.59 1.29
C VAL A 50 -4.14 5.75 0.33
N GLU A 51 -5.09 4.81 0.37
CA GLU A 51 -6.29 4.90 -0.44
C GLU A 51 -7.01 6.22 -0.18
N GLY A 52 -7.07 6.62 1.08
CA GLY A 52 -7.65 7.91 1.43
C GLY A 52 -6.97 9.07 0.71
N ASP A 53 -5.64 9.10 0.77
CA ASP A 53 -4.87 10.14 0.09
C ASP A 53 -5.03 10.06 -1.43
N MET A 54 -4.95 8.84 -1.95
CA MET A 54 -5.05 8.62 -3.39
C MET A 54 -6.43 8.99 -3.90
N TYR A 55 -7.45 8.70 -3.11
CA TYR A 55 -8.84 8.92 -3.51
C TYR A 55 -9.06 10.37 -3.97
N GLU A 56 -8.45 11.34 -3.27
CA GLU A 56 -8.56 12.74 -3.70
C GLU A 56 -7.84 12.96 -5.02
N SER A 57 -6.63 12.43 -5.11
CA SER A 57 -5.79 12.54 -6.30
C SER A 57 -6.40 11.82 -7.50
N ALA A 58 -7.06 10.70 -7.23
CA ALA A 58 -7.70 9.79 -8.22
C ALA A 58 -8.70 10.47 -9.17
N ASN A 59 -8.59 11.78 -9.37
CA ASN A 59 -9.53 12.52 -10.20
C ASN A 59 -9.34 12.16 -11.68
N SER A 60 -8.36 11.29 -11.95
CA SER A 60 -8.15 10.76 -13.27
C SER A 60 -7.65 9.31 -13.18
N ARG A 61 -8.12 8.45 -14.07
CA ARG A 61 -7.81 7.02 -14.03
C ARG A 61 -6.29 6.78 -14.02
N ASP A 62 -5.60 7.40 -14.95
CA ASP A 62 -4.16 7.21 -15.10
C ASP A 62 -3.41 7.61 -13.84
N GLU A 63 -3.85 8.71 -13.23
CA GLU A 63 -3.20 9.24 -12.03
C GLU A 63 -3.33 8.25 -10.87
N TYR A 64 -4.54 7.74 -10.67
CA TYR A 64 -4.82 6.79 -9.59
C TYR A 64 -3.87 5.60 -9.65
N TYR A 65 -3.75 4.99 -10.84
CA TYR A 65 -2.88 3.84 -11.02
C TYR A 65 -1.41 4.20 -10.84
N HIS A 66 -1.01 5.37 -11.33
CA HIS A 66 0.41 5.76 -11.33
C HIS A 66 0.90 5.97 -9.89
N LEU A 67 0.06 6.61 -9.09
CA LEU A 67 0.41 6.91 -7.71
C LEU A 67 0.67 5.64 -6.91
N LEU A 68 -0.24 4.69 -7.02
CA LEU A 68 -0.11 3.40 -6.35
C LEU A 68 1.09 2.62 -6.89
N ALA A 69 1.23 2.61 -8.22
CA ALA A 69 2.37 1.94 -8.86
C ALA A 69 3.69 2.48 -8.33
N GLU A 70 3.77 3.81 -8.20
CA GLU A 70 4.96 4.47 -7.66
C GLU A 70 5.23 4.02 -6.23
N LYS A 71 4.16 3.89 -5.44
CA LYS A 71 4.27 3.47 -4.05
C LYS A 71 4.84 2.06 -3.93
N ILE A 72 4.32 1.16 -4.76
CA ILE A 72 4.76 -0.24 -4.73
C ILE A 72 6.23 -0.35 -5.14
N TYR A 73 6.61 0.37 -6.20
CA TYR A 73 8.01 0.35 -6.65
C TYR A 73 8.90 0.95 -5.57
N LYS A 74 8.42 2.00 -4.90
CA LYS A 74 9.14 2.64 -3.83
C LYS A 74 9.43 1.62 -2.72
N ILE A 75 8.43 0.84 -2.38
CA ILE A 75 8.60 -0.21 -1.40
C ILE A 75 9.55 -1.30 -1.91
N GLN A 76 9.47 -1.62 -3.19
CA GLN A 76 10.26 -2.73 -3.75
C GLN A 76 11.75 -2.42 -3.69
N LYS A 77 12.10 -1.17 -4.01
CA LYS A 77 13.49 -0.74 -3.93
C LYS A 77 13.96 -0.73 -2.47
N GLU A 78 13.06 -0.37 -1.56
CA GLU A 78 13.37 -0.43 -0.13
C GLU A 78 13.67 -1.85 0.31
N LEU A 79 12.81 -2.80 -0.11
CA LEU A 79 12.94 -4.18 0.33
C LEU A 79 14.33 -4.75 0.02
N GLU A 80 14.78 -4.56 -1.22
CA GLU A 80 16.10 -5.04 -1.62
C GLU A 80 17.21 -4.32 -0.84
N GLU A 81 17.03 -3.03 -0.61
CA GLU A 81 18.00 -2.24 0.13
C GLU A 81 18.10 -2.74 1.57
N LYS A 82 16.95 -2.99 2.19
CA LYS A 82 16.90 -3.52 3.55
C LYS A 82 17.47 -4.94 3.57
N ARG A 83 17.18 -5.69 2.51
CA ARG A 83 17.64 -7.07 2.36
C ARG A 83 19.15 -7.18 2.40
N ARG A 84 19.78 -6.05 2.20
CA ARG A 84 21.24 -5.92 2.27
C ARG A 84 21.80 -6.59 3.52
N SER A 85 21.07 -6.51 4.62
CA SER A 85 21.46 -7.22 5.82
C SER A 85 20.60 -8.49 5.98
N ARG A 86 19.29 -8.33 5.82
CA ARG A 86 18.35 -9.45 5.87
C ARG A 86 18.54 -10.25 7.17
N LEU A 87 18.08 -9.67 8.27
CA LEU A 87 18.13 -10.33 9.56
C LEU A 87 17.19 -11.54 9.57
N ASP B 1 2.29 15.94 0.72
CA ASP B 1 2.25 15.05 1.87
C ASP B 1 1.25 13.94 1.62
N ALA B 2 1.19 13.48 0.38
CA ALA B 2 0.20 12.48 -0.02
C ALA B 2 0.84 11.11 -0.19
N GLY B 3 1.80 10.80 0.67
CA GLY B 3 2.43 9.50 0.64
C GLY B 3 3.51 9.40 -0.43
N ASN B 4 4.72 9.80 -0.07
CA ASN B 4 5.84 9.73 -0.99
C ASN B 4 6.59 8.41 -0.83
N ILE B 5 7.07 8.15 0.38
CA ILE B 5 7.76 6.91 0.68
C ILE B 5 7.13 6.29 1.92
N LEU B 6 7.05 4.96 1.96
CA LEU B 6 6.44 4.28 3.09
C LEU B 6 7.45 4.19 4.24
N PRO B 7 7.02 4.63 5.43
CA PRO B 7 7.92 4.88 6.57
C PRO B 7 8.64 3.65 7.10
N SER B 8 9.78 3.93 7.73
CA SER B 8 10.66 2.94 8.35
C SER B 8 9.90 2.09 9.37
N ASP B 9 8.97 2.72 10.09
CA ASP B 9 8.17 2.02 11.09
C ASP B 9 7.46 0.81 10.50
N ILE B 10 6.78 1.00 9.37
CA ILE B 10 6.11 -0.11 8.69
C ILE B 10 7.15 -1.11 8.17
N MET B 11 8.27 -0.60 7.69
CA MET B 11 9.40 -1.45 7.28
C MET B 11 9.82 -2.37 8.42
N ASP B 12 9.82 -1.84 9.64
CA ASP B 12 10.12 -2.64 10.83
C ASP B 12 9.22 -3.86 10.91
N PHE B 13 7.96 -3.71 10.52
CA PHE B 13 7.00 -4.82 10.66
C PHE B 13 7.41 -6.02 9.82
N VAL B 14 7.70 -5.79 8.54
CA VAL B 14 8.12 -6.86 7.65
C VAL B 14 9.49 -7.43 8.05
N LEU B 15 10.42 -6.55 8.43
CA LEU B 15 11.75 -6.95 8.86
C LEU B 15 11.69 -7.75 10.17
N LYS B 16 10.79 -7.35 11.07
CA LYS B 16 10.71 -7.97 12.41
C LYS B 16 9.93 -9.28 12.36
N ASN B 17 9.45 -9.66 11.19
CA ASN B 17 8.74 -10.93 11.04
C ASN B 17 9.54 -11.85 10.14
N THR B 18 9.78 -13.07 10.60
CA THR B 18 10.57 -14.04 9.85
C THR B 18 9.66 -15.00 9.07
N PRO B 19 9.58 -14.84 7.74
CA PRO B 19 8.80 -15.71 6.89
C PRO B 19 9.54 -17.02 6.60
N GLY A 1 -25.84 19.46 -18.59
CA GLY A 1 -25.35 18.49 -19.53
C GLY A 1 -23.85 18.39 -19.53
N VAL A 2 -23.31 17.71 -18.52
CA VAL A 2 -21.88 17.46 -18.44
C VAL A 2 -21.60 15.96 -18.49
N ARG A 3 -20.40 15.60 -18.94
CA ARG A 3 -20.04 14.20 -19.06
C ARG A 3 -19.08 13.79 -17.95
N LYS A 4 -18.56 14.78 -17.23
CA LYS A 4 -17.58 14.53 -16.19
C LYS A 4 -18.23 13.76 -15.03
N GLY A 5 -17.60 12.68 -14.62
CA GLY A 5 -18.07 11.92 -13.49
C GLY A 5 -17.02 10.95 -13.02
N TRP A 6 -15.85 11.47 -12.71
CA TRP A 6 -14.71 10.67 -12.33
C TRP A 6 -15.04 9.76 -11.17
N HIS A 7 -15.72 10.30 -10.18
CA HIS A 7 -16.12 9.51 -9.03
C HIS A 7 -17.28 8.54 -9.34
N GLU A 8 -18.08 8.83 -10.37
CA GLU A 8 -19.23 7.99 -10.67
C GLU A 8 -18.86 6.77 -11.53
N HIS A 9 -17.70 6.80 -12.17
CA HIS A 9 -17.23 5.61 -12.91
C HIS A 9 -16.09 4.91 -12.17
N VAL A 10 -16.20 4.86 -10.84
CA VAL A 10 -15.30 4.05 -10.03
C VAL A 10 -16.11 3.26 -9.00
N THR A 11 -15.82 1.98 -8.89
CA THR A 11 -16.51 1.13 -7.94
C THR A 11 -15.74 1.02 -6.62
N GLN A 12 -16.42 0.55 -5.57
CA GLN A 12 -15.81 0.34 -4.28
C GLN A 12 -14.74 -0.74 -4.40
N ASP A 13 -15.06 -1.76 -5.18
CA ASP A 13 -14.18 -2.92 -5.36
C ASP A 13 -12.83 -2.49 -5.93
N LEU A 14 -12.86 -1.52 -6.83
CA LEU A 14 -11.63 -1.01 -7.44
C LEU A 14 -10.64 -0.56 -6.37
N ARG A 15 -11.10 0.25 -5.43
CA ARG A 15 -10.25 0.75 -4.36
C ARG A 15 -9.75 -0.36 -3.45
N SER A 16 -10.64 -1.27 -3.06
CA SER A 16 -10.27 -2.36 -2.15
C SER A 16 -9.23 -3.26 -2.81
N HIS A 17 -9.42 -3.51 -4.11
CA HIS A 17 -8.47 -4.28 -4.90
C HIS A 17 -7.07 -3.67 -4.82
N LEU A 18 -7.00 -2.37 -5.03
CA LEU A 18 -5.74 -1.64 -5.01
C LEU A 18 -5.07 -1.69 -3.64
N VAL A 19 -5.86 -1.61 -2.58
CA VAL A 19 -5.34 -1.61 -1.22
C VAL A 19 -4.58 -2.90 -0.94
N HIS A 20 -5.12 -4.01 -1.42
CA HIS A 20 -4.51 -5.31 -1.20
C HIS A 20 -3.14 -5.40 -1.86
N LYS A 21 -2.98 -4.79 -3.03
CA LYS A 21 -1.69 -4.76 -3.71
C LYS A 21 -0.61 -4.18 -2.80
N LEU A 22 -0.94 -3.07 -2.14
CA LEU A 22 -0.01 -2.40 -1.25
C LEU A 22 0.32 -3.30 -0.05
N VAL A 23 -0.70 -3.93 0.50
CA VAL A 23 -0.53 -4.86 1.63
C VAL A 23 0.31 -6.07 1.21
N GLN A 24 0.01 -6.59 0.02
CA GLN A 24 0.69 -7.75 -0.53
C GLN A 24 2.18 -7.46 -0.71
N ALA A 25 2.46 -6.25 -1.16
CA ALA A 25 3.84 -5.80 -1.41
C ALA A 25 4.69 -5.87 -0.15
N ILE A 26 4.12 -5.49 0.99
CA ILE A 26 4.88 -5.41 2.23
C ILE A 26 5.14 -6.80 2.81
N PHE A 27 4.19 -7.72 2.66
CA PHE A 27 4.32 -9.04 3.26
C PHE A 27 3.46 -10.05 2.50
N PRO A 28 4.06 -10.78 1.55
CA PRO A 28 3.32 -11.68 0.66
C PRO A 28 2.94 -13.01 1.32
N THR A 29 3.75 -13.47 2.26
CA THR A 29 3.50 -14.72 2.95
C THR A 29 2.36 -14.60 3.97
N PRO A 30 1.22 -15.26 3.70
CA PRO A 30 0.07 -15.25 4.63
C PRO A 30 0.27 -16.25 5.76
N ASP A 31 1.15 -15.88 6.69
CA ASP A 31 1.43 -16.72 7.85
C ASP A 31 0.23 -16.74 8.78
N PRO A 32 -0.24 -17.95 9.16
CA PRO A 32 -1.44 -18.11 10.00
C PRO A 32 -1.36 -17.37 11.33
N ALA A 33 -0.15 -17.13 11.83
CA ALA A 33 0.02 -16.41 13.07
C ALA A 33 0.05 -14.91 12.81
N ALA A 34 0.82 -14.51 11.80
CA ALA A 34 0.90 -13.11 11.38
C ALA A 34 -0.47 -12.59 10.93
N LEU A 35 -1.29 -13.47 10.39
CA LEU A 35 -2.63 -13.11 9.93
C LEU A 35 -3.51 -12.74 11.13
N LYS A 36 -3.20 -13.33 12.27
CA LYS A 36 -3.93 -13.06 13.52
C LYS A 36 -3.15 -12.06 14.38
N ASP A 37 -2.19 -11.39 13.76
CA ASP A 37 -1.31 -10.47 14.48
C ASP A 37 -1.76 -9.02 14.29
N ARG A 38 -1.79 -8.28 15.40
CA ARG A 38 -2.20 -6.87 15.41
C ARG A 38 -1.24 -5.99 14.59
N ARG A 39 0.06 -6.28 14.66
CA ARG A 39 1.05 -5.51 13.94
C ARG A 39 0.77 -5.50 12.44
N MET A 40 0.36 -6.64 11.90
CA MET A 40 -0.01 -6.72 10.48
C MET A 40 -1.13 -5.74 10.15
N GLU A 41 -2.09 -5.60 11.05
CA GLU A 41 -3.24 -4.72 10.82
C GLU A 41 -2.79 -3.28 10.60
N ASN A 42 -1.77 -2.86 11.34
CA ASN A 42 -1.24 -1.50 11.23
C ASN A 42 -0.76 -1.21 9.81
N LEU A 43 -0.07 -2.17 9.20
CA LEU A 43 0.42 -2.00 7.83
C LEU A 43 -0.77 -1.93 6.87
N VAL A 44 -1.79 -2.74 7.13
CA VAL A 44 -3.00 -2.75 6.31
C VAL A 44 -3.72 -1.41 6.42
N ALA A 45 -3.80 -0.90 7.65
CA ALA A 45 -4.41 0.39 7.92
C ALA A 45 -3.69 1.50 7.17
N TYR A 46 -2.35 1.43 7.09
CA TYR A 46 -1.59 2.42 6.35
C TYR A 46 -1.99 2.41 4.87
N ALA A 47 -2.24 1.21 4.33
CA ALA A 47 -2.66 1.09 2.94
C ALA A 47 -3.98 1.84 2.71
N LYS A 48 -4.90 1.75 3.68
CA LYS A 48 -6.15 2.50 3.62
C LYS A 48 -5.92 4.00 3.65
N LYS A 49 -4.97 4.43 4.48
CA LYS A 49 -4.62 5.84 4.55
C LYS A 49 -4.15 6.32 3.18
N VAL A 50 -3.29 5.54 2.56
CA VAL A 50 -2.83 5.81 1.20
C VAL A 50 -4.01 5.89 0.22
N GLU A 51 -4.87 4.87 0.22
CA GLU A 51 -6.01 4.84 -0.71
C GLU A 51 -6.88 6.10 -0.55
N GLY A 52 -7.06 6.53 0.70
CA GLY A 52 -7.83 7.75 0.95
C GLY A 52 -7.15 8.98 0.39
N ASP A 53 -5.86 9.14 0.69
CA ASP A 53 -5.09 10.29 0.24
C ASP A 53 -4.99 10.32 -1.29
N MET A 54 -4.79 9.14 -1.88
CA MET A 54 -4.73 8.99 -3.33
C MET A 54 -6.05 9.41 -3.95
N TYR A 55 -7.15 9.06 -3.29
CA TYR A 55 -8.50 9.28 -3.83
C TYR A 55 -8.70 10.73 -4.32
N GLU A 56 -8.12 11.70 -3.61
CA GLU A 56 -8.24 13.09 -4.03
C GLU A 56 -7.48 13.33 -5.35
N SER A 57 -6.23 12.88 -5.38
CA SER A 57 -5.38 12.99 -6.56
C SER A 57 -5.94 12.14 -7.71
N ALA A 58 -6.48 10.98 -7.34
CA ALA A 58 -7.13 9.99 -8.24
C ALA A 58 -8.26 10.56 -9.10
N ASN A 59 -8.27 11.85 -9.32
CA ASN A 59 -9.33 12.51 -10.07
C ASN A 59 -9.22 12.12 -11.56
N SER A 60 -8.23 11.28 -11.87
CA SER A 60 -8.07 10.72 -13.20
C SER A 60 -7.67 9.24 -13.09
N ARG A 61 -8.22 8.38 -13.92
CA ARG A 61 -7.98 6.94 -13.82
C ARG A 61 -6.49 6.60 -13.86
N ASP A 62 -5.80 7.12 -14.87
CA ASP A 62 -4.38 6.84 -15.06
C ASP A 62 -3.57 7.30 -13.85
N GLU A 63 -3.94 8.46 -13.33
CA GLU A 63 -3.27 9.04 -12.18
C GLU A 63 -3.28 8.07 -11.01
N TYR A 64 -4.47 7.52 -10.74
CA TYR A 64 -4.70 6.65 -9.59
C TYR A 64 -3.76 5.43 -9.63
N TYR A 65 -3.72 4.75 -10.78
CA TYR A 65 -2.94 3.54 -10.91
C TYR A 65 -1.45 3.85 -10.80
N HIS A 66 -1.06 4.95 -11.40
CA HIS A 66 0.35 5.32 -11.47
C HIS A 66 0.89 5.66 -10.09
N LEU A 67 0.10 6.36 -9.30
CA LEU A 67 0.51 6.77 -7.96
C LEU A 67 0.80 5.56 -7.09
N LEU A 68 -0.15 4.62 -7.06
CA LEU A 68 0.01 3.41 -6.26
C LEU A 68 1.21 2.60 -6.74
N ALA A 69 1.34 2.45 -8.06
CA ALA A 69 2.46 1.71 -8.65
C ALA A 69 3.79 2.31 -8.24
N GLU A 70 3.89 3.63 -8.24
CA GLU A 70 5.12 4.31 -7.85
C GLU A 70 5.48 4.01 -6.39
N LYS A 71 4.48 4.10 -5.52
CA LYS A 71 4.70 3.93 -4.09
C LYS A 71 5.15 2.50 -3.78
N ILE A 72 4.54 1.54 -4.45
CA ILE A 72 4.90 0.14 -4.26
C ILE A 72 6.36 -0.09 -4.66
N TYR A 73 6.78 0.55 -5.76
CA TYR A 73 8.17 0.44 -6.21
C TYR A 73 9.09 1.07 -5.17
N LYS A 74 8.65 2.17 -4.54
CA LYS A 74 9.44 2.82 -3.50
C LYS A 74 9.76 1.82 -2.37
N ILE A 75 8.73 1.10 -1.93
CA ILE A 75 8.89 0.08 -0.91
C ILE A 75 9.80 -1.05 -1.40
N GLN A 76 9.65 -1.40 -2.67
CA GLN A 76 10.44 -2.49 -3.26
C GLN A 76 11.92 -2.11 -3.26
N LYS A 77 12.17 -0.85 -3.58
CA LYS A 77 13.51 -0.31 -3.56
C LYS A 77 14.06 -0.31 -2.12
N GLU A 78 13.19 0.06 -1.18
CA GLU A 78 13.56 0.07 0.24
C GLU A 78 14.03 -1.31 0.68
N LEU A 79 13.27 -2.33 0.31
CA LEU A 79 13.58 -3.71 0.68
C LEU A 79 14.97 -4.12 0.19
N GLU A 80 15.28 -3.74 -1.05
CA GLU A 80 16.58 -4.05 -1.63
C GLU A 80 17.68 -3.36 -0.84
N GLU A 81 17.46 -2.09 -0.53
CA GLU A 81 18.42 -1.29 0.22
C GLU A 81 18.61 -1.83 1.65
N LYS A 82 17.53 -2.30 2.26
CA LYS A 82 17.62 -2.90 3.58
C LYS A 82 18.50 -4.15 3.53
N ARG A 83 18.34 -4.94 2.46
CA ARG A 83 19.15 -6.13 2.27
C ARG A 83 20.58 -5.75 1.95
N ARG A 84 20.70 -4.58 1.36
CA ARG A 84 21.96 -4.00 0.94
C ARG A 84 22.72 -3.50 2.16
N SER A 85 21.97 -3.18 3.20
CA SER A 85 22.53 -2.67 4.43
C SER A 85 22.63 -3.80 5.44
N ARG A 86 22.16 -4.99 5.03
CA ARG A 86 22.20 -6.21 5.84
C ARG A 86 21.92 -5.94 7.32
N LEU A 87 20.64 -5.91 7.65
CA LEU A 87 20.19 -5.55 8.99
C LEU A 87 20.33 -6.75 9.92
N ASP B 1 2.10 15.42 -3.68
CA ASP B 1 2.93 14.58 -2.83
C ASP B 1 2.08 13.56 -2.08
N ALA B 2 1.53 12.62 -2.83
CA ALA B 2 0.72 11.57 -2.26
C ALA B 2 1.62 10.44 -1.74
N GLY B 3 2.40 10.76 -0.72
CA GLY B 3 3.32 9.82 -0.16
C GLY B 3 4.62 9.76 -0.94
N ASN B 4 5.68 10.31 -0.37
CA ASN B 4 6.99 10.27 -1.02
C ASN B 4 7.58 8.88 -0.91
N ILE B 5 7.85 8.48 0.32
CA ILE B 5 8.36 7.14 0.60
C ILE B 5 7.66 6.61 1.85
N LEU B 6 7.44 5.30 1.90
CA LEU B 6 6.67 4.72 2.99
C LEU B 6 7.53 4.56 4.23
N PRO B 7 6.97 4.95 5.40
CA PRO B 7 7.68 4.98 6.70
C PRO B 7 8.54 3.76 6.99
N SER B 8 9.73 4.06 7.51
CA SER B 8 10.70 3.05 7.93
C SER B 8 10.09 2.06 8.92
N ASP B 9 9.23 2.58 9.80
CA ASP B 9 8.59 1.79 10.86
C ASP B 9 7.86 0.57 10.29
N ILE B 10 7.06 0.79 9.24
CA ILE B 10 6.33 -0.30 8.59
C ILE B 10 7.30 -1.28 7.95
N MET B 11 8.35 -0.74 7.34
CA MET B 11 9.41 -1.53 6.72
C MET B 11 10.02 -2.49 7.73
N ASP B 12 10.20 -2.02 8.96
CA ASP B 12 10.72 -2.85 10.04
C ASP B 12 9.90 -4.12 10.21
N PHE B 13 8.58 -4.02 10.07
CA PHE B 13 7.69 -5.16 10.31
C PHE B 13 8.08 -6.36 9.46
N VAL B 14 8.26 -6.16 8.16
CA VAL B 14 8.62 -7.25 7.26
C VAL B 14 10.02 -7.78 7.56
N LEU B 15 10.95 -6.87 7.85
CA LEU B 15 12.32 -7.25 8.21
C LEU B 15 12.35 -8.04 9.51
N LYS B 16 11.52 -7.63 10.47
CA LYS B 16 11.51 -8.28 11.81
C LYS B 16 10.88 -9.67 11.75
N ASN B 17 10.05 -9.91 10.74
CA ASN B 17 9.44 -11.23 10.57
C ASN B 17 10.31 -12.07 9.66
N THR B 18 10.31 -13.37 9.88
CA THR B 18 11.17 -14.27 9.13
C THR B 18 10.36 -15.37 8.46
N PRO B 19 9.83 -15.10 7.25
CA PRO B 19 9.08 -16.10 6.49
C PRO B 19 9.99 -17.15 5.87
N GLY A 1 -32.06 15.60 -11.09
CA GLY A 1 -30.77 15.16 -11.59
C GLY A 1 -29.67 16.18 -11.39
N VAL A 2 -28.50 15.70 -11.01
CA VAL A 2 -27.33 16.55 -10.85
C VAL A 2 -26.08 15.78 -11.26
N ARG A 3 -25.11 16.47 -11.85
CA ARG A 3 -23.93 15.84 -12.42
C ARG A 3 -22.99 15.21 -11.39
N LYS A 4 -23.37 15.22 -10.10
CA LYS A 4 -22.50 14.71 -9.03
C LYS A 4 -21.87 13.37 -9.42
N GLY A 5 -20.55 13.35 -9.46
CA GLY A 5 -19.83 12.16 -9.81
C GLY A 5 -18.41 12.49 -10.22
N TRP A 6 -17.55 12.68 -9.24
CA TRP A 6 -16.14 12.98 -9.50
C TRP A 6 -15.38 11.68 -9.68
N HIS A 7 -15.64 10.76 -8.76
CA HIS A 7 -14.93 9.49 -8.70
C HIS A 7 -15.75 8.37 -9.34
N GLU A 8 -16.88 8.74 -9.94
CA GLU A 8 -17.86 7.77 -10.45
C GLU A 8 -17.22 6.73 -11.38
N HIS A 9 -16.16 7.12 -12.08
CA HIS A 9 -15.44 6.19 -12.96
C HIS A 9 -14.49 5.29 -12.16
N VAL A 10 -14.81 5.11 -10.89
CA VAL A 10 -14.09 4.18 -10.01
C VAL A 10 -15.09 3.41 -9.16
N THR A 11 -14.93 2.11 -9.08
CA THR A 11 -15.81 1.28 -8.26
C THR A 11 -15.28 1.12 -6.84
N GLN A 12 -16.14 0.68 -5.94
CA GLN A 12 -15.78 0.46 -4.55
C GLN A 12 -14.74 -0.65 -4.45
N ASP A 13 -14.97 -1.70 -5.25
CA ASP A 13 -14.11 -2.88 -5.26
C ASP A 13 -12.68 -2.50 -5.63
N LEU A 14 -12.53 -1.58 -6.59
CA LEU A 14 -11.22 -1.18 -7.07
C LEU A 14 -10.32 -0.73 -5.92
N ARG A 15 -10.87 0.12 -5.06
CA ARG A 15 -10.11 0.64 -3.93
C ARG A 15 -9.59 -0.49 -3.05
N SER A 16 -10.47 -1.40 -2.65
CA SER A 16 -10.08 -2.50 -1.78
C SER A 16 -9.06 -3.41 -2.47
N HIS A 17 -9.28 -3.65 -3.77
CA HIS A 17 -8.39 -4.51 -4.54
C HIS A 17 -6.98 -3.93 -4.54
N LEU A 18 -6.88 -2.64 -4.83
CA LEU A 18 -5.60 -1.94 -4.84
C LEU A 18 -4.93 -1.92 -3.47
N VAL A 19 -5.72 -1.75 -2.41
CA VAL A 19 -5.18 -1.77 -1.05
C VAL A 19 -4.45 -3.08 -0.76
N HIS A 20 -5.01 -4.19 -1.23
CA HIS A 20 -4.38 -5.50 -1.03
C HIS A 20 -3.03 -5.55 -1.75
N LYS A 21 -2.95 -4.94 -2.93
CA LYS A 21 -1.69 -4.87 -3.67
C LYS A 21 -0.63 -4.17 -2.84
N LEU A 22 -1.04 -3.12 -2.13
CA LEU A 22 -0.15 -2.38 -1.27
C LEU A 22 0.33 -3.29 -0.13
N VAL A 23 -0.61 -3.98 0.52
CA VAL A 23 -0.28 -4.97 1.53
C VAL A 23 0.65 -6.04 0.95
N GLN A 24 0.35 -6.49 -0.27
CA GLN A 24 1.15 -7.48 -0.96
C GLN A 24 2.60 -7.03 -1.08
N ALA A 25 2.79 -5.76 -1.38
CA ALA A 25 4.12 -5.16 -1.48
C ALA A 25 4.88 -5.25 -0.16
N ILE A 26 4.19 -5.01 0.95
CA ILE A 26 4.82 -5.03 2.26
C ILE A 26 4.99 -6.47 2.77
N PHE A 27 4.03 -7.34 2.43
CA PHE A 27 4.01 -8.67 3.00
C PHE A 27 3.27 -9.62 2.05
N PRO A 28 4.00 -10.27 1.12
CA PRO A 28 3.37 -11.11 0.11
C PRO A 28 2.97 -12.48 0.64
N THR A 29 3.75 -12.98 1.59
CA THR A 29 3.57 -14.33 2.13
C THR A 29 2.23 -14.48 2.86
N PRO A 30 1.37 -15.41 2.38
CA PRO A 30 0.11 -15.75 3.05
C PRO A 30 0.36 -16.65 4.27
N ASP A 31 0.53 -16.03 5.42
CA ASP A 31 0.82 -16.79 6.64
C ASP A 31 -0.42 -16.88 7.51
N PRO A 32 -0.82 -18.12 7.87
CA PRO A 32 -2.05 -18.38 8.63
C PRO A 32 -2.12 -17.67 9.97
N ALA A 33 -0.97 -17.48 10.62
CA ALA A 33 -0.94 -16.88 11.94
C ALA A 33 -0.82 -15.37 11.83
N ALA A 34 0.11 -14.93 10.99
CA ALA A 34 0.30 -13.49 10.72
C ALA A 34 -0.98 -12.84 10.23
N LEU A 35 -1.82 -13.63 9.56
CA LEU A 35 -3.09 -13.14 9.04
C LEU A 35 -4.00 -12.71 10.20
N LYS A 36 -3.84 -13.35 11.35
CA LYS A 36 -4.65 -13.04 12.53
C LYS A 36 -3.83 -12.21 13.53
N ASP A 37 -2.74 -11.64 13.06
CA ASP A 37 -1.82 -10.89 13.91
C ASP A 37 -2.08 -9.39 13.79
N ARG A 38 -2.14 -8.71 14.94
CA ARG A 38 -2.44 -7.28 15.02
C ARG A 38 -1.43 -6.42 14.26
N ARG A 39 -0.15 -6.78 14.35
CA ARG A 39 0.93 -6.04 13.68
C ARG A 39 0.67 -5.94 12.18
N MET A 40 0.17 -7.03 11.58
CA MET A 40 -0.19 -7.00 10.16
C MET A 40 -1.30 -5.99 9.91
N GLU A 41 -2.26 -5.91 10.83
CA GLU A 41 -3.38 -4.98 10.69
C GLU A 41 -2.89 -3.55 10.63
N ASN A 42 -1.89 -3.23 11.43
CA ASN A 42 -1.33 -1.88 11.46
C ASN A 42 -0.85 -1.47 10.07
N LEU A 43 -0.10 -2.37 9.42
CA LEU A 43 0.42 -2.08 8.08
C LEU A 43 -0.74 -1.98 7.07
N VAL A 44 -1.74 -2.84 7.24
CA VAL A 44 -2.91 -2.81 6.36
C VAL A 44 -3.67 -1.51 6.55
N ALA A 45 -3.80 -1.09 7.81
CA ALA A 45 -4.42 0.18 8.13
C ALA A 45 -3.69 1.34 7.46
N TYR A 46 -2.36 1.27 7.44
CA TYR A 46 -1.57 2.30 6.75
C TYR A 46 -1.85 2.26 5.26
N ALA A 47 -2.05 1.06 4.72
CA ALA A 47 -2.37 0.87 3.31
C ALA A 47 -3.61 1.69 2.94
N LYS A 48 -4.58 1.70 3.86
CA LYS A 48 -5.79 2.50 3.70
C LYS A 48 -5.48 4.00 3.69
N LYS A 49 -4.55 4.41 4.54
CA LYS A 49 -4.13 5.82 4.58
C LYS A 49 -3.65 6.27 3.19
N VAL A 50 -2.80 5.45 2.58
CA VAL A 50 -2.34 5.70 1.23
C VAL A 50 -3.52 5.84 0.26
N GLU A 51 -4.50 4.94 0.39
CA GLU A 51 -5.69 4.98 -0.43
C GLU A 51 -6.36 6.34 -0.34
N GLY A 52 -6.49 6.83 0.90
CA GLY A 52 -7.13 8.12 1.12
C GLY A 52 -6.37 9.27 0.50
N ASP A 53 -5.07 9.32 0.72
CA ASP A 53 -4.25 10.43 0.21
C ASP A 53 -4.24 10.43 -1.32
N MET A 54 -4.13 9.25 -1.92
CA MET A 54 -4.16 9.10 -3.38
C MET A 54 -5.53 9.51 -3.92
N TYR A 55 -6.56 9.18 -3.15
CA TYR A 55 -7.97 9.32 -3.58
C TYR A 55 -8.29 10.70 -4.17
N GLU A 56 -7.71 11.77 -3.63
CA GLU A 56 -7.97 13.11 -4.18
C GLU A 56 -7.41 13.22 -5.59
N SER A 57 -6.15 12.84 -5.74
CA SER A 57 -5.48 12.83 -7.04
C SER A 57 -6.13 11.82 -7.99
N ALA A 58 -6.54 10.69 -7.42
CA ALA A 58 -7.24 9.60 -8.13
C ALA A 58 -8.49 10.02 -8.91
N ASN A 59 -8.63 11.29 -9.23
CA ASN A 59 -9.78 11.78 -9.96
C ASN A 59 -9.56 11.56 -11.46
N SER A 60 -8.62 10.67 -11.79
CA SER A 60 -8.36 10.30 -13.18
C SER A 60 -7.84 8.86 -13.22
N ARG A 61 -8.36 8.05 -14.14
CA ARG A 61 -8.09 6.61 -14.15
C ARG A 61 -6.60 6.31 -14.15
N ASP A 62 -5.88 6.93 -15.08
CA ASP A 62 -4.45 6.69 -15.23
C ASP A 62 -3.69 7.15 -13.99
N GLU A 63 -4.10 8.30 -13.47
CA GLU A 63 -3.44 8.89 -12.32
C GLU A 63 -3.52 7.97 -11.11
N TYR A 64 -4.69 7.39 -10.89
CA TYR A 64 -4.91 6.52 -9.74
C TYR A 64 -3.93 5.36 -9.75
N TYR A 65 -3.83 4.67 -10.90
CA TYR A 65 -2.94 3.54 -11.04
C TYR A 65 -1.48 3.96 -10.96
N HIS A 66 -1.14 5.10 -11.54
CA HIS A 66 0.25 5.54 -11.62
C HIS A 66 0.80 5.82 -10.23
N LEU A 67 -0.02 6.47 -9.41
CA LEU A 67 0.38 6.82 -8.05
C LEU A 67 0.60 5.56 -7.22
N LEU A 68 -0.35 4.64 -7.28
CA LEU A 68 -0.25 3.39 -6.52
C LEU A 68 0.93 2.55 -7.00
N ALA A 69 1.08 2.42 -8.32
CA ALA A 69 2.19 1.67 -8.90
C ALA A 69 3.54 2.29 -8.52
N GLU A 70 3.63 3.62 -8.65
CA GLU A 70 4.86 4.34 -8.27
C GLU A 70 5.20 4.06 -6.81
N LYS A 71 4.17 4.10 -5.99
CA LYS A 71 4.29 3.83 -4.56
C LYS A 71 4.84 2.42 -4.32
N ILE A 72 4.37 1.46 -5.10
CA ILE A 72 4.81 0.07 -4.95
C ILE A 72 6.30 -0.07 -5.26
N TYR A 73 6.74 0.58 -6.34
CA TYR A 73 8.16 0.53 -6.72
C TYR A 73 9.01 1.18 -5.62
N LYS A 74 8.50 2.28 -5.05
CA LYS A 74 9.20 2.97 -3.97
C LYS A 74 9.46 2.02 -2.81
N ILE A 75 8.44 1.24 -2.44
CA ILE A 75 8.57 0.25 -1.38
C ILE A 75 9.59 -0.82 -1.74
N GLN A 76 9.63 -1.20 -3.02
CA GLN A 76 10.51 -2.29 -3.45
C GLN A 76 11.95 -1.87 -3.26
N LYS A 77 12.24 -0.62 -3.61
CA LYS A 77 13.56 -0.06 -3.46
C LYS A 77 13.95 0.06 -2.00
N GLU A 78 12.99 0.47 -1.16
CA GLU A 78 13.24 0.62 0.27
C GLU A 78 13.68 -0.69 0.88
N LEU A 79 12.93 -1.75 0.58
CA LEU A 79 13.23 -3.09 1.10
C LEU A 79 14.62 -3.53 0.67
N GLU A 80 14.93 -3.38 -0.61
CA GLU A 80 16.22 -3.81 -1.15
C GLU A 80 17.35 -2.98 -0.54
N GLU A 81 17.13 -1.68 -0.45
CA GLU A 81 18.12 -0.76 0.08
C GLU A 81 18.51 -1.12 1.52
N LYS A 82 17.50 -1.29 2.37
CA LYS A 82 17.74 -1.55 3.77
C LYS A 82 18.37 -2.92 4.01
N ARG A 83 17.85 -3.96 3.35
CA ARG A 83 18.29 -5.32 3.63
C ARG A 83 19.65 -5.60 3.03
N ARG A 84 20.02 -4.78 2.08
CA ARG A 84 21.30 -4.89 1.42
C ARG A 84 22.44 -4.60 2.40
N SER A 85 22.16 -3.74 3.36
CA SER A 85 23.12 -3.39 4.39
C SER A 85 22.86 -4.20 5.66
N ARG A 86 21.81 -5.01 5.63
CA ARG A 86 21.41 -5.76 6.80
C ARG A 86 21.98 -7.16 6.74
N LEU A 87 23.30 -7.24 6.80
CA LEU A 87 23.99 -8.52 6.85
C LEU A 87 23.88 -9.09 8.25
N ASP B 1 3.55 15.69 0.82
CA ASP B 1 4.22 14.49 1.29
C ASP B 1 3.55 13.90 2.52
N ALA B 2 2.34 13.39 2.33
CA ALA B 2 1.60 12.73 3.41
C ALA B 2 2.01 11.27 3.51
N GLY B 3 3.26 11.00 3.18
CA GLY B 3 3.77 9.66 3.18
C GLY B 3 3.56 8.98 1.85
N ASN B 4 4.18 9.55 0.84
CA ASN B 4 4.18 8.96 -0.49
C ASN B 4 5.15 7.79 -0.49
N ILE B 5 6.33 8.05 0.07
CA ILE B 5 7.27 6.98 0.38
C ILE B 5 6.91 6.44 1.75
N LEU B 6 6.83 5.12 1.89
CA LEU B 6 6.36 4.53 3.12
C LEU B 6 7.46 4.52 4.17
N PRO B 7 7.10 4.90 5.41
CA PRO B 7 8.04 5.05 6.53
C PRO B 7 9.01 3.89 6.69
N SER B 8 10.26 4.24 6.93
CA SER B 8 11.33 3.29 7.17
C SER B 8 10.97 2.34 8.31
N ASP B 9 10.32 2.87 9.34
CA ASP B 9 9.90 2.09 10.50
C ASP B 9 9.06 0.88 10.10
N ILE B 10 8.05 1.10 9.25
CA ILE B 10 7.18 0.02 8.80
C ILE B 10 7.99 -0.99 7.98
N MET B 11 8.90 -0.47 7.17
CA MET B 11 9.80 -1.30 6.37
C MET B 11 10.67 -2.16 7.30
N ASP B 12 11.18 -1.55 8.36
CA ASP B 12 11.92 -2.28 9.39
C ASP B 12 11.03 -3.30 10.08
N PHE B 13 9.78 -2.94 10.31
CA PHE B 13 8.83 -3.78 11.02
C PHE B 13 8.66 -5.15 10.34
N VAL B 14 8.48 -5.15 9.01
CA VAL B 14 8.38 -6.42 8.28
C VAL B 14 9.71 -7.18 8.33
N LEU B 15 10.81 -6.46 8.18
CA LEU B 15 12.15 -7.04 8.31
C LEU B 15 12.32 -7.70 9.68
N LYS B 16 11.72 -7.10 10.71
CA LYS B 16 11.81 -7.62 12.07
C LYS B 16 11.16 -9.01 12.16
N ASN B 17 10.27 -9.31 11.22
CA ASN B 17 9.56 -10.58 11.20
C ASN B 17 10.28 -11.61 10.34
N THR B 18 9.87 -12.86 10.47
CA THR B 18 10.37 -13.92 9.62
C THR B 18 9.21 -14.76 9.12
N PRO B 19 8.71 -14.46 7.90
CA PRO B 19 7.59 -15.17 7.30
C PRO B 19 7.89 -16.65 7.05
N GLY A 1 -28.77 8.07 -11.20
CA GLY A 1 -27.46 8.66 -11.07
C GLY A 1 -27.32 9.43 -9.77
N VAL A 2 -26.08 9.76 -9.44
CA VAL A 2 -25.78 10.47 -8.20
C VAL A 2 -25.15 11.81 -8.52
N ARG A 3 -25.14 12.71 -7.54
CA ARG A 3 -24.52 14.02 -7.71
C ARG A 3 -23.00 13.89 -7.63
N LYS A 4 -22.54 12.83 -6.98
CA LYS A 4 -21.12 12.56 -6.90
C LYS A 4 -20.67 11.73 -8.10
N GLY A 5 -20.76 12.35 -9.28
CA GLY A 5 -20.49 11.66 -10.51
C GLY A 5 -19.03 11.73 -10.93
N TRP A 6 -18.14 11.97 -9.99
CA TRP A 6 -16.72 12.02 -10.33
C TRP A 6 -16.12 10.63 -10.34
N HIS A 7 -16.21 9.94 -9.22
CA HIS A 7 -15.55 8.66 -9.04
C HIS A 7 -16.49 7.50 -9.36
N GLU A 8 -17.70 7.80 -9.84
CA GLU A 8 -18.72 6.77 -10.03
C GLU A 8 -18.23 5.64 -10.96
N HIS A 9 -17.40 5.98 -11.95
CA HIS A 9 -16.81 4.97 -12.83
C HIS A 9 -15.70 4.18 -12.14
N VAL A 10 -15.65 4.25 -10.81
CA VAL A 10 -14.76 3.43 -10.02
C VAL A 10 -15.58 2.68 -8.97
N THR A 11 -15.35 1.39 -8.85
CA THR A 11 -16.00 0.61 -7.83
C THR A 11 -15.12 0.51 -6.58
N GLN A 12 -15.75 0.30 -5.43
CA GLN A 12 -15.02 0.15 -4.17
C GLN A 12 -14.08 -1.04 -4.26
N ASP A 13 -14.55 -2.09 -4.91
CA ASP A 13 -13.78 -3.31 -5.10
C ASP A 13 -12.44 -3.00 -5.76
N LEU A 14 -12.46 -2.08 -6.74
CA LEU A 14 -11.24 -1.63 -7.39
C LEU A 14 -10.25 -1.08 -6.37
N ARG A 15 -10.74 -0.22 -5.48
CA ARG A 15 -9.91 0.38 -4.44
C ARG A 15 -9.33 -0.70 -3.53
N SER A 16 -10.19 -1.59 -3.05
CA SER A 16 -9.77 -2.64 -2.13
C SER A 16 -8.76 -3.59 -2.81
N HIS A 17 -8.97 -3.86 -4.08
CA HIS A 17 -8.06 -4.71 -4.85
C HIS A 17 -6.65 -4.15 -4.80
N LEU A 18 -6.54 -2.85 -5.05
CA LEU A 18 -5.26 -2.14 -5.00
C LEU A 18 -4.69 -2.12 -3.59
N VAL A 19 -5.56 -1.98 -2.59
CA VAL A 19 -5.14 -1.93 -1.20
C VAL A 19 -4.45 -3.22 -0.80
N HIS A 20 -5.05 -4.34 -1.19
CA HIS A 20 -4.49 -5.65 -0.92
C HIS A 20 -3.16 -5.83 -1.63
N LYS A 21 -3.06 -5.28 -2.85
CA LYS A 21 -1.80 -5.29 -3.59
C LYS A 21 -0.73 -4.51 -2.83
N LEU A 22 -1.12 -3.39 -2.23
CA LEU A 22 -0.21 -2.58 -1.43
C LEU A 22 0.25 -3.38 -0.20
N VAL A 23 -0.70 -4.06 0.44
CA VAL A 23 -0.39 -4.98 1.53
C VAL A 23 0.58 -6.06 1.04
N GLN A 24 0.26 -6.63 -0.12
CA GLN A 24 1.10 -7.65 -0.76
C GLN A 24 2.52 -7.14 -0.95
N ALA A 25 2.66 -5.86 -1.32
CA ALA A 25 3.96 -5.24 -1.51
C ALA A 25 4.80 -5.32 -0.24
N ILE A 26 4.16 -5.14 0.91
CA ILE A 26 4.88 -5.16 2.19
C ILE A 26 5.06 -6.62 2.65
N PHE A 27 4.07 -7.46 2.38
CA PHE A 27 4.06 -8.82 2.89
C PHE A 27 3.16 -9.69 2.01
N PRO A 28 3.74 -10.48 1.09
CA PRO A 28 2.95 -11.18 0.07
C PRO A 28 2.20 -12.39 0.63
N THR A 29 2.74 -13.03 1.64
CA THR A 29 2.13 -14.20 2.24
C THR A 29 1.09 -13.82 3.29
N PRO A 30 -0.16 -14.27 3.13
CA PRO A 30 -1.21 -14.09 4.14
C PRO A 30 -1.02 -15.06 5.31
N ASP A 31 0.07 -14.85 6.04
CA ASP A 31 0.43 -15.70 7.17
C ASP A 31 -0.65 -15.66 8.25
N PRO A 32 -1.17 -16.84 8.65
CA PRO A 32 -2.28 -16.94 9.61
C PRO A 32 -1.95 -16.33 10.98
N ALA A 33 -0.68 -16.34 11.36
CA ALA A 33 -0.29 -15.82 12.66
C ALA A 33 -0.22 -14.30 12.61
N ALA A 34 0.54 -13.80 11.63
CA ALA A 34 0.63 -12.37 11.39
C ALA A 34 -0.75 -11.77 11.09
N LEU A 35 -1.63 -12.61 10.56
CA LEU A 35 -2.99 -12.20 10.19
C LEU A 35 -3.75 -11.77 11.44
N LYS A 36 -3.41 -12.37 12.57
CA LYS A 36 -4.07 -12.06 13.82
C LYS A 36 -3.27 -11.03 14.63
N ASP A 37 -2.11 -10.64 14.11
CA ASP A 37 -1.19 -9.76 14.82
C ASP A 37 -1.50 -8.29 14.51
N ARG A 38 -1.49 -7.46 15.55
CA ARG A 38 -1.77 -6.03 15.43
C ARG A 38 -0.89 -5.35 14.37
N ARG A 39 0.38 -5.76 14.29
CA ARG A 39 1.33 -5.12 13.42
C ARG A 39 0.88 -5.19 11.95
N MET A 40 0.33 -6.34 11.55
CA MET A 40 -0.16 -6.47 10.18
C MET A 40 -1.34 -5.52 9.95
N GLU A 41 -2.20 -5.39 10.96
CA GLU A 41 -3.37 -4.52 10.84
C GLU A 41 -2.93 -3.09 10.62
N ASN A 42 -1.87 -2.69 11.29
CA ASN A 42 -1.32 -1.34 11.16
C ASN A 42 -0.85 -1.10 9.73
N LEU A 43 -0.15 -2.06 9.14
CA LEU A 43 0.32 -1.93 7.77
C LEU A 43 -0.87 -1.90 6.81
N VAL A 44 -1.90 -2.71 7.09
CA VAL A 44 -3.10 -2.71 6.27
C VAL A 44 -3.82 -1.37 6.38
N ALA A 45 -3.87 -0.83 7.60
CA ALA A 45 -4.43 0.50 7.83
C ALA A 45 -3.61 1.56 7.09
N TYR A 46 -2.28 1.40 7.10
CA TYR A 46 -1.39 2.30 6.37
C TYR A 46 -1.73 2.27 4.88
N ALA A 47 -2.01 1.07 4.37
CA ALA A 47 -2.42 0.91 2.97
C ALA A 47 -3.69 1.72 2.69
N LYS A 48 -4.69 1.57 3.56
CA LYS A 48 -5.91 2.37 3.48
C LYS A 48 -5.62 3.86 3.55
N LYS A 49 -4.67 4.26 4.38
CA LYS A 49 -4.28 5.66 4.46
C LYS A 49 -3.84 6.17 3.09
N VAL A 50 -2.95 5.42 2.45
CA VAL A 50 -2.54 5.72 1.09
C VAL A 50 -3.72 5.78 0.13
N GLU A 51 -4.55 4.73 0.13
CA GLU A 51 -5.71 4.68 -0.78
C GLU A 51 -6.64 5.87 -0.55
N GLY A 52 -6.83 6.26 0.70
CA GLY A 52 -7.64 7.43 1.01
C GLY A 52 -7.04 8.71 0.45
N ASP A 53 -5.75 8.91 0.66
CA ASP A 53 -5.07 10.10 0.16
C ASP A 53 -5.07 10.12 -1.37
N MET A 54 -4.86 8.95 -1.96
CA MET A 54 -4.91 8.79 -3.41
C MET A 54 -6.29 9.14 -3.95
N TYR A 55 -7.32 8.80 -3.18
CA TYR A 55 -8.71 8.93 -3.62
C TYR A 55 -9.02 10.35 -4.15
N GLU A 56 -8.44 11.38 -3.53
CA GLU A 56 -8.64 12.75 -4.03
C GLU A 56 -7.95 12.92 -5.38
N SER A 57 -6.69 12.50 -5.43
CA SER A 57 -5.87 12.56 -6.64
C SER A 57 -6.47 11.70 -7.76
N ALA A 58 -7.07 10.58 -7.35
CA ALA A 58 -7.71 9.59 -8.24
C ALA A 58 -8.80 10.17 -9.16
N ASN A 59 -8.74 11.45 -9.44
CA ASN A 59 -9.74 12.10 -10.28
C ASN A 59 -9.47 11.71 -11.74
N SER A 60 -8.41 10.95 -11.94
CA SER A 60 -8.04 10.45 -13.25
C SER A 60 -7.59 8.98 -13.11
N ARG A 61 -8.12 8.12 -13.98
CA ARG A 61 -7.81 6.68 -13.93
C ARG A 61 -6.31 6.43 -14.02
N ASP A 62 -5.67 7.08 -14.98
CA ASP A 62 -4.24 6.92 -15.20
C ASP A 62 -3.45 7.39 -13.98
N GLU A 63 -3.90 8.49 -13.39
CA GLU A 63 -3.22 9.06 -12.23
C GLU A 63 -3.28 8.09 -11.04
N TYR A 64 -4.47 7.59 -10.77
CA TYR A 64 -4.70 6.69 -9.62
C TYR A 64 -3.75 5.51 -9.64
N TYR A 65 -3.65 4.82 -10.77
CA TYR A 65 -2.78 3.68 -10.91
C TYR A 65 -1.32 4.08 -10.81
N HIS A 66 -0.96 5.22 -11.39
CA HIS A 66 0.42 5.66 -11.45
C HIS A 66 0.96 5.98 -10.05
N LEU A 67 0.12 6.62 -9.25
CA LEU A 67 0.49 7.00 -7.89
C LEU A 67 0.79 5.78 -7.03
N LEU A 68 -0.12 4.82 -7.06
CA LEU A 68 0.06 3.57 -6.34
C LEU A 68 1.29 2.83 -6.84
N ALA A 69 1.48 2.80 -8.16
CA ALA A 69 2.64 2.18 -8.77
C ALA A 69 3.94 2.76 -8.21
N GLU A 70 3.97 4.09 -8.09
CA GLU A 70 5.15 4.78 -7.54
C GLU A 70 5.45 4.28 -6.13
N LYS A 71 4.42 4.18 -5.31
CA LYS A 71 4.57 3.80 -3.92
C LYS A 71 5.09 2.36 -3.80
N ILE A 72 4.59 1.48 -4.66
CA ILE A 72 5.04 0.09 -4.65
C ILE A 72 6.52 0.01 -5.03
N TYR A 73 6.93 0.82 -6.00
CA TYR A 73 8.35 0.87 -6.38
C TYR A 73 9.19 1.40 -5.22
N LYS A 74 8.64 2.37 -4.48
CA LYS A 74 9.32 2.91 -3.32
C LYS A 74 9.61 1.79 -2.31
N ILE A 75 8.59 1.00 -2.04
CA ILE A 75 8.73 -0.18 -1.20
C ILE A 75 9.75 -1.16 -1.77
N GLN A 76 9.76 -1.31 -3.09
CA GLN A 76 10.67 -2.25 -3.75
C GLN A 76 12.10 -1.79 -3.55
N LYS A 77 12.30 -0.48 -3.64
CA LYS A 77 13.59 0.13 -3.41
C LYS A 77 14.02 -0.06 -1.96
N GLU A 78 13.10 0.24 -1.04
CA GLU A 78 13.40 0.22 0.39
C GLU A 78 13.83 -1.17 0.85
N LEU A 79 13.04 -2.18 0.48
CA LEU A 79 13.35 -3.56 0.84
C LEU A 79 14.71 -3.98 0.30
N GLU A 80 14.96 -3.65 -0.96
CA GLU A 80 16.20 -3.99 -1.62
C GLU A 80 17.38 -3.27 -0.98
N GLU A 81 17.23 -1.95 -0.83
CA GLU A 81 18.29 -1.10 -0.33
C GLU A 81 18.65 -1.41 1.12
N LYS A 82 17.65 -1.68 1.94
CA LYS A 82 17.89 -2.02 3.34
C LYS A 82 18.65 -3.35 3.45
N ARG A 83 18.28 -4.31 2.62
CA ARG A 83 18.86 -5.64 2.66
C ARG A 83 20.31 -5.60 2.25
N ARG A 84 20.67 -4.52 1.60
CA ARG A 84 22.01 -4.28 1.07
C ARG A 84 23.09 -4.55 2.11
N SER A 85 22.82 -4.23 3.37
CA SER A 85 23.81 -4.50 4.40
C SER A 85 23.54 -5.83 5.11
N ARG A 86 22.29 -6.08 5.54
CA ARG A 86 21.90 -7.41 6.02
C ARG A 86 20.43 -7.43 6.46
N LEU A 87 19.53 -7.54 5.49
CA LEU A 87 18.09 -7.71 5.77
C LEU A 87 17.51 -6.46 6.40
N ASP B 1 0.19 13.62 3.20
CA ASP B 1 0.92 12.88 4.21
C ASP B 1 0.59 11.40 4.10
N ALA B 2 0.63 10.86 2.89
CA ALA B 2 0.32 9.46 2.65
C ALA B 2 1.56 8.60 2.74
N GLY B 3 2.72 9.25 2.65
CA GLY B 3 3.97 8.55 2.69
C GLY B 3 4.65 8.51 1.34
N ASN B 4 5.44 9.54 1.05
CA ASN B 4 6.23 9.57 -0.19
C ASN B 4 7.25 8.44 -0.18
N ILE B 5 7.80 8.19 1.01
CA ILE B 5 8.63 7.02 1.23
C ILE B 5 8.04 6.23 2.39
N LEU B 6 7.85 4.93 2.20
CA LEU B 6 7.18 4.11 3.19
C LEU B 6 8.13 3.74 4.32
N PRO B 7 7.63 3.87 5.58
CA PRO B 7 8.42 3.69 6.80
C PRO B 7 9.33 2.47 6.81
N SER B 8 10.60 2.73 7.14
CA SER B 8 11.62 1.70 7.24
C SER B 8 11.23 0.63 8.25
N ASP B 9 10.62 1.05 9.36
CA ASP B 9 10.23 0.14 10.44
C ASP B 9 9.33 -0.99 9.93
N ILE B 10 8.32 -0.62 9.15
CA ILE B 10 7.40 -1.62 8.58
C ILE B 10 8.16 -2.54 7.63
N MET B 11 9.07 -1.95 6.85
CA MET B 11 9.90 -2.69 5.91
C MET B 11 10.81 -3.67 6.65
N ASP B 12 11.34 -3.24 7.79
CA ASP B 12 12.24 -4.06 8.59
C ASP B 12 11.56 -5.35 9.05
N PHE B 13 10.29 -5.27 9.41
CA PHE B 13 9.58 -6.42 9.96
C PHE B 13 9.65 -7.63 9.04
N VAL B 14 9.34 -7.44 7.76
CA VAL B 14 9.35 -8.53 6.80
C VAL B 14 10.77 -9.09 6.58
N LEU B 15 11.75 -8.19 6.47
CA LEU B 15 13.15 -8.60 6.29
C LEU B 15 13.69 -9.32 7.53
N LYS B 16 13.37 -8.80 8.72
CA LYS B 16 13.97 -9.29 9.95
C LYS B 16 13.26 -10.55 10.47
N ASN B 17 11.95 -10.65 10.28
CA ASN B 17 11.22 -11.82 10.73
C ASN B 17 11.12 -12.84 9.60
N THR B 18 11.50 -14.07 9.89
CA THR B 18 11.48 -15.13 8.91
C THR B 18 10.33 -16.09 9.17
N PRO B 19 9.20 -15.91 8.45
CA PRO B 19 8.02 -16.76 8.59
C PRO B 19 8.23 -18.15 7.99
N GLY A 1 -19.76 13.89 -16.17
CA GLY A 1 -18.90 14.23 -17.26
C GLY A 1 -17.57 14.72 -16.77
N VAL A 2 -16.75 15.23 -17.70
CA VAL A 2 -15.39 15.76 -17.40
C VAL A 2 -14.56 14.82 -16.50
N ARG A 3 -13.39 15.29 -16.07
CA ARG A 3 -12.53 14.48 -15.22
C ARG A 3 -13.20 14.17 -13.87
N LYS A 4 -14.01 15.10 -13.34
CA LYS A 4 -14.75 14.84 -12.11
C LYS A 4 -15.50 13.49 -12.19
N GLY A 5 -15.33 12.67 -11.16
CA GLY A 5 -15.96 11.36 -11.15
C GLY A 5 -15.25 10.40 -10.24
N TRP A 6 -15.49 10.53 -8.95
CA TRP A 6 -14.82 9.71 -7.95
C TRP A 6 -15.46 8.32 -7.88
N HIS A 7 -16.68 8.30 -7.37
CA HIS A 7 -17.37 7.04 -7.09
C HIS A 7 -18.27 6.64 -8.26
N GLU A 8 -18.25 7.43 -9.32
CA GLU A 8 -19.22 7.26 -10.39
C GLU A 8 -18.75 6.23 -11.43
N HIS A 9 -17.46 6.21 -11.74
CA HIS A 9 -16.94 5.29 -12.75
C HIS A 9 -15.75 4.52 -12.18
N VAL A 10 -15.81 4.28 -10.88
CA VAL A 10 -14.87 3.40 -10.21
C VAL A 10 -15.62 2.53 -9.21
N THR A 11 -15.35 1.24 -9.23
CA THR A 11 -16.03 0.31 -8.34
C THR A 11 -15.28 0.16 -7.02
N GLN A 12 -15.99 -0.28 -5.98
CA GLN A 12 -15.40 -0.48 -4.67
C GLN A 12 -14.33 -1.56 -4.75
N ASP A 13 -14.62 -2.58 -5.55
CA ASP A 13 -13.70 -3.70 -5.74
C ASP A 13 -12.34 -3.21 -6.27
N LEU A 14 -12.37 -2.24 -7.18
CA LEU A 14 -11.16 -1.64 -7.70
C LEU A 14 -10.32 -1.04 -6.56
N ARG A 15 -11.01 -0.34 -5.66
CA ARG A 15 -10.36 0.28 -4.52
C ARG A 15 -9.75 -0.75 -3.58
N SER A 16 -10.54 -1.75 -3.21
CA SER A 16 -10.10 -2.79 -2.29
C SER A 16 -9.00 -3.65 -2.90
N HIS A 17 -9.12 -3.96 -4.19
CA HIS A 17 -8.13 -4.78 -4.89
C HIS A 17 -6.74 -4.18 -4.76
N LEU A 18 -6.65 -2.88 -5.06
CA LEU A 18 -5.39 -2.16 -5.00
C LEU A 18 -4.82 -2.10 -3.58
N VAL A 19 -5.71 -1.98 -2.59
CA VAL A 19 -5.28 -1.92 -1.19
C VAL A 19 -4.58 -3.21 -0.80
N HIS A 20 -5.13 -4.34 -1.26
CA HIS A 20 -4.52 -5.64 -0.99
C HIS A 20 -3.16 -5.74 -1.64
N LYS A 21 -3.04 -5.20 -2.85
CA LYS A 21 -1.78 -5.22 -3.58
C LYS A 21 -0.70 -4.45 -2.82
N LEU A 22 -1.09 -3.32 -2.22
CA LEU A 22 -0.17 -2.52 -1.44
C LEU A 22 0.26 -3.30 -0.19
N VAL A 23 -0.70 -3.98 0.44
CA VAL A 23 -0.40 -4.85 1.58
C VAL A 23 0.54 -5.97 1.15
N GLN A 24 0.21 -6.58 0.02
CA GLN A 24 1.01 -7.63 -0.59
C GLN A 24 2.45 -7.17 -0.82
N ALA A 25 2.59 -5.92 -1.23
CA ALA A 25 3.90 -5.32 -1.45
C ALA A 25 4.73 -5.30 -0.16
N ILE A 26 4.08 -5.00 0.96
CA ILE A 26 4.79 -4.92 2.24
C ILE A 26 5.10 -6.32 2.77
N PHE A 27 4.21 -7.27 2.50
CA PHE A 27 4.31 -8.59 3.11
C PHE A 27 3.59 -9.63 2.25
N PRO A 28 4.34 -10.42 1.47
CA PRO A 28 3.74 -11.35 0.50
C PRO A 28 3.19 -12.62 1.16
N THR A 29 3.86 -13.09 2.21
CA THR A 29 3.46 -14.33 2.87
C THR A 29 2.26 -14.12 3.79
N PRO A 30 1.10 -14.69 3.44
CA PRO A 30 -0.11 -14.61 4.27
C PRO A 30 -0.10 -15.65 5.38
N ASP A 31 0.79 -15.48 6.34
CA ASP A 31 0.92 -16.40 7.46
C ASP A 31 -0.35 -16.41 8.31
N PRO A 32 -0.92 -17.60 8.58
CA PRO A 32 -2.20 -17.74 9.32
C PRO A 32 -2.18 -17.10 10.70
N ALA A 33 -1.02 -17.01 11.32
CA ALA A 33 -0.91 -16.37 12.62
C ALA A 33 -0.75 -14.87 12.46
N ALA A 34 0.18 -14.47 11.60
CA ALA A 34 0.39 -13.06 11.29
C ALA A 34 -0.87 -12.40 10.76
N LEU A 35 -1.73 -13.21 10.14
CA LEU A 35 -2.98 -12.72 9.57
C LEU A 35 -3.90 -12.19 10.68
N LYS A 36 -3.77 -12.79 11.86
CA LYS A 36 -4.56 -12.38 13.01
C LYS A 36 -3.71 -11.61 14.01
N ASP A 37 -2.56 -11.14 13.55
CA ASP A 37 -1.65 -10.37 14.40
C ASP A 37 -1.92 -8.87 14.21
N ARG A 38 -2.09 -8.19 15.34
CA ARG A 38 -2.41 -6.77 15.37
C ARG A 38 -1.40 -5.93 14.58
N ARG A 39 -0.13 -6.32 14.65
CA ARG A 39 0.93 -5.66 13.89
C ARG A 39 0.60 -5.60 12.40
N MET A 40 0.04 -6.68 11.86
CA MET A 40 -0.34 -6.70 10.45
C MET A 40 -1.44 -5.67 10.18
N GLU A 41 -2.36 -5.54 11.13
CA GLU A 41 -3.46 -4.60 11.00
C GLU A 41 -2.93 -3.18 10.77
N ASN A 42 -1.84 -2.86 11.46
CA ASN A 42 -1.22 -1.54 11.35
C ASN A 42 -0.70 -1.30 9.94
N LEU A 43 -0.01 -2.28 9.38
CA LEU A 43 0.53 -2.15 8.02
C LEU A 43 -0.62 -2.06 7.01
N VAL A 44 -1.67 -2.83 7.23
CA VAL A 44 -2.84 -2.79 6.36
C VAL A 44 -3.50 -1.41 6.43
N ALA A 45 -3.55 -0.86 7.64
CA ALA A 45 -4.12 0.47 7.86
C ALA A 45 -3.37 1.53 7.05
N TYR A 46 -2.04 1.40 6.96
CA TYR A 46 -1.24 2.33 6.17
C TYR A 46 -1.71 2.33 4.71
N ALA A 47 -2.02 1.14 4.18
CA ALA A 47 -2.53 1.02 2.82
C ALA A 47 -3.85 1.76 2.68
N LYS A 48 -4.73 1.58 3.67
CA LYS A 48 -5.98 2.31 3.77
C LYS A 48 -5.77 3.82 3.71
N LYS A 49 -4.86 4.30 4.54
CA LYS A 49 -4.51 5.72 4.55
C LYS A 49 -4.07 6.18 3.15
N VAL A 50 -3.19 5.39 2.53
CA VAL A 50 -2.77 5.65 1.16
C VAL A 50 -3.96 5.73 0.20
N GLU A 51 -4.85 4.74 0.26
CA GLU A 51 -6.01 4.72 -0.64
C GLU A 51 -6.82 6.01 -0.50
N GLY A 52 -6.98 6.47 0.74
CA GLY A 52 -7.69 7.71 0.99
C GLY A 52 -6.97 8.93 0.44
N ASP A 53 -5.68 9.06 0.76
CA ASP A 53 -4.89 10.23 0.36
C ASP A 53 -4.80 10.33 -1.16
N MET A 54 -4.48 9.21 -1.80
CA MET A 54 -4.39 9.14 -3.26
C MET A 54 -5.71 9.51 -3.90
N TYR A 55 -6.80 9.10 -3.26
CA TYR A 55 -8.15 9.21 -3.83
C TYR A 55 -8.46 10.61 -4.36
N GLU A 56 -7.96 11.65 -3.70
CA GLU A 56 -8.20 13.02 -4.17
C GLU A 56 -7.54 13.24 -5.54
N SER A 57 -6.27 12.88 -5.63
CA SER A 57 -5.53 12.93 -6.90
C SER A 57 -6.10 11.93 -7.90
N ALA A 58 -6.48 10.77 -7.39
CA ALA A 58 -7.06 9.65 -8.16
C ALA A 58 -8.35 9.99 -8.91
N ASN A 59 -8.59 11.27 -9.16
CA ASN A 59 -9.84 11.69 -9.78
C ASN A 59 -9.82 11.36 -11.27
N SER A 60 -8.75 10.71 -11.71
CA SER A 60 -8.61 10.30 -13.09
C SER A 60 -7.95 8.93 -13.16
N ARG A 61 -8.43 8.07 -14.06
CA ARG A 61 -8.06 6.65 -14.07
C ARG A 61 -6.55 6.45 -14.13
N ASP A 62 -5.91 7.13 -15.08
CA ASP A 62 -4.48 6.97 -15.30
C ASP A 62 -3.68 7.41 -14.08
N GLU A 63 -4.09 8.52 -13.48
CA GLU A 63 -3.39 9.06 -12.32
C GLU A 63 -3.45 8.08 -11.16
N TYR A 64 -4.62 7.48 -10.97
CA TYR A 64 -4.87 6.57 -9.85
C TYR A 64 -3.85 5.42 -9.82
N TYR A 65 -3.65 4.76 -10.96
CA TYR A 65 -2.73 3.66 -11.07
C TYR A 65 -1.30 4.12 -10.83
N HIS A 66 -0.98 5.32 -11.31
CA HIS A 66 0.38 5.86 -11.24
C HIS A 66 0.80 6.09 -9.80
N LEU A 67 -0.09 6.69 -9.01
CA LEU A 67 0.20 7.04 -7.63
C LEU A 67 0.56 5.81 -6.81
N LEU A 68 -0.29 4.79 -6.89
CA LEU A 68 -0.07 3.55 -6.16
C LEU A 68 1.19 2.83 -6.65
N ALA A 69 1.37 2.77 -7.97
CA ALA A 69 2.53 2.10 -8.56
C ALA A 69 3.85 2.69 -8.07
N GLU A 70 3.90 4.02 -7.98
CA GLU A 70 5.10 4.71 -7.50
C GLU A 70 5.42 4.27 -6.07
N LYS A 71 4.39 4.16 -5.24
CA LYS A 71 4.56 3.73 -3.86
C LYS A 71 5.08 2.30 -3.78
N ILE A 72 4.56 1.43 -4.65
CA ILE A 72 4.98 0.03 -4.66
C ILE A 72 6.45 -0.09 -5.05
N TYR A 73 6.88 0.71 -6.02
CA TYR A 73 8.28 0.70 -6.45
C TYR A 73 9.18 1.18 -5.30
N LYS A 74 8.70 2.16 -4.54
CA LYS A 74 9.44 2.64 -3.38
C LYS A 74 9.70 1.49 -2.42
N ILE A 75 8.65 0.71 -2.18
CA ILE A 75 8.74 -0.48 -1.34
C ILE A 75 9.74 -1.49 -1.93
N GLN A 76 9.75 -1.61 -3.26
CA GLN A 76 10.59 -2.61 -3.92
C GLN A 76 12.06 -2.25 -3.70
N LYS A 77 12.35 -0.96 -3.80
CA LYS A 77 13.69 -0.48 -3.53
C LYS A 77 14.06 -0.69 -2.07
N GLU A 78 13.14 -0.35 -1.16
CA GLU A 78 13.37 -0.51 0.27
C GLU A 78 13.58 -1.97 0.65
N LEU A 79 12.81 -2.86 0.04
CA LEU A 79 12.98 -4.30 0.26
C LEU A 79 14.40 -4.72 -0.12
N GLU A 80 14.90 -4.17 -1.21
CA GLU A 80 16.29 -4.39 -1.60
C GLU A 80 17.25 -3.78 -0.59
N GLU A 81 16.96 -2.55 -0.16
CA GLU A 81 17.80 -1.82 0.78
C GLU A 81 17.88 -2.50 2.14
N LYS A 82 16.75 -3.03 2.61
CA LYS A 82 16.68 -3.67 3.92
C LYS A 82 17.71 -4.80 4.04
N ARG A 83 17.93 -5.50 2.93
CA ARG A 83 18.87 -6.62 2.89
C ARG A 83 20.32 -6.16 3.03
N ARG A 84 20.47 -4.88 3.33
CA ARG A 84 21.77 -4.26 3.61
C ARG A 84 22.62 -5.15 4.52
N SER A 85 21.99 -5.81 5.48
CA SER A 85 22.70 -6.77 6.31
C SER A 85 21.97 -8.12 6.35
N ARG A 86 20.63 -8.10 6.38
CA ARG A 86 19.84 -9.33 6.44
C ARG A 86 18.48 -9.13 5.77
N LEU A 87 17.88 -10.26 5.34
CA LEU A 87 16.51 -10.28 4.84
C LEU A 87 16.39 -9.61 3.48
N ASP B 1 1.50 15.12 -0.49
CA ASP B 1 2.66 14.72 0.32
C ASP B 1 2.21 13.92 1.54
N ALA B 2 2.12 12.62 1.37
CA ALA B 2 1.82 11.72 2.48
C ALA B 2 2.96 10.73 2.67
N GLY B 3 4.17 11.22 2.41
CA GLY B 3 5.34 10.37 2.48
C GLY B 3 5.47 9.48 1.27
N ASN B 4 6.25 9.92 0.29
CA ASN B 4 6.51 9.12 -0.91
C ASN B 4 7.12 7.78 -0.53
N ILE B 5 8.09 7.85 0.36
CA ILE B 5 8.77 6.65 0.84
C ILE B 5 8.11 6.18 2.14
N LEU B 6 8.11 4.87 2.37
CA LEU B 6 7.37 4.31 3.49
C LEU B 6 8.16 4.43 4.79
N PRO B 7 7.46 4.74 5.89
CA PRO B 7 8.07 4.89 7.22
C PRO B 7 8.79 3.63 7.67
N SER B 8 9.89 3.83 8.39
CA SER B 8 10.71 2.75 8.91
C SER B 8 9.88 1.80 9.76
N ASP B 9 8.94 2.37 10.51
CA ASP B 9 8.12 1.59 11.45
C ASP B 9 7.45 0.41 10.76
N ILE B 10 6.83 0.64 9.60
CA ILE B 10 6.17 -0.42 8.86
C ILE B 10 7.18 -1.44 8.34
N MET B 11 8.28 -0.95 7.79
CA MET B 11 9.33 -1.82 7.29
C MET B 11 9.94 -2.65 8.42
N ASP B 12 10.07 -2.02 9.57
CA ASP B 12 10.54 -2.69 10.77
C ASP B 12 9.70 -3.93 11.08
N PHE B 13 8.40 -3.84 10.82
CA PHE B 13 7.50 -4.99 11.05
C PHE B 13 7.95 -6.21 10.24
N VAL B 14 8.19 -6.04 8.94
CA VAL B 14 8.61 -7.15 8.10
C VAL B 14 10.02 -7.62 8.49
N LEU B 15 10.89 -6.67 8.82
CA LEU B 15 12.24 -6.99 9.33
C LEU B 15 12.15 -7.89 10.56
N LYS B 16 11.15 -7.64 11.41
CA LYS B 16 10.97 -8.42 12.64
C LYS B 16 10.61 -9.88 12.31
N ASN B 17 10.24 -10.14 11.06
CA ASN B 17 9.87 -11.47 10.63
C ASN B 17 10.99 -12.10 9.81
N THR B 18 11.20 -13.39 10.01
CA THR B 18 12.17 -14.12 9.23
C THR B 18 11.51 -15.30 8.53
N PRO B 19 11.13 -15.12 7.25
CA PRO B 19 10.47 -16.17 6.46
C PRO B 19 11.42 -17.32 6.14
N GLY A 1 -29.03 -1.11 -5.03
CA GLY A 1 -28.54 0.25 -4.81
C GLY A 1 -29.45 1.31 -5.41
N VAL A 2 -29.51 2.46 -4.75
CA VAL A 2 -30.40 3.52 -5.20
C VAL A 2 -29.74 4.41 -6.24
N ARG A 3 -30.46 5.43 -6.69
CA ARG A 3 -29.94 6.33 -7.73
C ARG A 3 -28.73 7.13 -7.23
N LYS A 4 -28.60 7.27 -5.91
CA LYS A 4 -27.45 7.97 -5.34
C LYS A 4 -26.18 7.18 -5.66
N GLY A 5 -25.17 7.88 -6.16
CA GLY A 5 -23.99 7.23 -6.64
C GLY A 5 -22.96 8.21 -7.14
N TRP A 6 -22.25 8.82 -6.20
CA TRP A 6 -21.19 9.76 -6.53
C TRP A 6 -19.94 8.98 -6.93
N HIS A 7 -19.65 7.95 -6.16
CA HIS A 7 -18.44 7.15 -6.33
C HIS A 7 -18.57 6.14 -7.44
N GLU A 8 -19.71 6.14 -8.14
CA GLU A 8 -19.99 5.11 -9.15
C GLU A 8 -18.86 4.94 -10.16
N HIS A 9 -18.17 6.04 -10.52
CA HIS A 9 -16.99 5.95 -11.41
C HIS A 9 -15.89 5.02 -10.87
N VAL A 10 -16.00 4.59 -9.61
CA VAL A 10 -15.04 3.66 -9.02
C VAL A 10 -15.77 2.62 -8.20
N THR A 11 -15.44 1.36 -8.38
CA THR A 11 -16.05 0.30 -7.60
C THR A 11 -15.23 0.03 -6.34
N GLN A 12 -15.90 -0.41 -5.29
CA GLN A 12 -15.23 -0.72 -4.03
C GLN A 12 -14.18 -1.79 -4.27
N ASP A 13 -14.51 -2.74 -5.13
CA ASP A 13 -13.60 -3.82 -5.47
C ASP A 13 -12.29 -3.27 -6.04
N LEU A 14 -12.38 -2.23 -6.86
CA LEU A 14 -11.18 -1.59 -7.41
C LEU A 14 -10.26 -1.10 -6.30
N ARG A 15 -10.82 -0.33 -5.38
CA ARG A 15 -10.06 0.26 -4.28
C ARG A 15 -9.48 -0.81 -3.37
N SER A 16 -10.32 -1.76 -2.97
CA SER A 16 -9.90 -2.81 -2.05
C SER A 16 -8.80 -3.68 -2.67
N HIS A 17 -8.95 -3.98 -3.96
CA HIS A 17 -7.97 -4.79 -4.68
C HIS A 17 -6.59 -4.15 -4.60
N LEU A 18 -6.56 -2.84 -4.79
CA LEU A 18 -5.32 -2.07 -4.72
C LEU A 18 -4.72 -2.11 -3.33
N VAL A 19 -5.59 -2.06 -2.32
CA VAL A 19 -5.15 -2.07 -0.93
C VAL A 19 -4.45 -3.39 -0.59
N HIS A 20 -5.05 -4.51 -1.01
CA HIS A 20 -4.45 -5.82 -0.74
C HIS A 20 -3.10 -5.94 -1.45
N LYS A 21 -3.05 -5.39 -2.66
CA LYS A 21 -1.81 -5.40 -3.44
C LYS A 21 -0.71 -4.62 -2.71
N LEU A 22 -1.09 -3.50 -2.10
CA LEU A 22 -0.16 -2.71 -1.31
C LEU A 22 0.29 -3.51 -0.08
N VAL A 23 -0.65 -4.17 0.58
CA VAL A 23 -0.35 -5.10 1.66
C VAL A 23 0.65 -6.16 1.19
N GLN A 24 0.38 -6.70 0.01
CA GLN A 24 1.23 -7.71 -0.60
C GLN A 24 2.65 -7.16 -0.78
N ALA A 25 2.75 -5.89 -1.15
CA ALA A 25 4.03 -5.25 -1.36
C ALA A 25 4.88 -5.27 -0.08
N ILE A 26 4.24 -5.01 1.06
CA ILE A 26 4.96 -4.98 2.33
C ILE A 26 5.19 -6.40 2.85
N PHE A 27 4.27 -7.31 2.57
CA PHE A 27 4.34 -8.66 3.09
C PHE A 27 3.55 -9.60 2.19
N PRO A 28 4.22 -10.23 1.22
CA PRO A 28 3.53 -11.00 0.17
C PRO A 28 2.98 -12.33 0.65
N THR A 29 3.68 -12.95 1.59
CA THR A 29 3.28 -14.26 2.10
C THR A 29 2.06 -14.17 3.01
N PRO A 30 0.90 -14.65 2.53
CA PRO A 30 -0.35 -14.60 3.29
C PRO A 30 -0.44 -15.71 4.33
N ASP A 31 0.30 -15.56 5.41
CA ASP A 31 0.30 -16.56 6.48
C ASP A 31 -1.01 -16.49 7.26
N PRO A 32 -1.72 -17.63 7.37
CA PRO A 32 -3.06 -17.69 7.98
C PRO A 32 -3.10 -17.17 9.42
N ALA A 33 -1.97 -17.23 10.12
CA ALA A 33 -1.92 -16.76 11.50
C ALA A 33 -1.58 -15.28 11.54
N ALA A 34 -0.54 -14.91 10.80
CA ALA A 34 -0.15 -13.50 10.66
C ALA A 34 -1.30 -12.65 10.12
N LEU A 35 -2.17 -13.30 9.34
CA LEU A 35 -3.33 -12.64 8.76
C LEU A 35 -4.25 -12.11 9.86
N LYS A 36 -4.30 -12.83 10.97
CA LYS A 36 -5.17 -12.46 12.09
C LYS A 36 -4.41 -11.66 13.14
N ASP A 37 -3.24 -11.16 12.77
CA ASP A 37 -2.35 -10.48 13.72
C ASP A 37 -2.52 -8.96 13.65
N ARG A 38 -2.47 -8.32 14.82
CA ARG A 38 -2.67 -6.88 14.95
C ARG A 38 -1.56 -6.10 14.24
N ARG A 39 -0.32 -6.57 14.31
CA ARG A 39 0.81 -5.90 13.67
C ARG A 39 0.55 -5.75 12.17
N MET A 40 0.05 -6.82 11.54
CA MET A 40 -0.34 -6.76 10.14
C MET A 40 -1.47 -5.76 9.92
N GLU A 41 -2.41 -5.70 10.87
CA GLU A 41 -3.54 -4.80 10.77
C GLU A 41 -3.06 -3.36 10.62
N ASN A 42 -2.00 -3.02 11.34
CA ASN A 42 -1.42 -1.67 11.28
C ASN A 42 -0.91 -1.35 9.87
N LEU A 43 -0.24 -2.32 9.24
CA LEU A 43 0.27 -2.09 7.89
C LEU A 43 -0.89 -1.95 6.92
N VAL A 44 -1.94 -2.75 7.13
CA VAL A 44 -3.14 -2.68 6.30
C VAL A 44 -3.83 -1.33 6.47
N ALA A 45 -3.86 -0.85 7.72
CA ALA A 45 -4.43 0.45 8.03
C ALA A 45 -3.68 1.55 7.28
N TYR A 46 -2.36 1.41 7.18
CA TYR A 46 -1.56 2.36 6.42
C TYR A 46 -1.94 2.31 4.93
N ALA A 47 -2.19 1.09 4.44
CA ALA A 47 -2.61 0.91 3.05
C ALA A 47 -3.94 1.62 2.80
N LYS A 48 -4.84 1.53 3.78
CA LYS A 48 -6.10 2.25 3.77
C LYS A 48 -5.87 3.76 3.69
N LYS A 49 -4.97 4.22 4.55
CA LYS A 49 -4.57 5.62 4.58
C LYS A 49 -4.10 6.06 3.18
N VAL A 50 -3.32 5.21 2.54
CA VAL A 50 -2.87 5.46 1.17
C VAL A 50 -4.05 5.58 0.20
N GLU A 51 -4.97 4.62 0.24
CA GLU A 51 -6.12 4.63 -0.68
C GLU A 51 -6.89 5.94 -0.55
N GLY A 52 -7.03 6.41 0.69
CA GLY A 52 -7.73 7.65 0.95
C GLY A 52 -7.00 8.86 0.38
N ASP A 53 -5.69 8.93 0.64
CA ASP A 53 -4.88 10.07 0.20
C ASP A 53 -4.80 10.18 -1.31
N MET A 54 -4.61 9.03 -1.97
CA MET A 54 -4.51 8.98 -3.43
C MET A 54 -5.74 9.59 -4.08
N TYR A 55 -6.89 9.36 -3.46
CA TYR A 55 -8.19 9.75 -4.01
C TYR A 55 -8.21 11.21 -4.48
N GLU A 56 -7.52 12.13 -3.80
CA GLU A 56 -7.55 13.53 -4.22
C GLU A 56 -6.94 13.69 -5.60
N SER A 57 -5.73 13.18 -5.79
CA SER A 57 -5.05 13.19 -7.08
C SER A 57 -5.78 12.28 -8.08
N ALA A 58 -6.23 11.12 -7.58
CA ALA A 58 -6.92 10.09 -8.37
C ALA A 58 -8.20 10.54 -9.09
N ASN A 59 -8.36 11.84 -9.30
CA ASN A 59 -9.56 12.34 -9.97
C ASN A 59 -9.52 11.95 -11.46
N SER A 60 -8.43 11.30 -11.85
CA SER A 60 -8.29 10.77 -13.20
C SER A 60 -7.89 9.29 -13.13
N ARG A 61 -8.49 8.46 -13.98
CA ARG A 61 -8.23 7.02 -13.96
C ARG A 61 -6.74 6.71 -14.10
N ASP A 62 -6.12 7.31 -15.11
CA ASP A 62 -4.70 7.10 -15.38
C ASP A 62 -3.85 7.49 -14.17
N GLU A 63 -4.23 8.60 -13.54
CA GLU A 63 -3.48 9.12 -12.40
C GLU A 63 -3.48 8.12 -11.23
N TYR A 64 -4.64 7.57 -10.92
CA TYR A 64 -4.81 6.68 -9.78
C TYR A 64 -3.81 5.51 -9.84
N TYR A 65 -3.70 4.89 -11.00
CA TYR A 65 -2.80 3.78 -11.22
C TYR A 65 -1.35 4.21 -11.02
N HIS A 66 -1.04 5.43 -11.47
CA HIS A 66 0.33 5.93 -11.45
C HIS A 66 0.82 6.11 -10.02
N LEU A 67 -0.06 6.65 -9.19
CA LEU A 67 0.27 6.98 -7.81
C LEU A 67 0.65 5.73 -7.01
N LEU A 68 -0.21 4.72 -7.10
CA LEU A 68 0.02 3.46 -6.42
C LEU A 68 1.30 2.78 -6.91
N ALA A 69 1.49 2.78 -8.22
CA ALA A 69 2.66 2.17 -8.84
C ALA A 69 3.96 2.72 -8.26
N GLU A 70 4.03 4.04 -8.12
CA GLU A 70 5.22 4.68 -7.56
C GLU A 70 5.52 4.16 -6.16
N LYS A 71 4.49 4.14 -5.31
CA LYS A 71 4.66 3.76 -3.92
C LYS A 71 5.07 2.31 -3.78
N ILE A 72 4.47 1.45 -4.58
CA ILE A 72 4.79 0.03 -4.54
C ILE A 72 6.25 -0.19 -4.97
N TYR A 73 6.67 0.54 -6.00
CA TYR A 73 8.07 0.46 -6.44
C TYR A 73 9.01 0.97 -5.35
N LYS A 74 8.59 2.01 -4.62
CA LYS A 74 9.41 2.55 -3.54
C LYS A 74 9.72 1.47 -2.51
N ILE A 75 8.70 0.70 -2.16
CA ILE A 75 8.85 -0.43 -1.27
C ILE A 75 9.77 -1.49 -1.88
N GLN A 76 9.65 -1.69 -3.20
CA GLN A 76 10.49 -2.66 -3.90
C GLN A 76 11.95 -2.21 -3.82
N LYS A 77 12.16 -0.91 -3.94
CA LYS A 77 13.47 -0.30 -3.74
C LYS A 77 14.03 -0.67 -2.37
N GLU A 78 13.18 -0.51 -1.36
CA GLU A 78 13.55 -0.84 0.01
C GLU A 78 13.89 -2.33 0.13
N LEU A 79 13.12 -3.15 -0.56
CA LEU A 79 13.34 -4.59 -0.57
C LEU A 79 14.69 -4.94 -1.23
N GLU A 80 15.03 -4.22 -2.29
CA GLU A 80 16.36 -4.35 -2.89
C GLU A 80 17.44 -3.87 -1.92
N GLU A 81 17.19 -2.72 -1.30
CA GLU A 81 18.13 -2.08 -0.40
C GLU A 81 18.43 -2.93 0.85
N LYS A 82 17.39 -3.51 1.44
CA LYS A 82 17.53 -4.26 2.68
C LYS A 82 18.54 -5.40 2.57
N ARG A 83 18.61 -6.04 1.39
CA ARG A 83 19.51 -7.17 1.17
C ARG A 83 20.98 -6.74 1.25
N ARG A 84 21.18 -5.50 1.63
CA ARG A 84 22.49 -4.94 1.93
C ARG A 84 23.36 -5.89 2.75
N SER A 85 22.75 -6.63 3.67
CA SER A 85 23.53 -7.59 4.46
C SER A 85 23.01 -9.03 4.30
N ARG A 86 21.69 -9.24 4.32
CA ARG A 86 21.17 -10.60 4.19
C ARG A 86 19.73 -10.62 3.67
N LEU A 87 19.53 -11.43 2.62
CA LEU A 87 18.20 -11.71 2.03
C LEU A 87 17.25 -10.52 2.06
N ASP B 1 8.86 13.84 -5.09
CA ASP B 1 9.65 12.80 -4.43
C ASP B 1 10.11 13.30 -3.07
N ALA B 2 9.27 14.10 -2.43
CA ALA B 2 9.57 14.63 -1.10
C ALA B 2 9.18 13.62 -0.03
N GLY B 3 9.94 12.55 0.04
CA GLY B 3 9.63 11.47 0.95
C GLY B 3 8.42 10.70 0.50
N ASN B 4 8.55 10.10 -0.66
CA ASN B 4 7.47 9.30 -1.25
C ASN B 4 7.70 7.84 -0.95
N ILE B 5 8.47 7.58 0.09
CA ILE B 5 8.78 6.22 0.52
C ILE B 5 7.92 5.84 1.71
N LEU B 6 7.56 4.58 1.80
CA LEU B 6 6.70 4.12 2.88
C LEU B 6 7.52 3.93 4.15
N PRO B 7 6.99 4.43 5.28
CA PRO B 7 7.65 4.47 6.59
C PRO B 7 8.54 3.26 6.89
N SER B 8 9.75 3.59 7.31
CA SER B 8 10.75 2.61 7.71
C SER B 8 10.20 1.69 8.81
N ASP B 9 9.43 2.29 9.72
CA ASP B 9 8.88 1.56 10.87
C ASP B 9 8.01 0.38 10.44
N ILE B 10 7.12 0.63 9.47
CA ILE B 10 6.26 -0.43 8.93
C ILE B 10 7.10 -1.48 8.20
N MET B 11 8.10 -1.01 7.46
CA MET B 11 9.04 -1.87 6.77
C MET B 11 9.71 -2.84 7.73
N ASP B 12 10.00 -2.36 8.94
CA ASP B 12 10.66 -3.17 9.96
C ASP B 12 9.91 -4.47 10.22
N PHE B 13 8.57 -4.42 10.16
CA PHE B 13 7.76 -5.60 10.46
C PHE B 13 8.16 -6.79 9.59
N VAL B 14 8.22 -6.60 8.28
CA VAL B 14 8.65 -7.66 7.37
C VAL B 14 10.14 -7.97 7.54
N LEU B 15 10.94 -6.92 7.72
CA LEU B 15 12.38 -7.06 7.89
C LEU B 15 12.72 -7.95 9.08
N LYS B 16 11.97 -7.82 10.16
CA LYS B 16 12.26 -8.55 11.40
C LYS B 16 11.25 -9.68 11.61
N ASN B 17 10.81 -10.28 10.49
CA ASN B 17 9.89 -11.41 10.57
C ASN B 17 10.29 -12.48 9.58
N THR B 18 10.22 -13.73 10.02
CA THR B 18 10.52 -14.86 9.15
C THR B 18 9.23 -15.63 8.82
N PRO B 19 8.61 -15.30 7.69
CA PRO B 19 7.31 -15.87 7.29
C PRO B 19 7.40 -17.37 6.95
N GLY A 1 -15.58 16.95 -14.13
CA GLY A 1 -15.00 16.85 -12.79
C GLY A 1 -15.66 17.82 -11.84
N VAL A 2 -16.55 17.32 -11.00
CA VAL A 2 -17.32 18.15 -10.08
C VAL A 2 -17.52 17.41 -8.78
N ARG A 3 -17.93 18.13 -7.73
CA ARG A 3 -18.07 17.55 -6.39
C ARG A 3 -19.33 16.70 -6.27
N LYS A 4 -19.94 16.40 -7.40
CA LYS A 4 -21.02 15.43 -7.46
C LYS A 4 -20.75 14.42 -8.56
N GLY A 5 -20.71 13.14 -8.21
CA GLY A 5 -20.32 12.13 -9.19
C GLY A 5 -18.86 11.79 -9.05
N TRP A 6 -18.46 11.49 -7.83
CA TRP A 6 -17.05 11.27 -7.52
C TRP A 6 -16.65 9.82 -7.77
N HIS A 7 -17.24 8.92 -7.00
CA HIS A 7 -16.77 7.53 -6.94
C HIS A 7 -17.26 6.69 -8.09
N GLU A 8 -18.00 7.25 -9.03
CA GLU A 8 -18.62 6.44 -10.06
C GLU A 8 -17.57 5.76 -10.95
N HIS A 9 -16.57 6.52 -11.40
CA HIS A 9 -15.50 5.96 -12.24
C HIS A 9 -14.55 5.02 -11.48
N VAL A 10 -14.85 4.69 -10.24
CA VAL A 10 -14.06 3.69 -9.51
C VAL A 10 -14.98 2.72 -8.78
N THR A 11 -14.71 1.44 -8.92
CA THR A 11 -15.47 0.43 -8.20
C THR A 11 -14.78 0.13 -6.87
N GLN A 12 -15.56 -0.29 -5.88
CA GLN A 12 -15.02 -0.62 -4.57
C GLN A 12 -14.02 -1.76 -4.70
N ASP A 13 -14.35 -2.70 -5.57
CA ASP A 13 -13.49 -3.85 -5.85
C ASP A 13 -12.10 -3.39 -6.30
N LEU A 14 -12.06 -2.33 -7.13
CA LEU A 14 -10.80 -1.76 -7.57
C LEU A 14 -9.99 -1.26 -6.39
N ARG A 15 -10.65 -0.50 -5.52
CA ARG A 15 -10.01 0.08 -4.35
C ARG A 15 -9.41 -1.00 -3.47
N SER A 16 -10.20 -2.01 -3.14
CA SER A 16 -9.74 -3.08 -2.27
C SER A 16 -8.64 -3.89 -2.95
N HIS A 17 -8.80 -4.13 -4.25
CA HIS A 17 -7.83 -4.90 -5.03
C HIS A 17 -6.45 -4.26 -4.93
N LEU A 18 -6.39 -2.97 -5.18
CA LEU A 18 -5.15 -2.22 -5.13
C LEU A 18 -4.59 -2.16 -3.72
N VAL A 19 -5.49 -2.01 -2.74
CA VAL A 19 -5.08 -1.91 -1.34
C VAL A 19 -4.45 -3.22 -0.86
N HIS A 20 -5.08 -4.34 -1.20
CA HIS A 20 -4.53 -5.65 -0.81
C HIS A 20 -3.18 -5.88 -1.49
N LYS A 21 -3.07 -5.46 -2.74
CA LYS A 21 -1.82 -5.57 -3.47
C LYS A 21 -0.72 -4.75 -2.79
N LEU A 22 -1.10 -3.57 -2.31
CA LEU A 22 -0.17 -2.70 -1.60
C LEU A 22 0.31 -3.40 -0.33
N VAL A 23 -0.62 -4.02 0.39
CA VAL A 23 -0.29 -4.82 1.56
C VAL A 23 0.64 -5.98 1.18
N GLN A 24 0.29 -6.65 0.09
CA GLN A 24 1.09 -7.76 -0.44
C GLN A 24 2.50 -7.30 -0.77
N ALA A 25 2.62 -6.08 -1.28
CA ALA A 25 3.91 -5.49 -1.60
C ALA A 25 4.76 -5.36 -0.33
N ILE A 26 4.13 -4.97 0.76
CA ILE A 26 4.84 -4.78 2.02
C ILE A 26 5.09 -6.14 2.69
N PHE A 27 4.20 -7.10 2.47
CA PHE A 27 4.30 -8.41 3.11
C PHE A 27 3.56 -9.44 2.26
N PRO A 28 4.30 -10.25 1.47
CA PRO A 28 3.69 -11.18 0.51
C PRO A 28 3.16 -12.46 1.16
N THR A 29 3.84 -12.94 2.19
CA THR A 29 3.47 -14.20 2.85
C THR A 29 2.15 -14.08 3.61
N PRO A 30 1.09 -14.76 3.13
CA PRO A 30 -0.23 -14.76 3.77
C PRO A 30 -0.30 -15.81 4.88
N ASP A 31 0.37 -15.54 5.98
CA ASP A 31 0.41 -16.47 7.11
C ASP A 31 -0.89 -16.39 7.90
N PRO A 32 -1.53 -17.56 8.17
CA PRO A 32 -2.84 -17.64 8.82
C PRO A 32 -2.88 -16.94 10.19
N ALA A 33 -1.75 -16.89 10.87
CA ALA A 33 -1.70 -16.27 12.18
C ALA A 33 -1.30 -14.80 12.07
N ALA A 34 -0.25 -14.55 11.31
CA ALA A 34 0.23 -13.18 11.06
C ALA A 34 -0.86 -12.31 10.45
N LEU A 35 -1.78 -12.93 9.71
CA LEU A 35 -2.89 -12.21 9.10
C LEU A 35 -3.77 -11.58 10.18
N LYS A 36 -3.84 -12.25 11.33
CA LYS A 36 -4.66 -11.79 12.44
C LYS A 36 -3.81 -11.03 13.46
N ASP A 37 -2.64 -10.59 13.02
CA ASP A 37 -1.67 -9.93 13.89
C ASP A 37 -1.87 -8.43 13.82
N ARG A 38 -1.97 -7.81 14.99
CA ARG A 38 -2.21 -6.37 15.12
C ARG A 38 -1.13 -5.56 14.41
N ARG A 39 0.11 -6.02 14.53
CA ARG A 39 1.24 -5.38 13.88
C ARG A 39 1.01 -5.34 12.36
N MET A 40 0.60 -6.46 11.77
CA MET A 40 0.27 -6.48 10.35
C MET A 40 -0.92 -5.57 10.06
N GLU A 41 -1.93 -5.58 10.95
CA GLU A 41 -3.13 -4.79 10.74
C GLU A 41 -2.78 -3.31 10.60
N ASN A 42 -1.81 -2.86 11.40
CA ASN A 42 -1.36 -1.46 11.35
C ASN A 42 -0.76 -1.13 9.98
N LEU A 43 0.01 -2.06 9.41
CA LEU A 43 0.59 -1.84 8.08
C LEU A 43 -0.52 -1.85 7.04
N VAL A 44 -1.50 -2.73 7.23
CA VAL A 44 -2.65 -2.81 6.33
C VAL A 44 -3.46 -1.52 6.38
N ALA A 45 -3.61 -0.98 7.59
CA ALA A 45 -4.31 0.28 7.78
C ALA A 45 -3.64 1.40 6.99
N TYR A 46 -2.32 1.36 6.92
CA TYR A 46 -1.55 2.35 6.15
C TYR A 46 -1.97 2.31 4.68
N ALA A 47 -2.25 1.11 4.17
CA ALA A 47 -2.67 0.93 2.79
C ALA A 47 -4.01 1.64 2.57
N LYS A 48 -4.90 1.54 3.55
CA LYS A 48 -6.18 2.25 3.48
C LYS A 48 -5.96 3.76 3.52
N LYS A 49 -5.02 4.19 4.36
CA LYS A 49 -4.64 5.60 4.42
C LYS A 49 -4.22 6.09 3.05
N VAL A 50 -3.45 5.27 2.36
CA VAL A 50 -3.02 5.56 0.99
C VAL A 50 -4.22 5.82 0.08
N GLU A 51 -5.20 4.93 0.09
CA GLU A 51 -6.38 5.07 -0.78
C GLU A 51 -7.05 6.43 -0.53
N GLY A 52 -7.13 6.83 0.73
CA GLY A 52 -7.73 8.10 1.08
C GLY A 52 -6.94 9.29 0.53
N ASP A 53 -5.63 9.27 0.75
CA ASP A 53 -4.76 10.35 0.28
C ASP A 53 -4.75 10.44 -1.24
N MET A 54 -4.67 9.28 -1.88
CA MET A 54 -4.68 9.20 -3.35
C MET A 54 -6.00 9.69 -3.91
N TYR A 55 -7.08 9.39 -3.20
CA TYR A 55 -8.45 9.67 -3.66
C TYR A 55 -8.61 11.11 -4.18
N GLU A 56 -7.93 12.08 -3.57
CA GLU A 56 -8.08 13.47 -4.03
C GLU A 56 -7.51 13.62 -5.44
N SER A 57 -6.29 13.13 -5.62
CA SER A 57 -5.62 13.12 -6.91
C SER A 57 -6.33 12.17 -7.90
N ALA A 58 -6.77 11.02 -7.37
CA ALA A 58 -7.47 9.96 -8.13
C ALA A 58 -8.75 10.41 -8.86
N ASN A 59 -8.91 11.70 -9.09
CA ASN A 59 -10.10 12.20 -9.78
C ASN A 59 -10.02 11.80 -11.25
N SER A 60 -8.88 11.20 -11.64
CA SER A 60 -8.68 10.73 -13.00
C SER A 60 -8.16 9.30 -12.97
N ARG A 61 -8.62 8.48 -13.91
CA ARG A 61 -8.25 7.06 -13.95
C ARG A 61 -6.73 6.88 -14.03
N ASP A 62 -6.11 7.59 -14.97
CA ASP A 62 -4.67 7.48 -15.20
C ASP A 62 -3.88 7.84 -13.95
N GLU A 63 -4.31 8.90 -13.28
CA GLU A 63 -3.62 9.40 -12.09
C GLU A 63 -3.63 8.33 -10.99
N TYR A 64 -4.80 7.74 -10.77
CA TYR A 64 -5.01 6.78 -9.68
C TYR A 64 -4.01 5.62 -9.76
N TYR A 65 -3.89 5.02 -10.94
CA TYR A 65 -3.01 3.88 -11.14
C TYR A 65 -1.56 4.28 -10.98
N HIS A 66 -1.24 5.47 -11.47
CA HIS A 66 0.13 5.95 -11.52
C HIS A 66 0.68 6.17 -10.12
N LEU A 67 -0.13 6.76 -9.26
CA LEU A 67 0.27 7.07 -7.90
C LEU A 67 0.59 5.80 -7.11
N LEU A 68 -0.33 4.85 -7.16
CA LEU A 68 -0.17 3.59 -6.44
C LEU A 68 1.03 2.80 -6.92
N ALA A 69 1.24 2.79 -8.23
CA ALA A 69 2.36 2.08 -8.84
C ALA A 69 3.69 2.53 -8.25
N GLU A 70 3.86 3.84 -8.12
CA GLU A 70 5.10 4.42 -7.56
C GLU A 70 5.38 3.86 -6.18
N LYS A 71 4.35 3.84 -5.34
CA LYS A 71 4.52 3.49 -3.93
C LYS A 71 5.00 2.06 -3.79
N ILE A 72 4.46 1.18 -4.61
CA ILE A 72 4.81 -0.23 -4.56
C ILE A 72 6.30 -0.42 -4.85
N TYR A 73 6.78 0.19 -5.92
CA TYR A 73 8.18 0.04 -6.31
C TYR A 73 9.10 0.68 -5.27
N LYS A 74 8.70 1.84 -4.71
CA LYS A 74 9.54 2.53 -3.74
C LYS A 74 9.79 1.66 -2.51
N ILE A 75 8.73 1.06 -1.98
CA ILE A 75 8.85 0.17 -0.84
C ILE A 75 9.67 -1.07 -1.19
N GLN A 76 9.49 -1.59 -2.41
CA GLN A 76 10.28 -2.74 -2.86
C GLN A 76 11.75 -2.35 -2.97
N LYS A 77 11.99 -1.14 -3.44
CA LYS A 77 13.33 -0.63 -3.60
C LYS A 77 14.02 -0.50 -2.25
N GLU A 78 13.28 0.00 -1.26
CA GLU A 78 13.82 0.15 0.09
C GLU A 78 14.15 -1.19 0.72
N LEU A 79 13.27 -2.17 0.54
CA LEU A 79 13.52 -3.52 1.06
C LEU A 79 14.82 -4.07 0.47
N GLU A 80 14.97 -3.90 -0.83
CA GLU A 80 16.17 -4.34 -1.53
C GLU A 80 17.39 -3.54 -1.03
N GLU A 81 17.19 -2.24 -0.87
CA GLU A 81 18.22 -1.34 -0.38
C GLU A 81 18.73 -1.77 1.00
N LYS A 82 17.80 -2.13 1.88
CA LYS A 82 18.15 -2.56 3.22
C LYS A 82 18.95 -3.85 3.20
N ARG A 83 18.61 -4.76 2.29
CA ARG A 83 19.27 -6.06 2.19
C ARG A 83 20.74 -5.93 1.83
N ARG A 84 21.13 -4.72 1.52
CA ARG A 84 22.54 -4.37 1.32
C ARG A 84 23.39 -4.88 2.48
N SER A 85 22.84 -4.87 3.68
CA SER A 85 23.52 -5.46 4.81
C SER A 85 22.92 -6.83 5.15
N ARG A 86 21.58 -6.97 5.05
CA ARG A 86 20.93 -8.28 5.08
C ARG A 86 20.85 -8.79 6.52
N LEU A 87 19.98 -9.77 6.76
CA LEU A 87 19.92 -10.42 8.06
C LEU A 87 21.10 -11.38 8.19
N ASP B 1 3.32 12.70 1.24
CA ASP B 1 3.54 13.91 2.04
C ASP B 1 4.98 14.35 1.94
N ALA B 2 5.22 15.33 1.06
CA ALA B 2 6.56 15.87 0.81
C ALA B 2 7.58 14.77 0.57
N GLY B 3 7.58 14.22 -0.63
CA GLY B 3 8.51 13.17 -0.96
C GLY B 3 7.81 11.95 -1.51
N ASN B 4 8.40 11.34 -2.53
CA ASN B 4 7.80 10.19 -3.20
C ASN B 4 8.11 8.88 -2.46
N ILE B 5 8.97 8.94 -1.46
CA ILE B 5 9.37 7.74 -0.74
C ILE B 5 8.55 7.58 0.55
N LEU B 6 8.31 6.34 0.95
CA LEU B 6 7.40 6.02 2.04
C LEU B 6 8.16 5.93 3.37
N PRO B 7 7.44 6.09 4.50
CA PRO B 7 8.04 6.09 5.85
C PRO B 7 8.88 4.85 6.14
N SER B 8 10.14 5.10 6.49
CA SER B 8 11.09 4.06 6.89
C SER B 8 10.56 3.23 8.05
N ASP B 9 9.86 3.90 8.96
CA ASP B 9 9.36 3.27 10.19
C ASP B 9 8.56 1.99 9.90
N ILE B 10 7.61 2.08 8.96
CA ILE B 10 6.77 0.94 8.63
C ILE B 10 7.60 -0.18 8.03
N MET B 11 8.59 0.19 7.21
CA MET B 11 9.49 -0.78 6.61
C MET B 11 10.19 -1.60 7.68
N ASP B 12 10.69 -0.93 8.72
CA ASP B 12 11.27 -1.62 9.86
C ASP B 12 10.22 -2.45 10.62
N PHE B 13 9.02 -1.90 10.73
CA PHE B 13 7.92 -2.55 11.44
C PHE B 13 7.56 -3.89 10.78
N VAL B 14 7.41 -3.88 9.46
CA VAL B 14 7.11 -5.11 8.72
C VAL B 14 8.26 -6.11 8.79
N LEU B 15 9.50 -5.61 8.73
CA LEU B 15 10.68 -6.45 8.90
C LEU B 15 10.61 -7.20 10.23
N LYS B 16 10.08 -6.56 11.26
CA LYS B 16 10.01 -7.16 12.59
C LYS B 16 8.78 -8.07 12.73
N ASN B 17 8.14 -8.39 11.61
CA ASN B 17 7.00 -9.30 11.62
C ASN B 17 7.50 -10.72 11.36
N THR B 18 7.08 -11.66 12.18
CA THR B 18 7.54 -13.04 12.04
C THR B 18 6.41 -13.95 11.57
N PRO B 19 6.39 -14.29 10.27
CA PRO B 19 5.40 -15.22 9.72
C PRO B 19 5.76 -16.67 10.01
N GLY A 1 -27.88 11.65 -13.30
CA GLY A 1 -27.82 11.05 -11.99
C GLY A 1 -27.63 12.09 -10.90
N VAL A 2 -26.74 11.79 -9.97
CA VAL A 2 -26.51 12.69 -8.84
C VAL A 2 -25.32 13.62 -9.10
N ARG A 3 -25.38 14.82 -8.52
CA ARG A 3 -24.35 15.83 -8.68
C ARG A 3 -22.99 15.38 -8.12
N LYS A 4 -22.97 14.30 -7.34
CA LYS A 4 -21.72 13.78 -6.83
C LYS A 4 -21.20 12.68 -7.76
N GLY A 5 -20.81 13.08 -8.96
CA GLY A 5 -20.41 12.14 -9.97
C GLY A 5 -19.02 12.38 -10.46
N TRP A 6 -18.09 12.58 -9.54
CA TRP A 6 -16.69 12.75 -9.90
C TRP A 6 -16.02 11.39 -10.02
N HIS A 7 -16.15 10.60 -8.96
CA HIS A 7 -15.46 9.32 -8.85
C HIS A 7 -16.33 8.16 -9.29
N GLU A 8 -17.52 8.47 -9.80
CA GLU A 8 -18.54 7.47 -10.12
C GLU A 8 -18.01 6.32 -10.96
N HIS A 9 -17.14 6.64 -11.93
CA HIS A 9 -16.60 5.63 -12.84
C HIS A 9 -15.48 4.80 -12.18
N VAL A 10 -15.54 4.68 -10.86
CA VAL A 10 -14.67 3.79 -10.13
C VAL A 10 -15.50 2.93 -9.18
N THR A 11 -15.26 1.63 -9.18
CA THR A 11 -15.97 0.74 -8.26
C THR A 11 -15.17 0.55 -6.98
N GLN A 12 -15.86 0.16 -5.91
CA GLN A 12 -15.23 -0.09 -4.63
C GLN A 12 -14.22 -1.22 -4.77
N ASP A 13 -14.62 -2.23 -5.55
CA ASP A 13 -13.78 -3.40 -5.79
C ASP A 13 -12.42 -3.00 -6.35
N LEU A 14 -12.42 -2.02 -7.25
CA LEU A 14 -11.19 -1.51 -7.84
C LEU A 14 -10.24 -1.01 -6.76
N ARG A 15 -10.75 -0.16 -5.87
CA ARG A 15 -9.94 0.43 -4.81
C ARG A 15 -9.47 -0.63 -3.83
N SER A 16 -10.38 -1.50 -3.41
CA SER A 16 -10.07 -2.50 -2.40
C SER A 16 -9.01 -3.47 -2.91
N HIS A 17 -9.11 -3.85 -4.18
CA HIS A 17 -8.12 -4.73 -4.81
C HIS A 17 -6.73 -4.11 -4.72
N LEU A 18 -6.67 -2.82 -4.99
CA LEU A 18 -5.41 -2.07 -4.98
C LEU A 18 -4.80 -2.03 -3.59
N VAL A 19 -5.65 -1.94 -2.57
CA VAL A 19 -5.18 -1.91 -1.19
C VAL A 19 -4.41 -3.18 -0.85
N HIS A 20 -4.95 -4.32 -1.28
CA HIS A 20 -4.28 -5.61 -1.08
C HIS A 20 -2.93 -5.62 -1.76
N LYS A 21 -2.84 -5.00 -2.93
CA LYS A 21 -1.58 -4.88 -3.65
C LYS A 21 -0.51 -4.23 -2.77
N LEU A 22 -0.87 -3.12 -2.14
CA LEU A 22 0.05 -2.40 -1.27
C LEU A 22 0.41 -3.24 -0.05
N VAL A 23 -0.59 -3.93 0.52
CA VAL A 23 -0.35 -4.84 1.64
C VAL A 23 0.60 -5.96 1.22
N GLN A 24 0.33 -6.56 0.07
CA GLN A 24 1.17 -7.61 -0.49
C GLN A 24 2.59 -7.10 -0.69
N ALA A 25 2.72 -5.86 -1.11
CA ALA A 25 4.01 -5.24 -1.35
C ALA A 25 4.85 -5.23 -0.07
N ILE A 26 4.20 -4.95 1.07
CA ILE A 26 4.91 -4.91 2.34
C ILE A 26 5.05 -6.33 2.91
N PHE A 27 4.06 -7.18 2.68
CA PHE A 27 4.02 -8.49 3.30
C PHE A 27 3.16 -9.44 2.48
N PRO A 28 3.77 -10.22 1.56
CA PRO A 28 3.02 -11.10 0.66
C PRO A 28 2.59 -12.40 1.33
N THR A 29 3.45 -12.93 2.19
CA THR A 29 3.19 -14.21 2.85
C THR A 29 2.03 -14.14 3.84
N PRO A 30 0.95 -14.90 3.58
CA PRO A 30 -0.22 -14.96 4.47
C PRO A 30 0.02 -15.91 5.64
N ASP A 31 1.00 -15.59 6.45
CA ASP A 31 1.34 -16.40 7.62
C ASP A 31 0.17 -16.39 8.62
N PRO A 32 -0.28 -17.58 9.05
CA PRO A 32 -1.46 -17.74 9.93
C PRO A 32 -1.32 -17.00 11.25
N ALA A 33 -0.09 -16.83 11.72
CA ALA A 33 0.14 -16.15 12.98
C ALA A 33 0.26 -14.64 12.78
N ALA A 34 1.10 -14.26 11.83
CA ALA A 34 1.28 -12.85 11.47
C ALA A 34 -0.03 -12.22 11.00
N LEU A 35 -0.90 -13.03 10.44
CA LEU A 35 -2.21 -12.56 9.96
C LEU A 35 -3.04 -12.07 11.14
N LYS A 36 -2.85 -12.72 12.29
CA LYS A 36 -3.61 -12.40 13.49
C LYS A 36 -2.86 -11.38 14.36
N ASP A 37 -1.80 -10.80 13.80
CA ASP A 37 -0.99 -9.83 14.53
C ASP A 37 -1.53 -8.43 14.33
N ARG A 38 -1.68 -7.71 15.44
CA ARG A 38 -2.21 -6.35 15.43
C ARG A 38 -1.35 -5.39 14.61
N ARG A 39 -0.04 -5.55 14.67
CA ARG A 39 0.88 -4.68 13.93
C ARG A 39 0.66 -4.87 12.43
N MET A 40 0.42 -6.11 12.03
CA MET A 40 0.09 -6.42 10.63
C MET A 40 -1.12 -5.60 10.18
N GLU A 41 -2.13 -5.52 11.05
CA GLU A 41 -3.33 -4.77 10.77
C GLU A 41 -3.01 -3.30 10.51
N ASN A 42 -2.04 -2.78 11.27
CA ASN A 42 -1.64 -1.37 11.15
C ASN A 42 -1.12 -1.08 9.75
N LEU A 43 -0.34 -2.00 9.20
CA LEU A 43 0.20 -1.82 7.85
C LEU A 43 -0.95 -1.83 6.84
N VAL A 44 -1.94 -2.70 7.08
CA VAL A 44 -3.11 -2.76 6.21
C VAL A 44 -3.89 -1.46 6.33
N ALA A 45 -4.03 -0.97 7.56
CA ALA A 45 -4.66 0.30 7.82
C ALA A 45 -3.92 1.43 7.12
N TYR A 46 -2.59 1.35 7.09
CA TYR A 46 -1.78 2.34 6.37
C TYR A 46 -2.13 2.35 4.89
N ALA A 47 -2.36 1.16 4.33
CA ALA A 47 -2.76 1.05 2.93
C ALA A 47 -4.11 1.73 2.72
N LYS A 48 -5.04 1.50 3.65
CA LYS A 48 -6.31 2.21 3.69
C LYS A 48 -6.13 3.71 3.70
N LYS A 49 -5.28 4.18 4.60
CA LYS A 49 -4.94 5.60 4.69
C LYS A 49 -4.42 6.11 3.34
N VAL A 50 -3.55 5.33 2.73
CA VAL A 50 -3.09 5.61 1.36
C VAL A 50 -4.28 5.73 0.42
N GLU A 51 -5.20 4.77 0.50
CA GLU A 51 -6.40 4.77 -0.34
C GLU A 51 -7.17 6.08 -0.19
N GLY A 52 -7.27 6.57 1.04
CA GLY A 52 -7.93 7.84 1.29
C GLY A 52 -7.20 9.01 0.63
N ASP A 53 -5.89 9.08 0.82
CA ASP A 53 -5.08 10.15 0.23
C ASP A 53 -5.11 10.09 -1.29
N MET A 54 -5.01 8.88 -1.82
CA MET A 54 -5.07 8.66 -3.27
C MET A 54 -6.41 9.11 -3.82
N TYR A 55 -7.47 8.87 -3.04
CA TYR A 55 -8.83 9.15 -3.50
C TYR A 55 -8.98 10.59 -4.04
N GLU A 56 -8.32 11.56 -3.39
CA GLU A 56 -8.36 12.95 -3.89
C GLU A 56 -7.63 13.07 -5.23
N SER A 57 -6.41 12.54 -5.26
CA SER A 57 -5.55 12.58 -6.44
C SER A 57 -6.15 11.78 -7.60
N ALA A 58 -6.80 10.67 -7.24
CA ALA A 58 -7.45 9.74 -8.18
C ALA A 58 -8.52 10.38 -9.09
N ASN A 59 -8.43 11.68 -9.29
CA ASN A 59 -9.41 12.41 -10.10
C ASN A 59 -9.18 12.07 -11.57
N SER A 60 -8.14 11.28 -11.83
CA SER A 60 -7.85 10.78 -13.15
C SER A 60 -7.50 9.30 -13.06
N ARG A 61 -8.07 8.48 -13.94
CA ARG A 61 -7.86 7.02 -13.91
C ARG A 61 -6.37 6.68 -13.97
N ASP A 62 -5.67 7.26 -14.95
CA ASP A 62 -4.25 6.98 -15.14
C ASP A 62 -3.44 7.41 -13.91
N GLU A 63 -3.79 8.56 -13.36
CA GLU A 63 -3.09 9.11 -12.20
C GLU A 63 -3.18 8.16 -11.01
N TYR A 64 -4.38 7.62 -10.78
CA TYR A 64 -4.62 6.71 -9.66
C TYR A 64 -3.65 5.53 -9.70
N TYR A 65 -3.54 4.88 -10.86
CA TYR A 65 -2.66 3.75 -11.04
C TYR A 65 -1.20 4.15 -10.86
N HIS A 66 -0.84 5.34 -11.36
CA HIS A 66 0.56 5.78 -11.33
C HIS A 66 1.03 5.97 -9.89
N LEU A 67 0.16 6.54 -9.07
CA LEU A 67 0.49 6.81 -7.68
C LEU A 67 0.78 5.53 -6.92
N LEU A 68 -0.13 4.57 -7.01
CA LEU A 68 0.01 3.31 -6.30
C LEU A 68 1.26 2.56 -6.76
N ALA A 69 1.49 2.53 -8.07
CA ALA A 69 2.66 1.88 -8.65
C ALA A 69 3.96 2.47 -8.08
N GLU A 70 4.00 3.80 -7.96
CA GLU A 70 5.18 4.50 -7.44
C GLU A 70 5.52 4.03 -6.03
N LYS A 71 4.52 4.03 -5.15
CA LYS A 71 4.74 3.69 -3.76
C LYS A 71 5.18 2.23 -3.61
N ILE A 72 4.57 1.35 -4.39
CA ILE A 72 4.92 -0.06 -4.37
C ILE A 72 6.37 -0.25 -4.82
N TYR A 73 6.74 0.42 -5.90
CA TYR A 73 8.10 0.32 -6.42
C TYR A 73 9.10 0.89 -5.42
N LYS A 74 8.73 1.98 -4.74
CA LYS A 74 9.61 2.58 -3.73
C LYS A 74 9.97 1.56 -2.66
N ILE A 75 8.97 0.85 -2.18
CA ILE A 75 9.19 -0.20 -1.19
C ILE A 75 10.09 -1.31 -1.74
N GLN A 76 9.91 -1.63 -3.03
CA GLN A 76 10.69 -2.69 -3.66
C GLN A 76 12.15 -2.29 -3.73
N LYS A 77 12.38 -1.01 -4.03
CA LYS A 77 13.72 -0.46 -4.08
C LYS A 77 14.36 -0.47 -2.68
N GLU A 78 13.55 -0.13 -1.68
CA GLU A 78 14.02 -0.14 -0.29
C GLU A 78 14.45 -1.54 0.13
N LEU A 79 13.61 -2.53 -0.15
CA LEU A 79 13.92 -3.92 0.16
C LEU A 79 15.21 -4.34 -0.52
N GLU A 80 15.35 -3.91 -1.77
CA GLU A 80 16.54 -4.19 -2.56
C GLU A 80 17.78 -3.61 -1.87
N GLU A 81 17.69 -2.33 -1.51
CA GLU A 81 18.80 -1.63 -0.88
C GLU A 81 19.22 -2.26 0.44
N LYS A 82 18.25 -2.70 1.23
CA LYS A 82 18.57 -3.29 2.53
C LYS A 82 19.43 -4.53 2.38
N ARG A 83 19.10 -5.38 1.41
CA ARG A 83 19.89 -6.57 1.18
C ARG A 83 21.15 -6.26 0.39
N ARG A 84 21.07 -5.18 -0.36
CA ARG A 84 22.16 -4.71 -1.18
C ARG A 84 23.28 -4.12 -0.32
N SER A 85 22.89 -3.48 0.78
CA SER A 85 23.84 -2.87 1.68
C SER A 85 24.06 -3.75 2.92
N ARG A 86 23.50 -4.95 2.86
CA ARG A 86 23.67 -5.96 3.91
C ARG A 86 25.11 -5.99 4.41
N LEU A 87 25.29 -5.65 5.69
CA LEU A 87 26.62 -5.57 6.29
C LEU A 87 27.20 -6.96 6.52
N ASP B 1 3.52 10.90 6.34
CA ASP B 1 4.59 11.51 7.10
C ASP B 1 5.64 12.14 6.19
N ALA B 2 5.17 12.97 5.26
CA ALA B 2 6.03 13.72 4.34
C ALA B 2 7.07 12.83 3.63
N GLY B 3 6.71 12.35 2.46
CA GLY B 3 7.61 11.52 1.70
C GLY B 3 6.89 10.39 1.00
N ASN B 4 7.20 10.22 -0.28
CA ASN B 4 6.55 9.22 -1.12
C ASN B 4 7.06 7.81 -0.80
N ILE B 5 8.05 7.73 0.08
CA ILE B 5 8.61 6.46 0.52
C ILE B 5 7.88 6.00 1.78
N LEU B 6 7.61 4.70 1.90
CA LEU B 6 6.88 4.17 3.04
C LEU B 6 7.83 4.00 4.23
N PRO B 7 7.30 4.14 5.47
CA PRO B 7 8.09 4.16 6.70
C PRO B 7 9.03 2.98 6.86
N SER B 8 10.27 3.29 7.26
CA SER B 8 11.30 2.30 7.52
C SER B 8 10.87 1.33 8.62
N ASP B 9 10.16 1.85 9.63
CA ASP B 9 9.75 1.05 10.78
C ASP B 9 8.89 -0.15 10.36
N ILE B 10 7.95 0.06 9.45
CA ILE B 10 7.11 -1.03 8.95
C ILE B 10 8.00 -2.04 8.21
N MET B 11 8.96 -1.52 7.46
CA MET B 11 9.95 -2.36 6.77
C MET B 11 10.70 -3.24 7.76
N ASP B 12 11.01 -2.70 8.93
CA ASP B 12 11.70 -3.47 9.97
C ASP B 12 10.93 -4.74 10.30
N PHE B 13 9.59 -4.63 10.34
CA PHE B 13 8.75 -5.76 10.69
C PHE B 13 8.87 -6.87 9.66
N VAL B 14 8.75 -6.52 8.38
CA VAL B 14 8.86 -7.52 7.31
C VAL B 14 10.27 -8.09 7.22
N LEU B 15 11.27 -7.24 7.38
CA LEU B 15 12.67 -7.66 7.36
C LEU B 15 12.96 -8.68 8.46
N LYS B 16 12.36 -8.48 9.63
CA LYS B 16 12.70 -9.32 10.80
C LYS B 16 12.04 -10.70 10.72
N ASN B 17 11.04 -10.87 9.86
CA ASN B 17 10.32 -12.13 9.79
C ASN B 17 10.38 -12.74 8.39
N THR B 18 10.32 -14.06 8.32
CA THR B 18 10.27 -14.77 7.04
C THR B 18 9.54 -16.10 7.22
N PRO B 19 8.23 -16.12 6.92
CA PRO B 19 7.39 -17.31 7.07
C PRO B 19 7.78 -18.43 6.11
N GLY A 1 -26.79 10.13 -16.33
CA GLY A 1 -26.97 11.58 -16.37
C GLY A 1 -27.11 12.17 -14.99
N VAL A 2 -26.05 12.06 -14.21
CA VAL A 2 -26.04 12.55 -12.85
C VAL A 2 -25.20 13.83 -12.75
N ARG A 3 -25.60 14.74 -11.86
CA ARG A 3 -24.89 16.01 -11.71
C ARG A 3 -23.69 15.84 -10.78
N LYS A 4 -23.72 14.79 -9.97
CA LYS A 4 -22.59 14.47 -9.10
C LYS A 4 -21.99 13.14 -9.52
N GLY A 5 -20.89 13.21 -10.23
CA GLY A 5 -20.25 12.03 -10.73
C GLY A 5 -18.80 12.29 -11.09
N TRP A 6 -17.98 12.53 -10.06
CA TRP A 6 -16.57 12.76 -10.26
C TRP A 6 -15.82 11.42 -10.33
N HIS A 7 -16.01 10.62 -9.30
CA HIS A 7 -15.29 9.37 -9.15
C HIS A 7 -16.12 8.19 -9.65
N GLU A 8 -17.29 8.49 -10.21
CA GLU A 8 -18.25 7.46 -10.60
C GLU A 8 -17.64 6.40 -11.52
N HIS A 9 -16.70 6.79 -12.37
CA HIS A 9 -16.03 5.84 -13.27
C HIS A 9 -14.98 4.99 -12.53
N VAL A 10 -15.12 4.90 -11.22
CA VAL A 10 -14.32 3.97 -10.44
C VAL A 10 -15.24 3.13 -9.56
N THR A 11 -15.07 1.82 -9.61
CA THR A 11 -15.90 0.93 -8.84
C THR A 11 -15.30 0.67 -7.45
N GLN A 12 -16.12 0.22 -6.52
CA GLN A 12 -15.66 -0.06 -5.17
C GLN A 12 -14.64 -1.20 -5.18
N ASP A 13 -14.92 -2.20 -6.02
CA ASP A 13 -14.03 -3.36 -6.16
C ASP A 13 -12.63 -2.92 -6.54
N LEU A 14 -12.53 -1.94 -7.43
CA LEU A 14 -11.24 -1.41 -7.86
C LEU A 14 -10.50 -0.83 -6.67
N ARG A 15 -11.23 -0.08 -5.85
CA ARG A 15 -10.65 0.62 -4.72
C ARG A 15 -10.10 -0.37 -3.69
N SER A 16 -10.91 -1.35 -3.32
CA SER A 16 -10.52 -2.35 -2.34
C SER A 16 -9.38 -3.23 -2.86
N HIS A 17 -9.47 -3.62 -4.13
CA HIS A 17 -8.51 -4.54 -4.73
C HIS A 17 -7.10 -3.95 -4.72
N LEU A 18 -7.00 -2.68 -5.07
CA LEU A 18 -5.72 -1.97 -5.11
C LEU A 18 -5.05 -1.94 -3.75
N VAL A 19 -5.84 -1.78 -2.69
CA VAL A 19 -5.30 -1.74 -1.33
C VAL A 19 -4.54 -3.02 -1.01
N HIS A 20 -5.10 -4.14 -1.47
CA HIS A 20 -4.47 -5.45 -1.23
C HIS A 20 -3.12 -5.52 -1.93
N LYS A 21 -3.05 -4.94 -3.13
CA LYS A 21 -1.81 -4.93 -3.89
C LYS A 21 -0.69 -4.26 -3.09
N LEU A 22 -1.03 -3.15 -2.45
CA LEU A 22 -0.08 -2.41 -1.64
C LEU A 22 0.35 -3.24 -0.44
N VAL A 23 -0.62 -3.87 0.22
CA VAL A 23 -0.33 -4.76 1.35
C VAL A 23 0.57 -5.92 0.91
N GLN A 24 0.21 -6.57 -0.19
CA GLN A 24 0.98 -7.70 -0.72
C GLN A 24 2.42 -7.28 -1.01
N ALA A 25 2.57 -6.06 -1.52
CA ALA A 25 3.90 -5.50 -1.78
C ALA A 25 4.76 -5.51 -0.51
N ILE A 26 4.13 -5.20 0.63
CA ILE A 26 4.85 -5.18 1.90
C ILE A 26 5.06 -6.60 2.43
N PHE A 27 4.05 -7.47 2.28
CA PHE A 27 4.07 -8.78 2.89
C PHE A 27 3.13 -9.73 2.14
N PRO A 28 3.68 -10.60 1.28
CA PRO A 28 2.87 -11.43 0.38
C PRO A 28 2.30 -12.68 1.07
N THR A 29 3.02 -13.22 2.04
CA THR A 29 2.62 -14.46 2.70
C THR A 29 1.61 -14.21 3.82
N PRO A 30 0.35 -14.65 3.64
CA PRO A 30 -0.70 -14.49 4.65
C PRO A 30 -0.63 -15.55 5.75
N ASP A 31 0.23 -15.30 6.73
CA ASP A 31 0.37 -16.21 7.88
C ASP A 31 -0.88 -16.11 8.76
N PRO A 32 -1.48 -17.28 9.10
CA PRO A 32 -2.72 -17.34 9.89
C PRO A 32 -2.61 -16.67 11.27
N ALA A 33 -1.41 -16.61 11.82
CA ALA A 33 -1.22 -16.01 13.14
C ALA A 33 -0.94 -14.52 13.01
N ALA A 34 0.02 -14.18 12.15
CA ALA A 34 0.34 -12.78 11.86
C ALA A 34 -0.87 -12.01 11.36
N LEU A 35 -1.81 -12.74 10.76
CA LEU A 35 -3.03 -12.13 10.23
C LEU A 35 -3.84 -11.51 11.38
N LYS A 36 -3.67 -12.04 12.58
CA LYS A 36 -4.37 -11.55 13.76
C LYS A 36 -3.42 -10.73 14.65
N ASP A 37 -2.28 -10.33 14.11
CA ASP A 37 -1.30 -9.58 14.88
C ASP A 37 -1.40 -8.09 14.56
N ARG A 38 -1.37 -7.27 15.63
CA ARG A 38 -1.56 -5.82 15.53
C ARG A 38 -0.58 -5.15 14.56
N ARG A 39 0.66 -5.61 14.55
CA ARG A 39 1.69 -5.04 13.68
C ARG A 39 1.29 -5.17 12.21
N MET A 40 0.73 -6.33 11.86
CA MET A 40 0.22 -6.55 10.51
C MET A 40 -0.94 -5.61 10.21
N GLU A 41 -1.81 -5.38 11.20
CA GLU A 41 -2.97 -4.53 11.01
C GLU A 41 -2.54 -3.10 10.73
N ASN A 42 -1.50 -2.64 11.43
CA ASN A 42 -0.98 -1.29 11.23
C ASN A 42 -0.55 -1.06 9.79
N LEU A 43 0.13 -2.05 9.21
CA LEU A 43 0.57 -1.94 7.82
C LEU A 43 -0.64 -1.97 6.88
N VAL A 44 -1.64 -2.79 7.20
CA VAL A 44 -2.86 -2.86 6.41
C VAL A 44 -3.59 -1.53 6.48
N ALA A 45 -3.67 -0.98 7.69
CA ALA A 45 -4.27 0.32 7.92
C ALA A 45 -3.55 1.41 7.13
N TYR A 46 -2.23 1.32 7.03
CA TYR A 46 -1.45 2.28 6.26
C TYR A 46 -1.93 2.30 4.80
N ALA A 47 -2.21 1.13 4.24
CA ALA A 47 -2.71 1.04 2.87
C ALA A 47 -4.08 1.70 2.75
N LYS A 48 -4.93 1.46 3.74
CA LYS A 48 -6.21 2.14 3.87
C LYS A 48 -6.06 3.66 3.84
N LYS A 49 -5.16 4.16 4.67
CA LYS A 49 -4.84 5.59 4.68
C LYS A 49 -4.42 6.06 3.30
N VAL A 50 -3.56 5.28 2.65
CA VAL A 50 -3.11 5.56 1.29
C VAL A 50 -4.29 5.74 0.34
N GLU A 51 -5.23 4.80 0.35
CA GLU A 51 -6.39 4.86 -0.55
C GLU A 51 -7.13 6.19 -0.38
N GLY A 52 -7.26 6.63 0.85
CA GLY A 52 -7.94 7.90 1.13
C GLY A 52 -7.20 9.08 0.56
N ASP A 53 -5.89 9.14 0.82
CA ASP A 53 -5.06 10.24 0.32
C ASP A 53 -5.03 10.24 -1.20
N MET A 54 -4.83 9.06 -1.79
CA MET A 54 -4.81 8.91 -3.25
C MET A 54 -6.15 9.31 -3.85
N TYR A 55 -7.22 9.01 -3.12
CA TYR A 55 -8.60 9.17 -3.61
C TYR A 55 -8.85 10.55 -4.22
N GLU A 56 -8.25 11.60 -3.66
CA GLU A 56 -8.45 12.94 -4.22
C GLU A 56 -7.81 13.04 -5.61
N SER A 57 -6.55 12.62 -5.68
CA SER A 57 -5.80 12.60 -6.93
C SER A 57 -6.41 11.60 -7.92
N ALA A 58 -6.88 10.48 -7.38
CA ALA A 58 -7.53 9.38 -8.10
C ALA A 58 -8.75 9.79 -8.93
N ASN A 59 -8.85 11.06 -9.29
CA ASN A 59 -9.98 11.54 -10.06
C ASN A 59 -9.71 11.25 -11.55
N SER A 60 -8.78 10.32 -11.80
CA SER A 60 -8.52 9.84 -13.14
C SER A 60 -7.91 8.44 -13.07
N ARG A 61 -8.20 7.60 -14.04
CA ARG A 61 -7.68 6.24 -14.08
C ARG A 61 -6.16 6.23 -14.04
N ASP A 62 -5.55 7.05 -14.89
CA ASP A 62 -4.11 7.11 -15.02
C ASP A 62 -3.44 7.50 -13.70
N GLU A 63 -3.96 8.53 -13.05
CA GLU A 63 -3.37 9.02 -11.81
C GLU A 63 -3.46 7.98 -10.71
N TYR A 64 -4.63 7.35 -10.59
CA TYR A 64 -4.88 6.40 -9.52
C TYR A 64 -3.86 5.26 -9.55
N TYR A 65 -3.67 4.66 -10.73
CA TYR A 65 -2.72 3.59 -10.91
C TYR A 65 -1.29 4.06 -10.70
N HIS A 66 -0.97 5.28 -11.15
CA HIS A 66 0.39 5.78 -11.12
C HIS A 66 0.87 5.95 -9.68
N LEU A 67 0.03 6.55 -8.87
CA LEU A 67 0.36 6.83 -7.47
C LEU A 67 0.67 5.56 -6.69
N LEU A 68 -0.21 4.57 -6.82
CA LEU A 68 -0.03 3.30 -6.15
C LEU A 68 1.22 2.59 -6.66
N ALA A 69 1.39 2.58 -7.98
CA ALA A 69 2.54 1.94 -8.61
C ALA A 69 3.86 2.53 -8.10
N GLU A 70 3.92 3.85 -8.05
CA GLU A 70 5.13 4.54 -7.57
C GLU A 70 5.51 4.06 -6.17
N LYS A 71 4.52 3.95 -5.30
CA LYS A 71 4.75 3.46 -3.94
C LYS A 71 5.30 2.03 -3.95
N ILE A 72 4.79 1.18 -4.84
CA ILE A 72 5.24 -0.20 -4.88
C ILE A 72 6.72 -0.26 -5.26
N TYR A 73 7.14 0.60 -6.19
CA TYR A 73 8.53 0.72 -6.56
C TYR A 73 9.38 1.22 -5.37
N LYS A 74 8.85 2.17 -4.60
CA LYS A 74 9.55 2.69 -3.42
C LYS A 74 9.81 1.56 -2.44
N ILE A 75 8.82 0.69 -2.29
CA ILE A 75 8.92 -0.50 -1.45
C ILE A 75 10.09 -1.39 -1.88
N GLN A 76 10.32 -1.47 -3.19
CA GLN A 76 11.33 -2.39 -3.72
C GLN A 76 12.71 -1.97 -3.26
N LYS A 77 12.94 -0.67 -3.27
CA LYS A 77 14.23 -0.12 -2.85
C LYS A 77 14.44 -0.36 -1.35
N GLU A 78 13.41 -0.10 -0.56
CA GLU A 78 13.46 -0.31 0.89
C GLU A 78 13.82 -1.75 1.21
N LEU A 79 13.11 -2.69 0.59
CA LEU A 79 13.33 -4.12 0.84
C LEU A 79 14.77 -4.52 0.54
N GLU A 80 15.29 -4.05 -0.59
CA GLU A 80 16.65 -4.37 -1.00
C GLU A 80 17.66 -3.79 -0.01
N GLU A 81 17.49 -2.54 0.34
CA GLU A 81 18.41 -1.87 1.26
C GLU A 81 18.43 -2.57 2.61
N LYS A 82 17.26 -3.01 3.08
CA LYS A 82 17.16 -3.68 4.36
C LYS A 82 17.87 -5.04 4.32
N ARG A 83 17.72 -5.77 3.22
CA ARG A 83 18.27 -7.12 3.15
C ARG A 83 19.77 -7.10 2.90
N ARG A 84 20.27 -5.92 2.58
CA ARG A 84 21.70 -5.70 2.45
C ARG A 84 22.44 -6.08 3.73
N SER A 85 21.83 -5.80 4.87
CA SER A 85 22.41 -6.19 6.15
C SER A 85 21.66 -7.38 6.73
N ARG A 86 20.34 -7.29 6.72
CA ARG A 86 19.49 -8.43 7.07
C ARG A 86 19.70 -9.58 6.09
N LEU A 87 20.57 -10.50 6.49
CA LEU A 87 20.85 -11.67 5.68
C LEU A 87 19.94 -12.82 6.10
N ASP B 1 4.98 16.34 -2.41
CA ASP B 1 5.20 15.07 -1.73
C ASP B 1 4.10 14.81 -0.71
N ALA B 2 3.04 14.15 -1.16
CA ALA B 2 1.94 13.78 -0.28
C ALA B 2 2.17 12.39 0.28
N GLY B 3 3.40 12.14 0.70
CA GLY B 3 3.79 10.83 1.17
C GLY B 3 3.88 9.85 0.02
N ASN B 4 4.86 10.06 -0.82
CA ASN B 4 5.07 9.24 -2.01
C ASN B 4 6.03 8.10 -1.71
N ILE B 5 6.37 7.93 -0.43
CA ILE B 5 7.31 6.90 -0.01
C ILE B 5 6.75 6.16 1.19
N LEU B 6 7.10 4.89 1.35
CA LEU B 6 6.64 4.12 2.49
C LEU B 6 7.64 4.24 3.64
N PRO B 7 7.13 4.48 4.86
CA PRO B 7 7.96 4.60 6.06
C PRO B 7 8.88 3.40 6.24
N SER B 8 10.14 3.71 6.49
CA SER B 8 11.18 2.71 6.69
C SER B 8 10.78 1.75 7.82
N ASP B 9 10.17 2.31 8.86
CA ASP B 9 9.76 1.55 10.04
C ASP B 9 8.87 0.35 9.68
N ILE B 10 7.86 0.59 8.84
CA ILE B 10 6.95 -0.47 8.42
C ILE B 10 7.69 -1.51 7.59
N MET B 11 8.58 -1.03 6.73
CA MET B 11 9.38 -1.89 5.85
C MET B 11 10.25 -2.85 6.65
N ASP B 12 10.79 -2.35 7.75
CA ASP B 12 11.61 -3.16 8.66
C ASP B 12 10.88 -4.42 9.12
N PHE B 13 9.56 -4.30 9.34
CA PHE B 13 8.77 -5.40 9.92
C PHE B 13 8.93 -6.70 9.14
N VAL B 14 8.77 -6.64 7.82
CA VAL B 14 8.81 -7.86 7.00
C VAL B 14 10.20 -8.51 7.04
N LEU B 15 11.23 -7.69 7.01
CA LEU B 15 12.59 -8.20 7.14
C LEU B 15 12.81 -8.79 8.54
N LYS B 16 12.25 -8.13 9.55
CA LYS B 16 12.44 -8.56 10.94
C LYS B 16 11.67 -9.85 11.21
N ASN B 17 10.36 -9.82 10.97
CA ASN B 17 9.50 -10.95 11.25
C ASN B 17 9.19 -11.71 9.98
N THR B 18 9.39 -13.01 10.00
CA THR B 18 9.13 -13.84 8.84
C THR B 18 8.65 -15.22 9.27
N PRO B 19 7.33 -15.44 9.24
CA PRO B 19 6.72 -16.73 9.60
C PRO B 19 7.28 -17.89 8.78
N GLY A 1 -33.13 4.55 -10.73
CA GLY A 1 -33.59 5.72 -10.01
C GLY A 1 -32.91 6.96 -10.52
N VAL A 2 -32.13 7.61 -9.68
CA VAL A 2 -31.32 8.74 -10.11
C VAL A 2 -30.06 8.21 -10.82
N ARG A 3 -29.49 9.03 -11.67
CA ARG A 3 -28.38 8.61 -12.53
C ARG A 3 -27.03 8.87 -11.86
N LYS A 4 -27.08 9.15 -10.56
CA LYS A 4 -25.89 9.45 -9.75
C LYS A 4 -24.69 8.59 -10.18
N GLY A 5 -23.60 9.25 -10.51
CA GLY A 5 -22.42 8.54 -10.94
C GLY A 5 -21.22 9.44 -11.09
N TRP A 6 -20.68 9.85 -9.96
CA TRP A 6 -19.44 10.62 -9.95
C TRP A 6 -18.28 9.68 -10.24
N HIS A 7 -18.06 8.75 -9.32
CA HIS A 7 -16.92 7.85 -9.40
C HIS A 7 -17.25 6.53 -10.09
N GLU A 8 -18.45 6.40 -10.64
CA GLU A 8 -18.92 5.16 -11.29
C GLU A 8 -17.88 4.53 -12.24
N HIS A 9 -17.02 5.33 -12.85
CA HIS A 9 -15.96 4.82 -13.71
C HIS A 9 -14.85 4.12 -12.91
N VAL A 10 -15.09 3.96 -11.61
CA VAL A 10 -14.26 3.12 -10.76
C VAL A 10 -15.17 2.27 -9.88
N THR A 11 -14.88 0.98 -9.78
CA THR A 11 -15.63 0.12 -8.91
C THR A 11 -14.97 0.06 -7.53
N GLN A 12 -15.76 -0.22 -6.51
CA GLN A 12 -15.26 -0.30 -5.14
C GLN A 12 -14.26 -1.45 -5.04
N ASP A 13 -14.58 -2.55 -5.74
CA ASP A 13 -13.71 -3.72 -5.78
C ASP A 13 -12.32 -3.35 -6.27
N LEU A 14 -12.26 -2.43 -7.23
CA LEU A 14 -10.99 -1.95 -7.74
C LEU A 14 -10.13 -1.39 -6.60
N ARG A 15 -10.74 -0.53 -5.79
CA ARG A 15 -10.03 0.11 -4.69
C ARG A 15 -9.60 -0.91 -3.64
N SER A 16 -10.50 -1.83 -3.30
CA SER A 16 -10.20 -2.84 -2.29
C SER A 16 -9.07 -3.76 -2.76
N HIS A 17 -9.09 -4.09 -4.05
CA HIS A 17 -8.05 -4.91 -4.66
C HIS A 17 -6.69 -4.22 -4.55
N LEU A 18 -6.69 -2.92 -4.84
CA LEU A 18 -5.47 -2.12 -4.79
C LEU A 18 -4.87 -2.07 -3.39
N VAL A 19 -5.75 -2.01 -2.38
CA VAL A 19 -5.30 -2.01 -0.99
C VAL A 19 -4.54 -3.30 -0.67
N HIS A 20 -5.09 -4.42 -1.11
CA HIS A 20 -4.45 -5.71 -0.87
C HIS A 20 -3.11 -5.77 -1.61
N LYS A 21 -3.11 -5.23 -2.83
CA LYS A 21 -1.91 -5.16 -3.64
C LYS A 21 -0.80 -4.42 -2.89
N LEU A 22 -1.18 -3.36 -2.19
CA LEU A 22 -0.26 -2.60 -1.36
C LEU A 22 0.26 -3.47 -0.23
N VAL A 23 -0.66 -4.12 0.49
CA VAL A 23 -0.30 -5.03 1.58
C VAL A 23 0.64 -6.13 1.10
N GLN A 24 0.28 -6.78 -0.01
CA GLN A 24 1.08 -7.86 -0.58
C GLN A 24 2.49 -7.40 -0.93
N ALA A 25 2.61 -6.18 -1.43
CA ALA A 25 3.91 -5.60 -1.73
C ALA A 25 4.82 -5.63 -0.50
N ILE A 26 4.24 -5.34 0.66
CA ILE A 26 4.98 -5.34 1.91
C ILE A 26 5.10 -6.76 2.48
N PHE A 27 4.10 -7.59 2.24
CA PHE A 27 4.03 -8.90 2.86
C PHE A 27 3.17 -9.84 2.01
N PRO A 28 3.78 -10.57 1.08
CA PRO A 28 3.05 -11.40 0.12
C PRO A 28 2.64 -12.76 0.71
N THR A 29 3.38 -13.22 1.71
CA THR A 29 3.12 -14.50 2.33
C THR A 29 2.08 -14.38 3.46
N PRO A 30 0.84 -14.86 3.23
CA PRO A 30 -0.23 -14.82 4.23
C PRO A 30 -0.12 -15.96 5.24
N ASP A 31 0.72 -15.77 6.24
CA ASP A 31 0.90 -16.79 7.29
C ASP A 31 -0.36 -16.88 8.14
N PRO A 32 -0.86 -18.11 8.36
CA PRO A 32 -2.11 -18.36 9.10
C PRO A 32 -2.13 -17.72 10.50
N ALA A 33 -0.96 -17.53 11.10
CA ALA A 33 -0.87 -16.92 12.41
C ALA A 33 -0.65 -15.41 12.29
N ALA A 34 0.37 -15.04 11.53
CA ALA A 34 0.72 -13.63 11.31
C ALA A 34 -0.44 -12.83 10.74
N LEU A 35 -1.32 -13.50 10.02
CA LEU A 35 -2.51 -12.84 9.45
C LEU A 35 -3.36 -12.26 10.58
N LYS A 36 -3.25 -12.86 11.75
CA LYS A 36 -4.01 -12.45 12.92
C LYS A 36 -3.14 -11.61 13.87
N ASP A 37 -2.03 -11.09 13.35
CA ASP A 37 -1.09 -10.32 14.17
C ASP A 37 -1.44 -8.84 14.13
N ARG A 38 -1.44 -8.23 15.33
CA ARG A 38 -1.81 -6.83 15.52
C ARG A 38 -0.99 -5.86 14.67
N ARG A 39 0.31 -6.10 14.52
CA ARG A 39 1.15 -5.17 13.75
C ARG A 39 0.72 -5.15 12.29
N MET A 40 0.35 -6.32 11.76
CA MET A 40 -0.14 -6.41 10.39
C MET A 40 -1.35 -5.51 10.17
N GLU A 41 -2.23 -5.43 11.16
CA GLU A 41 -3.43 -4.61 11.05
C GLU A 41 -3.05 -3.16 10.84
N ASN A 42 -2.00 -2.73 11.52
CA ASN A 42 -1.48 -1.37 11.39
C ASN A 42 -1.02 -1.11 9.97
N LEU A 43 -0.38 -2.12 9.37
CA LEU A 43 0.10 -1.98 7.99
C LEU A 43 -1.11 -1.88 7.05
N VAL A 44 -2.12 -2.71 7.31
CA VAL A 44 -3.33 -2.71 6.49
C VAL A 44 -4.08 -1.38 6.64
N ALA A 45 -4.14 -0.89 7.87
CA ALA A 45 -4.75 0.41 8.13
C ALA A 45 -4.00 1.52 7.40
N TYR A 46 -2.67 1.42 7.34
CA TYR A 46 -1.87 2.37 6.58
C TYR A 46 -2.20 2.25 5.09
N ALA A 47 -2.41 1.01 4.63
CA ALA A 47 -2.76 0.77 3.24
C ALA A 47 -4.09 1.46 2.91
N LYS A 48 -5.03 1.37 3.85
CA LYS A 48 -6.29 2.08 3.77
C LYS A 48 -6.08 3.58 3.67
N LYS A 49 -5.25 4.08 4.57
CA LYS A 49 -4.91 5.50 4.61
C LYS A 49 -4.37 5.96 3.26
N VAL A 50 -3.46 5.18 2.68
CA VAL A 50 -2.93 5.46 1.35
C VAL A 50 -4.05 5.56 0.32
N GLU A 51 -4.92 4.55 0.27
CA GLU A 51 -6.00 4.54 -0.70
C GLU A 51 -6.88 5.77 -0.55
N GLY A 52 -7.12 6.17 0.69
CA GLY A 52 -7.92 7.37 0.95
C GLY A 52 -7.27 8.63 0.39
N ASP A 53 -5.98 8.79 0.64
CA ASP A 53 -5.24 9.94 0.13
C ASP A 53 -5.21 9.91 -1.39
N MET A 54 -4.95 8.73 -1.95
CA MET A 54 -4.92 8.55 -3.40
C MET A 54 -6.29 8.84 -3.99
N TYR A 55 -7.34 8.42 -3.26
CA TYR A 55 -8.72 8.56 -3.74
C TYR A 55 -9.04 10.00 -4.16
N GLU A 56 -8.48 10.99 -3.45
CA GLU A 56 -8.69 12.39 -3.85
C GLU A 56 -8.01 12.67 -5.20
N SER A 57 -6.75 12.26 -5.31
CA SER A 57 -5.97 12.41 -6.54
C SER A 57 -6.55 11.58 -7.69
N ALA A 58 -7.05 10.39 -7.34
CA ALA A 58 -7.65 9.39 -8.26
C ALA A 58 -8.74 9.90 -9.21
N ASN A 59 -8.78 11.19 -9.46
CA ASN A 59 -9.82 11.77 -10.31
C ASN A 59 -9.48 11.50 -11.80
N SER A 60 -8.58 10.53 -12.03
CA SER A 60 -8.23 10.11 -13.37
C SER A 60 -7.71 8.68 -13.33
N ARG A 61 -8.14 7.84 -14.25
CA ARG A 61 -7.77 6.41 -14.26
C ARG A 61 -6.25 6.24 -14.24
N ASP A 62 -5.58 6.94 -15.16
CA ASP A 62 -4.14 6.81 -15.30
C ASP A 62 -3.42 7.27 -14.03
N GLU A 63 -3.92 8.36 -13.43
CA GLU A 63 -3.31 8.92 -12.24
C GLU A 63 -3.41 7.95 -11.06
N TYR A 64 -4.60 7.37 -10.87
CA TYR A 64 -4.84 6.45 -9.78
C TYR A 64 -3.84 5.28 -9.80
N TYR A 65 -3.69 4.65 -10.96
CA TYR A 65 -2.78 3.56 -11.12
C TYR A 65 -1.33 3.98 -10.92
N HIS A 66 -0.98 5.17 -11.41
CA HIS A 66 0.40 5.64 -11.40
C HIS A 66 0.87 5.86 -9.97
N LEU A 67 0.03 6.51 -9.17
CA LEU A 67 0.37 6.82 -7.78
C LEU A 67 0.65 5.55 -6.99
N LEU A 68 -0.28 4.59 -7.09
CA LEU A 68 -0.13 3.34 -6.37
C LEU A 68 1.11 2.57 -6.85
N ALA A 69 1.28 2.48 -8.17
CA ALA A 69 2.40 1.74 -8.76
C ALA A 69 3.75 2.33 -8.36
N GLU A 70 3.88 3.64 -8.52
CA GLU A 70 5.15 4.32 -8.19
C GLU A 70 5.47 4.16 -6.72
N LYS A 71 4.43 4.27 -5.91
CA LYS A 71 4.53 4.11 -4.46
C LYS A 71 5.03 2.70 -4.10
N ILE A 72 4.48 1.68 -4.77
CA ILE A 72 4.88 0.29 -4.52
C ILE A 72 6.36 0.10 -4.80
N TYR A 73 6.82 0.64 -5.92
CA TYR A 73 8.23 0.53 -6.29
C TYR A 73 9.12 1.21 -5.24
N LYS A 74 8.65 2.33 -4.67
CA LYS A 74 9.40 3.01 -3.62
C LYS A 74 9.73 2.07 -2.47
N ILE A 75 8.72 1.30 -2.05
CA ILE A 75 8.91 0.30 -1.00
C ILE A 75 9.87 -0.79 -1.43
N GLN A 76 9.79 -1.18 -2.70
CA GLN A 76 10.64 -2.25 -3.22
C GLN A 76 12.09 -1.79 -3.21
N LYS A 77 12.30 -0.52 -3.53
CA LYS A 77 13.62 0.08 -3.51
C LYS A 77 14.20 0.02 -2.10
N GLU A 78 13.36 0.32 -1.11
CA GLU A 78 13.77 0.22 0.29
C GLU A 78 14.19 -1.19 0.65
N LEU A 79 13.38 -2.17 0.24
CA LEU A 79 13.66 -3.57 0.56
C LEU A 79 15.00 -4.01 -0.02
N GLU A 80 15.25 -3.64 -1.27
CA GLU A 80 16.52 -4.01 -1.90
C GLU A 80 17.68 -3.32 -1.21
N GLU A 81 17.55 -2.02 -1.00
CA GLU A 81 18.63 -1.22 -0.43
C GLU A 81 19.02 -1.72 0.96
N LYS A 82 18.04 -1.93 1.84
CA LYS A 82 18.34 -2.36 3.20
C LYS A 82 18.93 -3.77 3.22
N ARG A 83 18.42 -4.67 2.38
CA ARG A 83 18.91 -6.03 2.37
C ARG A 83 20.26 -6.12 1.69
N ARG A 84 20.52 -5.12 0.90
CA ARG A 84 21.81 -4.93 0.24
C ARG A 84 22.90 -4.62 1.26
N SER A 85 22.50 -3.98 2.36
CA SER A 85 23.43 -3.56 3.40
C SER A 85 23.70 -4.70 4.39
N ARG A 86 23.23 -5.91 4.05
CA ARG A 86 23.42 -7.08 4.89
C ARG A 86 24.90 -7.42 5.04
N LEU A 87 25.21 -8.21 6.05
CA LEU A 87 26.57 -8.66 6.27
C LEU A 87 26.83 -9.91 5.45
N ASP B 1 4.07 16.39 -2.08
CA ASP B 1 4.68 15.06 -2.08
C ASP B 1 3.91 14.14 -1.15
N ALA B 2 2.59 14.13 -1.32
CA ALA B 2 1.71 13.37 -0.44
C ALA B 2 1.49 11.96 -0.98
N GLY B 3 1.81 10.97 -0.15
CA GLY B 3 1.58 9.59 -0.49
C GLY B 3 2.55 9.07 -1.52
N ASN B 4 3.81 9.03 -1.12
CA ASN B 4 4.87 8.58 -2.01
C ASN B 4 5.64 7.40 -1.41
N ILE B 5 6.39 7.67 -0.35
CA ILE B 5 7.20 6.64 0.29
C ILE B 5 6.55 6.21 1.60
N LEU B 6 6.68 4.92 1.93
CA LEU B 6 6.09 4.39 3.14
C LEU B 6 7.15 4.23 4.21
N PRO B 7 6.76 4.32 5.50
CA PRO B 7 7.69 4.25 6.63
C PRO B 7 8.62 3.05 6.59
N SER B 8 9.91 3.32 6.77
CA SER B 8 10.94 2.30 6.81
C SER B 8 10.64 1.26 7.89
N ASP B 9 10.08 1.73 9.01
CA ASP B 9 9.77 0.86 10.16
C ASP B 9 8.90 -0.34 9.77
N ILE B 10 7.90 -0.12 8.92
CA ILE B 10 7.03 -1.21 8.48
C ILE B 10 7.86 -2.21 7.66
N MET B 11 8.77 -1.68 6.88
CA MET B 11 9.71 -2.49 6.10
C MET B 11 10.60 -3.31 7.04
N ASP B 12 11.01 -2.71 8.15
CA ASP B 12 11.80 -3.42 9.15
C ASP B 12 11.06 -4.65 9.65
N PHE B 13 9.74 -4.52 9.81
CA PHE B 13 8.93 -5.59 10.36
C PHE B 13 8.97 -6.84 9.48
N VAL B 14 8.90 -6.68 8.15
CA VAL B 14 8.95 -7.82 7.25
C VAL B 14 10.30 -8.54 7.34
N LEU B 15 11.38 -7.77 7.47
CA LEU B 15 12.71 -8.34 7.71
C LEU B 15 12.77 -9.05 9.05
N LYS B 16 12.12 -8.46 10.06
CA LYS B 16 12.17 -9.00 11.43
C LYS B 16 11.31 -10.25 11.55
N ASN B 17 10.08 -10.18 11.08
CA ASN B 17 9.16 -11.30 11.15
C ASN B 17 9.02 -11.93 9.77
N THR B 18 9.24 -13.23 9.69
CA THR B 18 9.15 -13.94 8.42
C THR B 18 8.68 -15.37 8.65
N PRO B 19 7.54 -15.77 8.04
CA PRO B 19 7.00 -17.12 8.15
C PRO B 19 7.93 -18.17 7.57
N GLY A 1 -18.70 16.84 -15.83
CA GLY A 1 -17.57 17.42 -15.11
C GLY A 1 -18.05 18.39 -14.06
N VAL A 2 -18.51 17.85 -12.93
CA VAL A 2 -19.12 18.65 -11.88
C VAL A 2 -18.76 18.08 -10.52
N ARG A 3 -18.95 18.89 -9.47
CA ARG A 3 -18.58 18.50 -8.10
C ARG A 3 -19.54 17.45 -7.52
N LYS A 4 -20.33 16.85 -8.38
CA LYS A 4 -21.22 15.76 -7.98
C LYS A 4 -21.08 14.58 -8.94
N GLY A 5 -20.71 13.42 -8.41
CA GLY A 5 -20.49 12.26 -9.25
C GLY A 5 -19.10 12.26 -9.86
N TRP A 6 -18.11 12.37 -9.00
CA TRP A 6 -16.73 12.55 -9.43
C TRP A 6 -16.05 11.20 -9.66
N HIS A 7 -16.14 10.33 -8.66
CA HIS A 7 -15.37 9.10 -8.63
C HIS A 7 -16.18 7.92 -9.14
N GLU A 8 -17.40 8.18 -9.61
CA GLU A 8 -18.32 7.12 -9.98
C GLU A 8 -17.76 6.21 -11.08
N HIS A 9 -16.85 6.73 -11.90
CA HIS A 9 -16.16 5.91 -12.90
C HIS A 9 -15.07 5.04 -12.26
N VAL A 10 -15.24 4.77 -10.98
CA VAL A 10 -14.39 3.85 -10.24
C VAL A 10 -15.27 3.00 -9.33
N THR A 11 -15.04 1.71 -9.31
CA THR A 11 -15.80 0.83 -8.43
C THR A 11 -15.08 0.66 -7.09
N GLN A 12 -15.82 0.31 -6.05
CA GLN A 12 -15.25 0.13 -4.72
C GLN A 12 -14.27 -1.03 -4.74
N ASP A 13 -14.64 -2.08 -5.49
CA ASP A 13 -13.80 -3.26 -5.63
C ASP A 13 -12.42 -2.89 -6.15
N LEU A 14 -12.36 -1.94 -7.09
CA LEU A 14 -11.10 -1.46 -7.61
C LEU A 14 -10.21 -0.95 -6.49
N ARG A 15 -10.76 -0.09 -5.64
CA ARG A 15 -10.00 0.50 -4.55
C ARG A 15 -9.54 -0.55 -3.54
N SER A 16 -10.44 -1.46 -3.18
CA SER A 16 -10.12 -2.48 -2.21
C SER A 16 -9.03 -3.42 -2.77
N HIS A 17 -9.14 -3.72 -4.06
CA HIS A 17 -8.12 -4.52 -4.75
C HIS A 17 -6.76 -3.88 -4.61
N LEU A 18 -6.70 -2.58 -4.86
CA LEU A 18 -5.45 -1.82 -4.78
C LEU A 18 -4.89 -1.84 -3.36
N VAL A 19 -5.77 -1.75 -2.37
CA VAL A 19 -5.35 -1.73 -0.98
C VAL A 19 -4.67 -3.04 -0.60
N HIS A 20 -5.32 -4.16 -0.92
CA HIS A 20 -4.79 -5.48 -0.60
C HIS A 20 -3.50 -5.73 -1.36
N LYS A 21 -3.49 -5.31 -2.63
CA LYS A 21 -2.33 -5.46 -3.48
C LYS A 21 -1.14 -4.70 -2.92
N LEU A 22 -1.41 -3.51 -2.37
CA LEU A 22 -0.38 -2.71 -1.73
C LEU A 22 0.15 -3.44 -0.50
N VAL A 23 -0.76 -4.00 0.30
CA VAL A 23 -0.39 -4.85 1.43
C VAL A 23 0.48 -6.01 0.97
N GLN A 24 0.06 -6.64 -0.13
CA GLN A 24 0.80 -7.75 -0.73
C GLN A 24 2.23 -7.35 -1.06
N ALA A 25 2.39 -6.12 -1.55
CA ALA A 25 3.71 -5.58 -1.88
C ALA A 25 4.61 -5.53 -0.64
N ILE A 26 4.03 -5.14 0.49
CA ILE A 26 4.80 -4.99 1.72
C ILE A 26 5.06 -6.35 2.37
N PHE A 27 4.17 -7.31 2.12
CA PHE A 27 4.27 -8.62 2.75
C PHE A 27 3.73 -9.70 1.83
N PRO A 28 4.58 -10.28 0.98
CA PRO A 28 4.14 -11.29 0.00
C PRO A 28 3.88 -12.65 0.63
N THR A 29 4.72 -13.03 1.60
CA THR A 29 4.61 -14.34 2.23
C THR A 29 3.29 -14.50 3.02
N PRO A 30 2.52 -15.56 2.73
CA PRO A 30 1.31 -15.90 3.49
C PRO A 30 1.65 -16.64 4.77
N ASP A 31 2.13 -15.91 5.76
CA ASP A 31 2.50 -16.51 7.05
C ASP A 31 1.27 -16.59 7.96
N PRO A 32 0.80 -17.82 8.29
CA PRO A 32 -0.41 -18.03 9.09
C PRO A 32 -0.38 -17.31 10.43
N ALA A 33 0.80 -17.15 11.02
CA ALA A 33 0.93 -16.43 12.27
C ALA A 33 0.72 -14.95 12.06
N ALA A 34 1.44 -14.39 11.09
CA ALA A 34 1.33 -12.98 10.75
C ALA A 34 -0.09 -12.60 10.33
N LEU A 35 -0.79 -13.54 9.70
CA LEU A 35 -2.16 -13.32 9.27
C LEU A 35 -3.04 -12.95 10.46
N LYS A 36 -2.76 -13.57 11.60
CA LYS A 36 -3.53 -13.31 12.81
C LYS A 36 -2.75 -12.42 13.78
N ASP A 37 -1.72 -11.75 13.27
CA ASP A 37 -0.89 -10.87 14.09
C ASP A 37 -1.32 -9.41 13.89
N ARG A 38 -1.48 -8.71 15.02
CA ARG A 38 -1.83 -7.30 15.02
C ARG A 38 -0.85 -6.46 14.21
N ARG A 39 0.42 -6.84 14.21
CA ARG A 39 1.44 -6.09 13.47
C ARG A 39 1.03 -5.92 12.00
N MET A 40 0.42 -6.96 11.42
CA MET A 40 -0.04 -6.90 10.04
C MET A 40 -1.10 -5.81 9.87
N GLU A 41 -1.97 -5.68 10.87
CA GLU A 41 -3.07 -4.74 10.84
C GLU A 41 -2.54 -3.31 10.64
N ASN A 42 -1.42 -3.01 11.31
CA ASN A 42 -0.81 -1.69 11.22
C ASN A 42 -0.37 -1.37 9.80
N LEU A 43 0.32 -2.31 9.17
CA LEU A 43 0.80 -2.10 7.80
C LEU A 43 -0.37 -2.00 6.83
N VAL A 44 -1.42 -2.79 7.08
CA VAL A 44 -2.63 -2.73 6.25
C VAL A 44 -3.29 -1.35 6.38
N ALA A 45 -3.29 -0.84 7.61
CA ALA A 45 -3.84 0.49 7.89
C ALA A 45 -3.11 1.57 7.09
N TYR A 46 -1.80 1.43 6.93
CA TYR A 46 -1.03 2.38 6.12
C TYR A 46 -1.54 2.39 4.68
N ALA A 47 -1.88 1.22 4.15
CA ALA A 47 -2.41 1.10 2.80
C ALA A 47 -3.71 1.90 2.67
N LYS A 48 -4.56 1.77 3.69
CA LYS A 48 -5.79 2.55 3.79
C LYS A 48 -5.51 4.05 3.71
N LYS A 49 -4.56 4.49 4.51
CA LYS A 49 -4.12 5.89 4.49
C LYS A 49 -3.71 6.31 3.09
N VAL A 50 -2.90 5.48 2.45
CA VAL A 50 -2.48 5.71 1.07
C VAL A 50 -3.69 5.85 0.13
N GLU A 51 -4.61 4.89 0.18
CA GLU A 51 -5.77 4.92 -0.71
C GLU A 51 -6.59 6.18 -0.48
N GLY A 52 -6.72 6.59 0.78
CA GLY A 52 -7.43 7.82 1.10
C GLY A 52 -6.77 9.05 0.49
N ASP A 53 -5.45 9.13 0.62
CA ASP A 53 -4.70 10.24 0.03
C ASP A 53 -4.80 10.23 -1.49
N MET A 54 -4.64 9.05 -2.07
CA MET A 54 -4.71 8.88 -3.52
C MET A 54 -6.10 9.23 -4.04
N TYR A 55 -7.10 8.89 -3.25
CA TYR A 55 -8.51 9.03 -3.65
C TYR A 55 -8.82 10.41 -4.23
N GLU A 56 -8.25 11.48 -3.67
CA GLU A 56 -8.47 12.83 -4.21
C GLU A 56 -7.88 12.96 -5.62
N SER A 57 -6.61 12.58 -5.74
CA SER A 57 -5.87 12.62 -7.01
C SER A 57 -6.49 11.66 -8.03
N ALA A 58 -6.94 10.51 -7.52
CA ALA A 58 -7.60 9.43 -8.29
C ALA A 58 -8.81 9.87 -9.13
N ASN A 59 -8.91 11.14 -9.45
CA ASN A 59 -10.04 11.63 -10.24
C ASN A 59 -9.92 11.12 -11.69
N SER A 60 -8.77 10.53 -12.02
CA SER A 60 -8.54 10.01 -13.35
C SER A 60 -7.98 8.59 -13.28
N ARG A 61 -8.39 7.73 -14.20
CA ARG A 61 -7.99 6.32 -14.18
C ARG A 61 -6.48 6.17 -14.18
N ASP A 62 -5.83 6.86 -15.11
CA ASP A 62 -4.38 6.76 -15.27
C ASP A 62 -3.66 7.24 -14.02
N GLU A 63 -4.16 8.33 -13.45
CA GLU A 63 -3.55 8.92 -12.26
C GLU A 63 -3.53 7.91 -11.11
N TYR A 64 -4.67 7.25 -10.90
CA TYR A 64 -4.84 6.34 -9.77
C TYR A 64 -3.79 5.22 -9.80
N TYR A 65 -3.63 4.58 -10.95
CA TYR A 65 -2.66 3.51 -11.12
C TYR A 65 -1.24 4.02 -10.96
N HIS A 66 -1.00 5.23 -11.47
CA HIS A 66 0.34 5.81 -11.49
C HIS A 66 0.86 6.05 -10.08
N LEU A 67 0.03 6.67 -9.26
CA LEU A 67 0.42 7.03 -7.90
C LEU A 67 0.74 5.78 -7.08
N LEU A 68 -0.15 4.81 -7.11
CA LEU A 68 0.03 3.57 -6.37
C LEU A 68 1.27 2.83 -6.84
N ALA A 69 1.44 2.74 -8.17
CA ALA A 69 2.57 2.02 -8.75
C ALA A 69 3.90 2.56 -8.24
N GLU A 70 4.05 3.89 -8.25
CA GLU A 70 5.29 4.53 -7.79
C GLU A 70 5.55 4.17 -6.33
N LYS A 71 4.52 4.30 -5.49
CA LYS A 71 4.67 4.07 -4.06
C LYS A 71 5.04 2.62 -3.79
N ILE A 72 4.43 1.71 -4.51
CA ILE A 72 4.70 0.29 -4.35
C ILE A 72 6.16 -0.01 -4.68
N TYR A 73 6.65 0.57 -5.78
CA TYR A 73 8.06 0.38 -6.16
C TYR A 73 8.99 1.00 -5.10
N LYS A 74 8.61 2.16 -4.57
CA LYS A 74 9.47 2.84 -3.59
C LYS A 74 9.68 1.96 -2.36
N ILE A 75 8.60 1.37 -1.87
CA ILE A 75 8.66 0.46 -0.74
C ILE A 75 9.49 -0.77 -1.08
N GLN A 76 9.36 -1.27 -2.30
CA GLN A 76 10.12 -2.46 -2.73
C GLN A 76 11.61 -2.12 -2.74
N LYS A 77 11.90 -0.91 -3.19
CA LYS A 77 13.28 -0.41 -3.23
C LYS A 77 13.83 -0.30 -1.82
N GLU A 78 12.99 0.14 -0.89
CA GLU A 78 13.37 0.24 0.52
C GLU A 78 13.72 -1.14 1.06
N LEU A 79 12.91 -2.15 0.70
CA LEU A 79 13.16 -3.52 1.15
C LEU A 79 14.55 -3.98 0.75
N GLU A 80 14.93 -3.71 -0.49
CA GLU A 80 16.25 -4.07 -1.00
C GLU A 80 17.31 -3.30 -0.23
N GLU A 81 17.03 -2.03 0.05
CA GLU A 81 17.93 -1.18 0.81
C GLU A 81 18.15 -1.73 2.21
N LYS A 82 17.10 -2.28 2.82
CA LYS A 82 17.23 -2.92 4.12
C LYS A 82 18.21 -4.10 4.03
N ARG A 83 18.10 -4.85 2.94
CA ARG A 83 18.93 -6.02 2.70
C ARG A 83 20.38 -5.65 2.48
N ARG A 84 20.54 -4.42 2.02
CA ARG A 84 21.84 -3.85 1.65
C ARG A 84 22.88 -4.00 2.75
N SER A 85 22.48 -3.91 4.00
CA SER A 85 23.44 -4.10 5.08
C SER A 85 23.32 -5.50 5.70
N ARG A 86 22.10 -5.95 6.03
CA ARG A 86 21.84 -7.35 6.38
C ARG A 86 20.43 -7.51 6.94
N LEU A 87 19.44 -7.34 6.09
CA LEU A 87 18.05 -7.56 6.47
C LEU A 87 17.31 -8.33 5.38
N ASP B 1 3.25 16.99 0.78
CA ASP B 1 4.52 16.58 0.19
C ASP B 1 5.33 15.76 1.19
N ALA B 2 4.78 14.61 1.57
CA ALA B 2 5.41 13.75 2.56
C ALA B 2 6.52 12.90 1.95
N GLY B 3 6.74 13.08 0.65
CA GLY B 3 7.78 12.36 -0.03
C GLY B 3 7.25 11.15 -0.77
N ASN B 4 7.73 10.95 -1.99
CA ASN B 4 7.33 9.82 -2.81
C ASN B 4 7.73 8.53 -2.11
N ILE B 5 8.90 8.55 -1.50
CA ILE B 5 9.40 7.40 -0.74
C ILE B 5 8.63 7.28 0.58
N LEU B 6 8.26 6.06 0.94
CA LEU B 6 7.46 5.82 2.13
C LEU B 6 8.36 5.48 3.31
N PRO B 7 7.90 5.74 4.55
CA PRO B 7 8.68 5.54 5.79
C PRO B 7 9.38 4.18 5.86
N SER B 8 10.70 4.24 5.94
CA SER B 8 11.55 3.06 6.07
C SER B 8 11.14 2.24 7.29
N ASP B 9 10.71 2.94 8.34
CA ASP B 9 10.37 2.32 9.63
C ASP B 9 9.36 1.18 9.49
N ILE B 10 8.34 1.34 8.64
CA ILE B 10 7.36 0.27 8.44
C ILE B 10 8.04 -0.96 7.84
N MET B 11 8.96 -0.70 6.92
CA MET B 11 9.79 -1.76 6.33
C MET B 11 10.62 -2.45 7.42
N ASP B 12 11.16 -1.64 8.33
CA ASP B 12 11.88 -2.17 9.49
C ASP B 12 10.97 -3.06 10.32
N PHE B 13 9.72 -2.64 10.48
CA PHE B 13 8.76 -3.36 11.32
C PHE B 13 8.47 -4.74 10.76
N VAL B 14 8.18 -4.81 9.46
CA VAL B 14 7.90 -6.09 8.81
C VAL B 14 9.14 -7.00 8.80
N LEU B 15 10.29 -6.43 8.43
CA LEU B 15 11.54 -7.21 8.36
C LEU B 15 12.00 -7.72 9.72
N LYS B 16 11.87 -6.89 10.76
CA LYS B 16 12.48 -7.20 12.06
C LYS B 16 11.70 -8.28 12.82
N ASN B 17 10.40 -8.38 12.59
CA ASN B 17 9.59 -9.36 13.32
C ASN B 17 9.48 -10.66 12.54
N THR B 18 9.80 -11.76 13.20
CA THR B 18 9.71 -13.08 12.58
C THR B 18 8.32 -13.68 12.82
N PRO B 19 7.60 -14.00 11.75
CA PRO B 19 6.27 -14.60 11.83
C PRO B 19 6.34 -16.12 11.99
N GLY A 1 -26.31 15.49 -20.89
CA GLY A 1 -25.40 16.21 -20.01
C GLY A 1 -23.95 16.02 -20.41
N VAL A 2 -23.17 15.44 -19.52
CA VAL A 2 -21.74 15.29 -19.75
C VAL A 2 -21.37 13.83 -20.00
N ARG A 3 -20.26 13.62 -20.70
CA ARG A 3 -19.76 12.28 -20.98
C ARG A 3 -18.49 12.00 -20.18
N LYS A 4 -18.14 12.97 -19.36
CA LYS A 4 -16.99 12.85 -18.46
C LYS A 4 -17.48 12.68 -17.02
N GLY A 5 -16.95 11.68 -16.34
CA GLY A 5 -17.41 11.35 -15.02
C GLY A 5 -16.63 10.19 -14.45
N TRP A 6 -15.38 10.44 -14.14
CA TRP A 6 -14.44 9.40 -13.75
C TRP A 6 -14.93 8.63 -12.53
N HIS A 7 -15.51 9.34 -11.59
CA HIS A 7 -15.99 8.71 -10.35
C HIS A 7 -17.16 7.75 -10.59
N GLU A 8 -17.85 7.88 -11.72
CA GLU A 8 -19.02 7.03 -11.97
C GLU A 8 -18.60 5.64 -12.43
N HIS A 9 -17.40 5.52 -12.98
CA HIS A 9 -16.93 4.23 -13.49
C HIS A 9 -15.74 3.71 -12.70
N VAL A 10 -15.78 3.87 -11.39
CA VAL A 10 -14.85 3.19 -10.51
C VAL A 10 -15.62 2.51 -9.40
N THR A 11 -15.34 1.23 -9.20
CA THR A 11 -16.00 0.45 -8.19
C THR A 11 -15.18 0.38 -6.90
N GLN A 12 -15.83 -0.02 -5.81
CA GLN A 12 -15.15 -0.17 -4.53
C GLN A 12 -14.09 -1.26 -4.62
N ASP A 13 -14.43 -2.32 -5.34
CA ASP A 13 -13.53 -3.46 -5.52
C ASP A 13 -12.21 -3.03 -6.15
N LEU A 14 -12.29 -2.10 -7.09
CA LEU A 14 -11.10 -1.56 -7.74
C LEU A 14 -10.14 -1.01 -6.69
N ARG A 15 -10.66 -0.17 -5.80
CA ARG A 15 -9.85 0.42 -4.75
C ARG A 15 -9.32 -0.62 -3.77
N SER A 16 -10.20 -1.52 -3.31
CA SER A 16 -9.81 -2.51 -2.33
C SER A 16 -8.76 -3.47 -2.88
N HIS A 17 -8.93 -3.87 -4.14
CA HIS A 17 -7.97 -4.76 -4.81
C HIS A 17 -6.56 -4.15 -4.75
N LEU A 18 -6.49 -2.86 -5.01
CA LEU A 18 -5.24 -2.11 -4.96
C LEU A 18 -4.67 -2.09 -3.55
N VAL A 19 -5.56 -2.00 -2.55
CA VAL A 19 -5.14 -1.96 -1.15
C VAL A 19 -4.38 -3.23 -0.80
N HIS A 20 -4.91 -4.38 -1.25
CA HIS A 20 -4.27 -5.66 -0.99
C HIS A 20 -2.89 -5.71 -1.64
N LYS A 21 -2.77 -5.13 -2.83
CA LYS A 21 -1.49 -5.08 -3.53
C LYS A 21 -0.45 -4.33 -2.71
N LEU A 22 -0.87 -3.24 -2.08
CA LEU A 22 0.00 -2.45 -1.22
C LEU A 22 0.43 -3.28 -0.01
N VAL A 23 -0.53 -3.97 0.60
CA VAL A 23 -0.25 -4.89 1.70
C VAL A 23 0.73 -5.98 1.26
N GLN A 24 0.44 -6.56 0.10
CA GLN A 24 1.25 -7.61 -0.51
C GLN A 24 2.70 -7.16 -0.66
N ALA A 25 2.87 -5.92 -1.07
CA ALA A 25 4.20 -5.34 -1.28
C ALA A 25 5.01 -5.32 0.01
N ILE A 26 4.36 -4.98 1.12
CA ILE A 26 5.07 -4.82 2.39
C ILE A 26 5.37 -6.18 3.02
N PHE A 27 4.47 -7.15 2.82
CA PHE A 27 4.59 -8.42 3.51
C PHE A 27 3.90 -9.53 2.72
N PRO A 28 4.69 -10.37 2.02
CA PRO A 28 4.14 -11.41 1.14
C PRO A 28 3.72 -12.67 1.91
N THR A 29 4.50 -13.07 2.91
CA THR A 29 4.25 -14.30 3.65
C THR A 29 3.03 -14.18 4.58
N PRO A 30 1.93 -14.87 4.28
CA PRO A 30 0.74 -14.91 5.12
C PRO A 30 0.90 -15.88 6.29
N ASP A 31 1.78 -15.54 7.21
CA ASP A 31 2.06 -16.38 8.37
C ASP A 31 0.86 -16.40 9.30
N PRO A 32 0.39 -17.60 9.70
CA PRO A 32 -0.81 -17.77 10.54
C PRO A 32 -0.74 -17.00 11.86
N ALA A 33 0.47 -16.76 12.36
CA ALA A 33 0.63 -16.03 13.61
C ALA A 33 0.65 -14.53 13.33
N ALA A 34 1.43 -14.14 12.34
CA ALA A 34 1.49 -12.74 11.91
C ALA A 34 0.12 -12.25 11.44
N LEU A 35 -0.69 -13.15 10.90
CA LEU A 35 -2.05 -12.82 10.47
C LEU A 35 -2.88 -12.40 11.68
N LYS A 36 -2.57 -12.98 12.82
CA LYS A 36 -3.28 -12.69 14.06
C LYS A 36 -2.52 -11.65 14.89
N ASP A 37 -1.56 -10.98 14.25
CA ASP A 37 -0.72 -10.01 14.93
C ASP A 37 -1.21 -8.59 14.66
N ARG A 38 -1.29 -7.80 15.74
CA ARG A 38 -1.76 -6.42 15.70
C ARG A 38 -0.96 -5.56 14.73
N ARG A 39 0.35 -5.77 14.66
CA ARG A 39 1.21 -4.89 13.85
C ARG A 39 0.87 -5.01 12.37
N MET A 40 0.55 -6.23 11.91
CA MET A 40 0.15 -6.43 10.53
C MET A 40 -1.07 -5.57 10.18
N GLU A 41 -2.01 -5.46 11.11
CA GLU A 41 -3.23 -4.69 10.90
C GLU A 41 -2.88 -3.23 10.64
N ASN A 42 -1.89 -2.71 11.35
CA ASN A 42 -1.47 -1.31 11.21
C ASN A 42 -1.02 -1.02 9.79
N LEU A 43 -0.26 -1.93 9.20
CA LEU A 43 0.23 -1.75 7.84
C LEU A 43 -0.95 -1.80 6.86
N VAL A 44 -1.90 -2.70 7.12
CA VAL A 44 -3.09 -2.82 6.28
C VAL A 44 -3.93 -1.56 6.40
N ALA A 45 -4.11 -1.10 7.62
CA ALA A 45 -4.81 0.14 7.90
C ALA A 45 -4.11 1.33 7.23
N TYR A 46 -2.78 1.30 7.22
CA TYR A 46 -2.00 2.33 6.53
C TYR A 46 -2.32 2.31 5.03
N ALA A 47 -2.47 1.10 4.47
CA ALA A 47 -2.84 0.96 3.07
C ALA A 47 -4.22 1.58 2.82
N LYS A 48 -5.15 1.34 3.74
CA LYS A 48 -6.45 1.99 3.73
C LYS A 48 -6.33 3.50 3.71
N LYS A 49 -5.51 4.01 4.60
CA LYS A 49 -5.23 5.44 4.66
C LYS A 49 -4.73 5.94 3.31
N VAL A 50 -3.82 5.18 2.71
CA VAL A 50 -3.33 5.48 1.36
C VAL A 50 -4.47 5.56 0.35
N GLU A 51 -5.32 4.53 0.29
CA GLU A 51 -6.43 4.52 -0.68
C GLU A 51 -7.31 5.76 -0.52
N GLY A 52 -7.54 6.16 0.71
CA GLY A 52 -8.33 7.36 0.97
C GLY A 52 -7.65 8.61 0.45
N ASP A 53 -6.38 8.77 0.77
CA ASP A 53 -5.60 9.93 0.33
C ASP A 53 -5.46 9.95 -1.18
N MET A 54 -5.20 8.78 -1.77
CA MET A 54 -5.08 8.65 -3.22
C MET A 54 -6.36 9.11 -3.89
N TYR A 55 -7.51 8.78 -3.27
CA TYR A 55 -8.81 9.05 -3.88
C TYR A 55 -8.94 10.51 -4.34
N GLU A 56 -8.39 11.45 -3.57
CA GLU A 56 -8.44 12.86 -3.97
C GLU A 56 -7.62 13.10 -5.24
N SER A 57 -6.38 12.63 -5.24
CA SER A 57 -5.48 12.74 -6.38
C SER A 57 -5.99 11.91 -7.57
N ALA A 58 -6.55 10.75 -7.25
CA ALA A 58 -7.12 9.77 -8.20
C ALA A 58 -8.20 10.33 -9.12
N ASN A 59 -8.23 11.63 -9.31
CA ASN A 59 -9.26 12.27 -10.10
C ASN A 59 -8.96 12.11 -11.60
N SER A 60 -8.17 11.09 -11.92
CA SER A 60 -7.90 10.70 -13.30
C SER A 60 -7.41 9.25 -13.32
N ARG A 61 -7.91 8.44 -14.24
CA ARG A 61 -7.66 6.99 -14.23
C ARG A 61 -6.15 6.68 -14.21
N ASP A 62 -5.42 7.28 -15.14
CA ASP A 62 -3.98 7.04 -15.25
C ASP A 62 -3.24 7.50 -14.00
N GLU A 63 -3.64 8.66 -13.47
CA GLU A 63 -3.01 9.21 -12.28
C GLU A 63 -3.13 8.24 -11.12
N TYR A 64 -4.33 7.71 -10.92
CA TYR A 64 -4.61 6.80 -9.81
C TYR A 64 -3.65 5.60 -9.84
N TYR A 65 -3.53 4.95 -10.98
CA TYR A 65 -2.68 3.79 -11.12
C TYR A 65 -1.22 4.13 -10.91
N HIS A 66 -0.77 5.28 -11.41
CA HIS A 66 0.63 5.65 -11.33
C HIS A 66 1.03 5.86 -9.87
N LEU A 67 0.17 6.53 -9.11
CA LEU A 67 0.48 6.88 -7.73
C LEU A 67 0.74 5.63 -6.90
N LEU A 68 -0.18 4.67 -7.00
CA LEU A 68 -0.04 3.41 -6.28
C LEU A 68 1.17 2.62 -6.77
N ALA A 69 1.30 2.48 -8.09
CA ALA A 69 2.41 1.74 -8.68
C ALA A 69 3.76 2.36 -8.31
N GLU A 70 3.84 3.68 -8.37
CA GLU A 70 5.06 4.40 -8.02
C GLU A 70 5.40 4.18 -6.56
N LYS A 71 4.39 4.23 -5.70
CA LYS A 71 4.57 4.00 -4.28
C LYS A 71 5.11 2.59 -4.02
N ILE A 72 4.55 1.61 -4.71
CA ILE A 72 4.95 0.22 -4.54
C ILE A 72 6.40 0.01 -4.97
N TYR A 73 6.78 0.61 -6.09
CA TYR A 73 8.15 0.49 -6.59
C TYR A 73 9.13 1.08 -5.57
N LYS A 74 8.73 2.19 -4.93
CA LYS A 74 9.57 2.80 -3.90
C LYS A 74 9.84 1.81 -2.77
N ILE A 75 8.78 1.15 -2.31
CA ILE A 75 8.89 0.14 -1.27
C ILE A 75 9.77 -1.02 -1.74
N GLN A 76 9.64 -1.38 -3.02
CA GLN A 76 10.39 -2.51 -3.57
C GLN A 76 11.88 -2.21 -3.53
N LYS A 77 12.22 -0.99 -3.90
CA LYS A 77 13.60 -0.52 -3.87
C LYS A 77 14.12 -0.46 -2.43
N GLU A 78 13.28 0.01 -1.51
CA GLU A 78 13.67 0.13 -0.11
C GLU A 78 13.99 -1.24 0.48
N LEU A 79 13.15 -2.24 0.18
CA LEU A 79 13.34 -3.58 0.72
C LEU A 79 14.68 -4.17 0.27
N GLU A 80 14.96 -4.10 -1.03
CA GLU A 80 16.20 -4.65 -1.56
C GLU A 80 17.40 -3.88 -0.99
N GLU A 81 17.26 -2.55 -0.87
CA GLU A 81 18.30 -1.71 -0.32
C GLU A 81 18.68 -2.17 1.10
N LYS A 82 17.69 -2.53 1.88
CA LYS A 82 17.92 -2.97 3.26
C LYS A 82 18.73 -4.26 3.28
N ARG A 83 18.40 -5.20 2.38
CA ARG A 83 19.11 -6.46 2.33
C ARG A 83 20.46 -6.30 1.67
N ARG A 84 20.55 -5.23 0.92
CA ARG A 84 21.80 -4.82 0.26
C ARG A 84 22.76 -4.24 1.29
N SER A 85 22.20 -3.58 2.29
CA SER A 85 23.00 -2.91 3.31
C SER A 85 23.17 -3.83 4.52
N ARG A 86 22.55 -5.01 4.44
CA ARG A 86 22.63 -6.02 5.48
C ARG A 86 24.09 -6.40 5.72
N LEU A 87 24.39 -6.86 6.92
CA LEU A 87 25.74 -7.28 7.26
C LEU A 87 25.91 -8.75 6.89
N ASP B 1 0.98 14.52 -2.00
CA ASP B 1 0.88 13.99 -3.37
C ASP B 1 1.18 12.50 -3.39
N ALA B 2 0.22 11.73 -2.89
CA ALA B 2 0.27 10.28 -2.86
C ALA B 2 1.33 9.70 -1.92
N GLY B 3 2.40 10.45 -1.68
CA GLY B 3 3.48 9.96 -0.84
C GLY B 3 4.28 8.89 -1.54
N ASN B 4 5.37 9.29 -2.18
CA ASN B 4 6.21 8.36 -2.93
C ASN B 4 6.72 7.21 -2.06
N ILE B 5 7.44 7.55 -1.01
CA ILE B 5 8.10 6.55 -0.19
C ILE B 5 7.38 6.40 1.16
N LEU B 6 7.34 5.18 1.68
CA LEU B 6 6.64 4.91 2.93
C LEU B 6 7.60 4.99 4.12
N PRO B 7 7.06 5.24 5.32
CA PRO B 7 7.86 5.34 6.55
C PRO B 7 8.78 4.14 6.77
N SER B 8 10.01 4.46 7.16
CA SER B 8 11.05 3.46 7.42
C SER B 8 10.58 2.46 8.46
N ASP B 9 9.84 2.93 9.45
CA ASP B 9 9.45 2.11 10.60
C ASP B 9 8.76 0.80 10.17
N ILE B 10 7.81 0.89 9.26
CA ILE B 10 7.12 -0.30 8.76
C ILE B 10 8.10 -1.20 8.00
N MET B 11 8.97 -0.57 7.22
CA MET B 11 10.00 -1.31 6.47
C MET B 11 10.96 -2.01 7.42
N ASP B 12 11.33 -1.32 8.49
CA ASP B 12 12.21 -1.88 9.51
C ASP B 12 11.57 -3.10 10.14
N PHE B 13 10.26 -3.05 10.36
CA PHE B 13 9.53 -4.14 10.99
C PHE B 13 9.71 -5.44 10.20
N VAL B 14 9.51 -5.40 8.89
CA VAL B 14 9.62 -6.61 8.08
C VAL B 14 11.05 -7.17 8.11
N LEU B 15 12.05 -6.28 8.08
CA LEU B 15 13.45 -6.70 8.19
C LEU B 15 13.72 -7.31 9.56
N LYS B 16 13.16 -6.70 10.61
CA LYS B 16 13.39 -7.15 11.99
C LYS B 16 12.62 -8.44 12.30
N ASN B 17 11.49 -8.64 11.63
CA ASN B 17 10.62 -9.76 11.93
C ASN B 17 10.96 -10.96 11.06
N THR B 18 11.08 -12.13 11.67
CA THR B 18 11.38 -13.36 10.96
C THR B 18 10.29 -14.40 11.23
N PRO B 19 9.20 -14.36 10.45
CA PRO B 19 8.06 -15.28 10.61
C PRO B 19 8.43 -16.72 10.25
N GLY A 1 -27.91 9.23 -16.85
CA GLY A 1 -29.01 8.60 -16.14
C GLY A 1 -29.30 9.21 -14.79
N VAL A 2 -28.42 8.94 -13.84
CA VAL A 2 -28.62 9.36 -12.45
C VAL A 2 -28.21 10.81 -12.25
N ARG A 3 -28.78 11.46 -11.24
CA ARG A 3 -28.39 12.82 -10.88
C ARG A 3 -27.41 12.78 -9.72
N LYS A 4 -27.41 11.65 -9.02
CA LYS A 4 -26.44 11.41 -7.95
C LYS A 4 -25.49 10.29 -8.39
N GLY A 5 -24.31 10.68 -8.82
CA GLY A 5 -23.35 9.73 -9.30
C GLY A 5 -21.95 10.27 -9.20
N TRP A 6 -21.49 10.45 -7.98
CA TRP A 6 -20.14 10.95 -7.74
C TRP A 6 -19.12 9.84 -7.94
N HIS A 7 -19.23 8.82 -7.09
CA HIS A 7 -18.22 7.77 -7.00
C HIS A 7 -18.40 6.69 -8.06
N GLU A 8 -19.42 6.82 -8.89
CA GLU A 8 -19.75 5.79 -9.88
C GLU A 8 -18.55 5.36 -10.72
N HIS A 9 -17.70 6.32 -11.10
CA HIS A 9 -16.49 6.01 -11.88
C HIS A 9 -15.48 5.14 -11.13
N VAL A 10 -15.73 4.84 -9.85
CA VAL A 10 -14.88 3.93 -9.09
C VAL A 10 -15.73 3.00 -8.22
N THR A 11 -15.46 1.72 -8.27
CA THR A 11 -16.20 0.77 -7.47
C THR A 11 -15.46 0.46 -6.16
N GLN A 12 -16.18 -0.04 -5.16
CA GLN A 12 -15.59 -0.34 -3.86
C GLN A 12 -14.52 -1.42 -4.02
N ASP A 13 -14.82 -2.41 -4.87
CA ASP A 13 -13.91 -3.52 -5.13
C ASP A 13 -12.55 -3.00 -5.61
N LEU A 14 -12.57 -1.98 -6.47
CA LEU A 14 -11.34 -1.37 -6.98
C LEU A 14 -10.47 -0.89 -5.83
N ARG A 15 -11.07 -0.14 -4.92
CA ARG A 15 -10.34 0.40 -3.78
C ARG A 15 -9.73 -0.71 -2.94
N SER A 16 -10.53 -1.70 -2.58
CA SER A 16 -10.05 -2.82 -1.78
C SER A 16 -8.99 -3.64 -2.54
N HIS A 17 -9.11 -3.77 -3.86
CA HIS A 17 -8.21 -4.62 -4.62
C HIS A 17 -6.79 -4.07 -4.56
N LEU A 18 -6.69 -2.77 -4.83
CA LEU A 18 -5.41 -2.07 -4.85
C LEU A 18 -4.75 -2.11 -3.47
N VAL A 19 -5.55 -1.96 -2.42
CA VAL A 19 -5.03 -1.99 -1.06
C VAL A 19 -4.33 -3.31 -0.76
N HIS A 20 -4.91 -4.42 -1.22
CA HIS A 20 -4.32 -5.74 -1.01
C HIS A 20 -2.98 -5.84 -1.72
N LYS A 21 -2.87 -5.24 -2.90
CA LYS A 21 -1.63 -5.27 -3.67
C LYS A 21 -0.51 -4.57 -2.91
N LEU A 22 -0.85 -3.45 -2.27
CA LEU A 22 0.11 -2.72 -1.46
C LEU A 22 0.53 -3.56 -0.25
N VAL A 23 -0.46 -4.10 0.46
CA VAL A 23 -0.20 -5.03 1.56
C VAL A 23 0.65 -6.21 1.09
N GLN A 24 0.31 -6.75 -0.07
CA GLN A 24 1.03 -7.88 -0.66
C GLN A 24 2.52 -7.56 -0.83
N ALA A 25 2.81 -6.33 -1.23
CA ALA A 25 4.19 -5.87 -1.39
C ALA A 25 4.93 -5.95 -0.06
N ILE A 26 4.25 -5.60 1.02
CA ILE A 26 4.86 -5.60 2.34
C ILE A 26 4.91 -7.02 2.91
N PHE A 27 3.87 -7.81 2.66
CA PHE A 27 3.73 -9.10 3.32
C PHE A 27 3.14 -10.12 2.35
N PRO A 28 3.98 -10.87 1.62
CA PRO A 28 3.52 -11.78 0.58
C PRO A 28 2.94 -13.08 1.15
N THR A 29 3.50 -13.56 2.25
CA THR A 29 3.08 -14.82 2.86
C THR A 29 1.63 -14.76 3.37
N PRO A 30 0.72 -15.50 2.71
CA PRO A 30 -0.69 -15.58 3.12
C PRO A 30 -0.88 -16.59 4.25
N ASP A 31 -0.44 -16.22 5.44
CA ASP A 31 -0.56 -17.10 6.61
C ASP A 31 -1.90 -16.87 7.31
N PRO A 32 -2.67 -17.95 7.54
CA PRO A 32 -4.01 -17.89 8.12
C PRO A 32 -4.07 -17.18 9.47
N ALA A 33 -3.01 -17.31 10.26
CA ALA A 33 -2.97 -16.68 11.57
C ALA A 33 -2.50 -15.24 11.45
N ALA A 34 -1.47 -15.04 10.64
CA ALA A 34 -0.97 -13.69 10.35
C ALA A 34 -2.06 -12.81 9.78
N LEU A 35 -3.01 -13.42 9.07
CA LEU A 35 -4.14 -12.70 8.51
C LEU A 35 -4.99 -12.06 9.62
N LYS A 36 -4.99 -12.71 10.78
CA LYS A 36 -5.76 -12.26 11.94
C LYS A 36 -4.84 -11.58 12.96
N ASP A 37 -3.66 -11.20 12.51
CA ASP A 37 -2.62 -10.67 13.39
C ASP A 37 -2.63 -9.14 13.42
N ARG A 38 -2.55 -8.60 14.64
CA ARG A 38 -2.58 -7.15 14.87
C ARG A 38 -1.40 -6.45 14.18
N ARG A 39 -0.22 -7.07 14.22
CA ARG A 39 0.95 -6.54 13.53
C ARG A 39 0.66 -6.31 12.06
N MET A 40 0.06 -7.32 11.40
CA MET A 40 -0.34 -7.16 10.01
C MET A 40 -1.43 -6.09 9.88
N GLU A 41 -2.37 -6.06 10.81
CA GLU A 41 -3.53 -5.17 10.70
C GLU A 41 -3.08 -3.72 10.68
N ASN A 42 -2.09 -3.39 11.50
CA ASN A 42 -1.57 -2.02 11.55
C ASN A 42 -0.93 -1.60 10.23
N LEU A 43 -0.18 -2.51 9.61
CA LEU A 43 0.44 -2.20 8.31
C LEU A 43 -0.66 -2.05 7.25
N VAL A 44 -1.68 -2.90 7.34
CA VAL A 44 -2.80 -2.87 6.41
C VAL A 44 -3.57 -1.56 6.57
N ALA A 45 -3.73 -1.12 7.81
CA ALA A 45 -4.40 0.14 8.12
C ALA A 45 -3.75 1.31 7.39
N TYR A 46 -2.42 1.30 7.30
CA TYR A 46 -1.71 2.35 6.58
C TYR A 46 -2.06 2.30 5.10
N ALA A 47 -2.22 1.08 4.58
CA ALA A 47 -2.55 0.87 3.17
C ALA A 47 -3.87 1.56 2.84
N LYS A 48 -4.81 1.52 3.78
CA LYS A 48 -6.10 2.20 3.63
C LYS A 48 -5.90 3.71 3.54
N LYS A 49 -5.01 4.24 4.37
CA LYS A 49 -4.67 5.66 4.33
C LYS A 49 -4.16 6.04 2.94
N VAL A 50 -3.41 5.13 2.33
CA VAL A 50 -2.91 5.33 0.97
C VAL A 50 -4.05 5.62 -0.02
N GLU A 51 -5.10 4.80 0.00
CA GLU A 51 -6.25 5.02 -0.89
C GLU A 51 -6.82 6.43 -0.67
N GLY A 52 -6.83 6.87 0.58
CA GLY A 52 -7.28 8.21 0.90
C GLY A 52 -6.40 9.29 0.28
N ASP A 53 -5.09 9.15 0.46
CA ASP A 53 -4.13 10.13 -0.07
C ASP A 53 -4.15 10.17 -1.60
N MET A 54 -4.21 9.00 -2.22
CA MET A 54 -4.28 8.92 -3.68
C MET A 54 -5.51 9.64 -4.21
N TYR A 55 -6.59 9.52 -3.44
CA TYR A 55 -7.92 9.96 -3.85
C TYR A 55 -7.93 11.38 -4.44
N GLU A 56 -7.14 12.31 -3.91
CA GLU A 56 -7.14 13.68 -4.43
C GLU A 56 -6.62 13.71 -5.87
N SER A 57 -5.43 13.15 -6.07
CA SER A 57 -4.83 13.05 -7.39
C SER A 57 -5.61 12.10 -8.31
N ALA A 58 -6.10 11.01 -7.72
CA ALA A 58 -6.88 9.97 -8.42
C ALA A 58 -8.18 10.47 -9.07
N ASN A 59 -8.29 11.77 -9.31
CA ASN A 59 -9.47 12.35 -9.94
C ASN A 59 -9.57 11.91 -11.41
N SER A 60 -8.61 11.09 -11.85
CA SER A 60 -8.66 10.48 -13.17
C SER A 60 -8.23 9.02 -13.07
N ARG A 61 -8.75 8.16 -13.95
CA ARG A 61 -8.43 6.73 -13.88
C ARG A 61 -6.93 6.48 -13.99
N ASP A 62 -6.30 7.07 -15.00
CA ASP A 62 -4.88 6.84 -15.28
C ASP A 62 -4.01 7.24 -14.11
N GLU A 63 -4.32 8.38 -13.51
CA GLU A 63 -3.54 8.89 -12.39
C GLU A 63 -3.55 7.90 -11.24
N TYR A 64 -4.71 7.31 -10.97
CA TYR A 64 -4.89 6.41 -9.84
C TYR A 64 -3.89 5.24 -9.91
N TYR A 65 -3.80 4.61 -11.08
CA TYR A 65 -2.88 3.50 -11.28
C TYR A 65 -1.44 3.95 -11.12
N HIS A 66 -1.16 5.15 -11.64
CA HIS A 66 0.20 5.66 -11.74
C HIS A 66 0.77 5.90 -10.34
N LEU A 67 -0.03 6.54 -9.50
CA LEU A 67 0.37 6.88 -8.14
C LEU A 67 0.73 5.64 -7.34
N LEU A 68 -0.16 4.65 -7.37
CA LEU A 68 0.06 3.40 -6.65
C LEU A 68 1.32 2.70 -7.15
N ALA A 69 1.46 2.61 -8.48
CA ALA A 69 2.61 1.95 -9.08
C ALA A 69 3.92 2.60 -8.63
N GLU A 70 3.95 3.93 -8.62
CA GLU A 70 5.13 4.67 -8.19
C GLU A 70 5.41 4.40 -6.72
N LYS A 71 4.38 4.51 -5.89
CA LYS A 71 4.53 4.37 -4.44
C LYS A 71 4.94 2.93 -4.07
N ILE A 72 4.35 1.94 -4.74
CA ILE A 72 4.71 0.54 -4.49
C ILE A 72 6.16 0.28 -4.88
N TYR A 73 6.60 0.84 -5.99
CA TYR A 73 7.99 0.69 -6.42
C TYR A 73 8.93 1.29 -5.36
N LYS A 74 8.50 2.41 -4.76
CA LYS A 74 9.29 3.03 -3.70
C LYS A 74 9.58 2.04 -2.58
N ILE A 75 8.54 1.30 -2.19
CA ILE A 75 8.69 0.27 -1.17
C ILE A 75 9.71 -0.78 -1.58
N GLN A 76 9.73 -1.13 -2.86
CA GLN A 76 10.63 -2.18 -3.34
C GLN A 76 12.08 -1.73 -3.21
N LYS A 77 12.31 -0.45 -3.48
CA LYS A 77 13.63 0.15 -3.33
C LYS A 77 14.04 0.16 -1.86
N GLU A 78 13.13 0.59 -1.00
CA GLU A 78 13.40 0.70 0.42
C GLU A 78 13.66 -0.66 1.07
N LEU A 79 12.83 -1.64 0.73
CA LEU A 79 13.01 -3.00 1.25
C LEU A 79 14.37 -3.55 0.86
N GLU A 80 14.75 -3.33 -0.41
CA GLU A 80 16.03 -3.79 -0.92
C GLU A 80 17.17 -3.13 -0.14
N GLU A 81 17.01 -1.85 0.13
CA GLU A 81 18.03 -1.07 0.80
C GLU A 81 18.27 -1.60 2.22
N LYS A 82 17.22 -1.76 3.00
CA LYS A 82 17.34 -2.22 4.37
C LYS A 82 17.79 -3.68 4.46
N ARG A 83 17.28 -4.54 3.59
CA ARG A 83 17.54 -5.98 3.70
C ARG A 83 18.98 -6.31 3.36
N ARG A 84 19.68 -5.30 2.91
CA ARG A 84 21.13 -5.35 2.72
C ARG A 84 21.82 -5.90 3.97
N SER A 85 21.28 -5.57 5.14
CA SER A 85 21.80 -6.10 6.38
C SER A 85 20.78 -7.03 7.03
N ARG A 86 19.54 -6.55 7.17
CA ARG A 86 18.42 -7.36 7.65
C ARG A 86 18.80 -8.08 8.96
N LEU A 87 19.03 -7.31 10.01
CA LEU A 87 19.43 -7.88 11.28
C LEU A 87 18.30 -7.77 12.29
N ASP B 1 3.06 15.86 0.86
CA ASP B 1 3.75 15.03 -0.12
C ASP B 1 5.24 15.39 -0.20
N ALA B 2 5.92 15.26 0.91
CA ALA B 2 7.36 15.51 0.96
C ALA B 2 8.11 14.21 0.69
N GLY B 3 7.80 13.60 -0.44
CA GLY B 3 8.34 12.30 -0.76
C GLY B 3 7.30 11.23 -0.54
N ASN B 4 6.77 10.67 -1.63
CA ASN B 4 5.71 9.67 -1.54
C ASN B 4 6.28 8.29 -1.22
N ILE B 5 7.05 8.22 -0.15
CA ILE B 5 7.58 6.96 0.33
C ILE B 5 6.87 6.55 1.61
N LEU B 6 6.70 5.26 1.81
CA LEU B 6 6.03 4.76 3.00
C LEU B 6 6.99 4.77 4.18
N PRO B 7 6.49 5.15 5.37
CA PRO B 7 7.30 5.27 6.60
C PRO B 7 8.24 4.09 6.82
N SER B 8 9.50 4.43 7.08
CA SER B 8 10.56 3.46 7.30
C SER B 8 10.18 2.47 8.40
N ASP B 9 9.50 2.98 9.42
CA ASP B 9 9.09 2.17 10.57
C ASP B 9 8.30 0.94 10.15
N ILE B 10 7.31 1.12 9.29
CA ILE B 10 6.48 0.00 8.83
C ILE B 10 7.32 -0.98 8.02
N MET B 11 8.20 -0.45 7.17
CA MET B 11 9.10 -1.28 6.37
C MET B 11 10.06 -2.04 7.27
N ASP B 12 10.59 -1.37 8.28
CA ASP B 12 11.42 -2.02 9.28
C ASP B 12 10.64 -3.08 10.03
N PHE B 13 9.38 -2.77 10.34
CA PHE B 13 8.53 -3.66 11.12
C PHE B 13 8.41 -5.04 10.46
N VAL B 14 8.11 -5.07 9.15
CA VAL B 14 7.99 -6.34 8.45
C VAL B 14 9.34 -7.08 8.39
N LEU B 15 10.41 -6.35 8.11
CA LEU B 15 11.75 -6.95 8.04
C LEU B 15 12.17 -7.48 9.42
N LYS B 16 11.82 -6.75 10.47
CA LYS B 16 12.17 -7.15 11.83
C LYS B 16 11.46 -8.45 12.21
N ASN B 17 10.36 -8.74 11.52
CA ASN B 17 9.56 -9.91 11.82
C ASN B 17 9.74 -10.99 10.74
N THR B 18 9.37 -12.21 11.09
CA THR B 18 9.41 -13.32 10.14
C THR B 18 8.28 -14.30 10.45
N PRO B 19 7.34 -14.48 9.49
CA PRO B 19 6.20 -15.38 9.67
C PRO B 19 6.61 -16.84 9.77
N GLY A 1 -30.59 16.10 -15.39
CA GLY A 1 -29.45 15.90 -14.54
C GLY A 1 -28.22 16.58 -15.11
N VAL A 2 -27.26 16.88 -14.26
CA VAL A 2 -26.04 17.54 -14.71
C VAL A 2 -24.92 16.53 -14.91
N ARG A 3 -23.94 16.90 -15.71
CA ARG A 3 -22.91 15.98 -16.18
C ARG A 3 -21.85 15.65 -15.13
N LYS A 4 -22.01 16.16 -13.90
CA LYS A 4 -21.08 15.84 -12.82
C LYS A 4 -20.87 14.32 -12.72
N GLY A 5 -19.61 13.90 -12.65
CA GLY A 5 -19.30 12.50 -12.61
C GLY A 5 -17.83 12.27 -12.37
N TRP A 6 -17.42 12.47 -11.14
CA TRP A 6 -16.04 12.30 -10.75
C TRP A 6 -15.70 10.83 -10.56
N HIS A 7 -16.31 10.22 -9.56
CA HIS A 7 -15.93 8.88 -9.13
C HIS A 7 -16.74 7.79 -9.81
N GLU A 8 -17.64 8.15 -10.72
CA GLU A 8 -18.51 7.17 -11.35
C GLU A 8 -17.71 6.12 -12.12
N HIS A 9 -16.66 6.54 -12.82
CA HIS A 9 -15.82 5.61 -13.57
C HIS A 9 -14.91 4.75 -12.68
N VAL A 10 -15.10 4.79 -11.37
CA VAL A 10 -14.33 3.92 -10.47
C VAL A 10 -15.25 3.16 -9.53
N THR A 11 -15.04 1.86 -9.43
CA THR A 11 -15.78 1.02 -8.50
C THR A 11 -15.03 0.82 -7.18
N GLN A 12 -15.75 0.40 -6.15
CA GLN A 12 -15.17 0.15 -4.83
C GLN A 12 -14.18 -1.01 -4.89
N ASP A 13 -14.54 -2.03 -5.67
CA ASP A 13 -13.66 -3.20 -5.87
C ASP A 13 -12.30 -2.77 -6.40
N LEU A 14 -12.32 -1.79 -7.30
CA LEU A 14 -11.09 -1.25 -7.87
C LEU A 14 -10.16 -0.80 -6.75
N ARG A 15 -10.72 -0.09 -5.78
CA ARG A 15 -9.96 0.42 -4.64
C ARG A 15 -9.41 -0.73 -3.79
N SER A 16 -10.27 -1.68 -3.44
CA SER A 16 -9.92 -2.74 -2.51
C SER A 16 -8.83 -3.64 -3.09
N HIS A 17 -8.92 -3.94 -4.38
CA HIS A 17 -7.93 -4.77 -5.05
C HIS A 17 -6.54 -4.15 -4.93
N LEU A 18 -6.48 -2.84 -5.11
CA LEU A 18 -5.24 -2.08 -5.00
C LEU A 18 -4.69 -2.15 -3.57
N VAL A 19 -5.59 -2.12 -2.60
CA VAL A 19 -5.20 -2.12 -1.20
C VAL A 19 -4.50 -3.43 -0.83
N HIS A 20 -5.04 -4.54 -1.31
CA HIS A 20 -4.44 -5.85 -1.05
C HIS A 20 -3.06 -5.93 -1.69
N LYS A 21 -2.95 -5.38 -2.91
CA LYS A 21 -1.68 -5.35 -3.62
C LYS A 21 -0.65 -4.52 -2.83
N LEU A 22 -1.11 -3.42 -2.26
CA LEU A 22 -0.27 -2.55 -1.45
C LEU A 22 0.28 -3.32 -0.25
N VAL A 23 -0.60 -4.04 0.45
CA VAL A 23 -0.20 -4.88 1.56
C VAL A 23 0.77 -5.98 1.09
N GLN A 24 0.42 -6.61 -0.04
CA GLN A 24 1.23 -7.67 -0.62
C GLN A 24 2.66 -7.19 -0.88
N ALA A 25 2.79 -5.95 -1.34
CA ALA A 25 4.09 -5.36 -1.63
C ALA A 25 4.98 -5.31 -0.38
N ILE A 26 4.36 -5.02 0.76
CA ILE A 26 5.13 -4.84 2.00
C ILE A 26 5.39 -6.20 2.67
N PHE A 27 4.45 -7.13 2.51
CA PHE A 27 4.55 -8.42 3.16
C PHE A 27 3.72 -9.45 2.39
N PRO A 28 4.34 -10.17 1.45
CA PRO A 28 3.60 -11.03 0.50
C PRO A 28 3.05 -12.31 1.12
N THR A 29 3.76 -12.86 2.11
CA THR A 29 3.36 -14.11 2.74
C THR A 29 2.29 -13.88 3.82
N PRO A 30 1.03 -14.28 3.55
CA PRO A 30 -0.06 -14.16 4.53
C PRO A 30 -0.01 -15.26 5.57
N ASP A 31 0.94 -15.16 6.47
CA ASP A 31 1.12 -16.14 7.54
C ASP A 31 -0.06 -16.08 8.51
N PRO A 32 -0.70 -17.25 8.78
CA PRO A 32 -1.90 -17.34 9.62
C PRO A 32 -1.73 -16.73 11.01
N ALA A 33 -0.50 -16.70 11.51
CA ALA A 33 -0.24 -16.11 12.82
C ALA A 33 -0.15 -14.59 12.72
N ALA A 34 0.68 -14.13 11.79
CA ALA A 34 0.81 -12.71 11.50
C ALA A 34 -0.52 -12.10 11.09
N LEU A 35 -1.38 -12.93 10.50
CA LEU A 35 -2.69 -12.50 10.05
C LEU A 35 -3.53 -12.00 11.24
N LYS A 36 -3.24 -12.55 12.41
CA LYS A 36 -3.93 -12.15 13.63
C LYS A 36 -3.05 -11.25 14.51
N ASP A 37 -1.98 -10.72 13.92
CA ASP A 37 -1.07 -9.85 14.66
C ASP A 37 -1.52 -8.40 14.52
N ARG A 38 -1.68 -7.74 15.67
CA ARG A 38 -2.14 -6.35 15.73
C ARG A 38 -1.24 -5.42 14.91
N ARG A 39 0.07 -5.67 14.92
CA ARG A 39 0.99 -4.81 14.17
C ARG A 39 0.66 -4.85 12.68
N MET A 40 0.30 -6.04 12.17
CA MET A 40 -0.12 -6.18 10.79
C MET A 40 -1.32 -5.27 10.50
N GLU A 41 -2.23 -5.14 11.46
CA GLU A 41 -3.42 -4.32 11.30
C GLU A 41 -3.02 -2.88 10.99
N ASN A 42 -1.97 -2.41 11.65
CA ASN A 42 -1.44 -1.07 11.41
C ASN A 42 -1.03 -0.91 9.96
N LEU A 43 -0.40 -1.96 9.41
CA LEU A 43 0.01 -1.96 8.01
C LEU A 43 -1.23 -1.97 7.10
N VAL A 44 -2.24 -2.73 7.52
CA VAL A 44 -3.50 -2.80 6.79
C VAL A 44 -4.16 -1.44 6.76
N ALA A 45 -4.18 -0.79 7.92
CA ALA A 45 -4.70 0.56 8.07
C ALA A 45 -3.89 1.55 7.23
N TYR A 46 -2.57 1.35 7.22
CA TYR A 46 -1.67 2.18 6.41
C TYR A 46 -2.06 2.10 4.93
N ALA A 47 -2.40 0.91 4.47
CA ALA A 47 -2.84 0.72 3.09
C ALA A 47 -4.15 1.46 2.83
N LYS A 48 -5.10 1.29 3.75
CA LYS A 48 -6.36 1.99 3.73
C LYS A 48 -6.18 3.51 3.68
N LYS A 49 -5.38 4.01 4.59
CA LYS A 49 -5.10 5.43 4.66
C LYS A 49 -4.53 5.94 3.34
N VAL A 50 -3.55 5.20 2.80
CA VAL A 50 -2.98 5.54 1.49
C VAL A 50 -4.07 5.57 0.42
N GLU A 51 -4.88 4.51 0.33
CA GLU A 51 -5.94 4.46 -0.69
C GLU A 51 -6.90 5.63 -0.53
N GLY A 52 -7.20 5.98 0.72
CA GLY A 52 -8.05 7.12 0.99
C GLY A 52 -7.44 8.44 0.54
N ASP A 53 -6.17 8.65 0.88
CA ASP A 53 -5.48 9.87 0.47
C ASP A 53 -5.32 9.91 -1.04
N MET A 54 -4.89 8.80 -1.62
CA MET A 54 -4.73 8.67 -3.08
C MET A 54 -6.05 9.00 -3.76
N TYR A 55 -7.16 8.61 -3.13
CA TYR A 55 -8.49 8.80 -3.71
C TYR A 55 -8.73 10.26 -4.16
N GLU A 56 -8.22 11.22 -3.39
CA GLU A 56 -8.34 12.63 -3.81
C GLU A 56 -7.51 12.90 -5.05
N SER A 57 -6.29 12.39 -5.03
CA SER A 57 -5.35 12.50 -6.14
C SER A 57 -5.90 11.78 -7.38
N ALA A 58 -6.57 10.66 -7.13
CA ALA A 58 -7.21 9.78 -8.12
C ALA A 58 -8.21 10.48 -9.06
N ASN A 59 -8.07 11.78 -9.24
CA ASN A 59 -9.03 12.56 -10.03
C ASN A 59 -8.92 12.19 -11.52
N SER A 60 -8.01 11.28 -11.85
CA SER A 60 -7.88 10.76 -13.20
C SER A 60 -7.39 9.31 -13.17
N ARG A 61 -7.86 8.49 -14.10
CA ARG A 61 -7.56 7.05 -14.09
C ARG A 61 -6.06 6.77 -14.05
N ASP A 62 -5.34 7.41 -14.97
CA ASP A 62 -3.91 7.19 -15.11
C ASP A 62 -3.16 7.58 -13.84
N GLU A 63 -3.54 8.72 -13.27
CA GLU A 63 -2.91 9.24 -12.07
C GLU A 63 -3.07 8.26 -10.92
N TYR A 64 -4.28 7.74 -10.76
CA TYR A 64 -4.59 6.82 -9.66
C TYR A 64 -3.67 5.60 -9.67
N TYR A 65 -3.54 4.96 -10.84
CA TYR A 65 -2.75 3.76 -10.97
C TYR A 65 -1.28 4.05 -10.76
N HIS A 66 -0.84 5.19 -11.29
CA HIS A 66 0.57 5.56 -11.28
C HIS A 66 1.08 5.79 -9.87
N LEU A 67 0.29 6.49 -9.06
CA LEU A 67 0.69 6.84 -7.70
C LEU A 67 0.90 5.58 -6.86
N LEU A 68 -0.08 4.68 -6.90
CA LEU A 68 0.02 3.43 -6.17
C LEU A 68 1.18 2.59 -6.68
N ALA A 69 1.30 2.47 -8.00
CA ALA A 69 2.38 1.71 -8.63
C ALA A 69 3.74 2.29 -8.28
N GLU A 70 3.86 3.61 -8.32
CA GLU A 70 5.11 4.28 -7.96
C GLU A 70 5.46 3.97 -6.51
N LYS A 71 4.45 3.97 -5.64
CA LYS A 71 4.64 3.62 -4.25
C LYS A 71 5.15 2.19 -4.11
N ILE A 72 4.57 1.26 -4.87
CA ILE A 72 4.96 -0.14 -4.79
C ILE A 72 6.41 -0.32 -5.21
N TYR A 73 6.80 0.36 -6.29
CA TYR A 73 8.18 0.30 -6.77
C TYR A 73 9.11 0.93 -5.73
N LYS A 74 8.65 2.02 -5.11
CA LYS A 74 9.36 2.67 -4.03
C LYS A 74 9.65 1.67 -2.92
N ILE A 75 8.60 0.95 -2.53
CA ILE A 75 8.69 -0.09 -1.51
C ILE A 75 9.68 -1.17 -1.91
N GLN A 76 9.53 -1.66 -3.14
CA GLN A 76 10.42 -2.71 -3.66
C GLN A 76 11.87 -2.25 -3.67
N LYS A 77 12.08 -0.97 -4.01
CA LYS A 77 13.41 -0.39 -3.99
C LYS A 77 13.99 -0.43 -2.58
N GLU A 78 13.18 -0.03 -1.61
CA GLU A 78 13.61 -0.04 -0.21
C GLU A 78 13.87 -1.47 0.27
N LEU A 79 13.03 -2.40 -0.17
CA LEU A 79 13.23 -3.81 0.15
C LEU A 79 14.57 -4.30 -0.41
N GLU A 80 14.88 -3.87 -1.62
CA GLU A 80 16.17 -4.18 -2.23
C GLU A 80 17.29 -3.47 -1.46
N GLU A 81 17.02 -2.22 -1.10
CA GLU A 81 17.99 -1.35 -0.42
C GLU A 81 18.40 -1.94 0.93
N LYS A 82 17.44 -2.48 1.68
CA LYS A 82 17.74 -3.06 2.98
C LYS A 82 18.73 -4.21 2.84
N ARG A 83 18.59 -5.01 1.78
CA ARG A 83 19.52 -6.11 1.50
C ARG A 83 20.92 -5.58 1.28
N ARG A 84 20.97 -4.38 0.77
CA ARG A 84 22.23 -3.71 0.43
C ARG A 84 22.92 -3.21 1.69
N SER A 85 22.11 -2.89 2.67
CA SER A 85 22.61 -2.36 3.94
C SER A 85 22.75 -3.49 4.95
N ARG A 86 22.28 -4.68 4.56
CA ARG A 86 22.35 -5.86 5.39
C ARG A 86 23.80 -6.23 5.66
N LEU A 87 24.12 -6.45 6.93
CA LEU A 87 25.47 -6.74 7.34
C LEU A 87 25.52 -8.11 7.99
N ASP B 1 0.41 13.47 -1.87
CA ASP B 1 0.12 12.04 -1.83
C ASP B 1 0.73 11.44 -0.56
N ALA B 2 -0.09 11.27 0.47
CA ALA B 2 0.39 10.84 1.77
C ALA B 2 0.69 9.34 1.79
N GLY B 3 1.82 8.98 2.39
CA GLY B 3 2.18 7.59 2.51
C GLY B 3 2.95 7.10 1.32
N ASN B 4 4.20 7.51 1.24
CA ASN B 4 5.05 7.14 0.11
C ASN B 4 6.02 6.04 0.52
N ILE B 5 7.00 6.41 1.33
CA ILE B 5 8.01 5.46 1.79
C ILE B 5 7.61 4.91 3.15
N LEU B 6 7.96 3.66 3.41
CA LEU B 6 7.53 2.99 4.63
C LEU B 6 8.39 3.40 5.82
N PRO B 7 7.74 3.79 6.93
CA PRO B 7 8.42 4.21 8.13
C PRO B 7 9.07 3.05 8.90
N SER B 8 9.85 3.38 9.90
CA SER B 8 10.71 2.42 10.58
C SER B 8 9.95 1.20 11.12
N ASP B 9 8.87 1.42 11.85
CA ASP B 9 8.20 0.34 12.57
C ASP B 9 7.60 -0.70 11.62
N ILE B 10 7.01 -0.22 10.52
CA ILE B 10 6.41 -1.12 9.55
C ILE B 10 7.48 -1.99 8.91
N MET B 11 8.62 -1.37 8.62
CA MET B 11 9.77 -2.09 8.09
C MET B 11 10.29 -3.09 9.12
N ASP B 12 10.29 -2.68 10.38
CA ASP B 12 10.76 -3.53 11.47
C ASP B 12 10.04 -4.86 11.50
N PHE B 13 8.73 -4.84 11.26
CA PHE B 13 7.94 -6.06 11.31
C PHE B 13 8.39 -7.05 10.24
N VAL B 14 8.53 -6.59 9.00
CA VAL B 14 8.96 -7.47 7.91
C VAL B 14 10.41 -7.93 8.11
N LEU B 15 11.26 -7.03 8.58
CA LEU B 15 12.66 -7.37 8.85
C LEU B 15 12.77 -8.42 9.97
N LYS B 16 11.94 -8.29 10.99
CA LYS B 16 12.02 -9.18 12.15
C LYS B 16 11.26 -10.48 11.91
N ASN B 17 10.02 -10.37 11.44
CA ASN B 17 9.17 -11.54 11.27
C ASN B 17 9.30 -12.10 9.87
N THR B 18 9.56 -13.39 9.76
CA THR B 18 9.71 -14.04 8.48
C THR B 18 9.21 -15.49 8.56
N PRO B 19 8.04 -15.77 7.98
CA PRO B 19 7.44 -17.10 7.97
C PRO B 19 8.18 -18.08 7.07
N GLY A 1 -25.04 11.04 -15.00
CA GLY A 1 -26.25 11.08 -14.20
C GLY A 1 -26.02 11.58 -12.80
N VAL A 2 -27.11 11.61 -12.03
CA VAL A 2 -27.15 12.17 -10.66
C VAL A 2 -26.38 13.50 -10.53
N ARG A 3 -26.19 13.97 -9.30
CA ARG A 3 -25.38 15.18 -9.08
C ARG A 3 -24.06 14.80 -8.40
N LYS A 4 -23.98 13.57 -7.93
CA LYS A 4 -22.77 13.08 -7.29
C LYS A 4 -22.11 12.03 -8.15
N GLY A 5 -21.17 12.46 -8.97
CA GLY A 5 -20.46 11.56 -9.82
C GLY A 5 -19.10 12.10 -10.22
N TRP A 6 -18.24 12.32 -9.25
CA TRP A 6 -16.88 12.77 -9.52
C TRP A 6 -16.01 11.58 -9.87
N HIS A 7 -15.99 10.61 -8.96
CA HIS A 7 -15.15 9.43 -9.08
C HIS A 7 -15.93 8.26 -9.66
N GLU A 8 -17.18 8.52 -10.07
CA GLU A 8 -18.11 7.47 -10.46
C GLU A 8 -17.54 6.49 -11.49
N HIS A 9 -16.57 6.93 -12.30
CA HIS A 9 -15.92 6.04 -13.26
C HIS A 9 -14.80 5.24 -12.61
N VAL A 10 -14.96 4.96 -11.31
CA VAL A 10 -14.12 4.03 -10.60
C VAL A 10 -15.00 3.11 -9.76
N THR A 11 -14.75 1.82 -9.81
CA THR A 11 -15.51 0.87 -9.02
C THR A 11 -14.84 0.61 -7.67
N GLN A 12 -15.62 0.17 -6.70
CA GLN A 12 -15.11 -0.11 -5.38
C GLN A 12 -14.12 -1.27 -5.43
N ASP A 13 -14.43 -2.25 -6.27
CA ASP A 13 -13.56 -3.40 -6.47
C ASP A 13 -12.17 -2.95 -6.88
N LEU A 14 -12.11 -1.92 -7.71
CA LEU A 14 -10.84 -1.35 -8.14
C LEU A 14 -10.03 -0.90 -6.94
N ARG A 15 -10.65 -0.12 -6.06
CA ARG A 15 -9.97 0.41 -4.89
C ARG A 15 -9.54 -0.70 -3.93
N SER A 16 -10.45 -1.62 -3.66
CA SER A 16 -10.19 -2.69 -2.70
C SER A 16 -9.05 -3.58 -3.16
N HIS A 17 -9.02 -3.89 -4.45
CA HIS A 17 -7.97 -4.73 -5.01
C HIS A 17 -6.59 -4.07 -4.85
N LEU A 18 -6.55 -2.76 -5.05
CA LEU A 18 -5.30 -2.01 -4.96
C LEU A 18 -4.73 -2.02 -3.54
N VAL A 19 -5.61 -1.94 -2.55
CA VAL A 19 -5.17 -1.91 -1.15
C VAL A 19 -4.46 -3.19 -0.78
N HIS A 20 -5.05 -4.32 -1.16
CA HIS A 20 -4.47 -5.64 -0.86
C HIS A 20 -3.11 -5.79 -1.54
N LYS A 21 -3.00 -5.27 -2.76
CA LYS A 21 -1.73 -5.30 -3.48
C LYS A 21 -0.64 -4.54 -2.71
N LEU A 22 -1.03 -3.41 -2.13
CA LEU A 22 -0.11 -2.61 -1.32
C LEU A 22 0.29 -3.40 -0.07
N VAL A 23 -0.68 -4.08 0.54
CA VAL A 23 -0.41 -4.95 1.67
C VAL A 23 0.54 -6.08 1.26
N GLN A 24 0.26 -6.65 0.09
CA GLN A 24 1.10 -7.72 -0.47
C GLN A 24 2.53 -7.23 -0.64
N ALA A 25 2.68 -5.97 -1.05
CA ALA A 25 3.99 -5.35 -1.22
C ALA A 25 4.78 -5.40 0.09
N ILE A 26 4.10 -5.16 1.20
CA ILE A 26 4.75 -5.19 2.51
C ILE A 26 4.86 -6.63 3.02
N PHE A 27 3.86 -7.46 2.72
CA PHE A 27 3.80 -8.79 3.29
C PHE A 27 2.97 -9.70 2.38
N PRO A 28 3.64 -10.56 1.59
CA PRO A 28 2.94 -11.39 0.60
C PRO A 28 2.32 -12.66 1.22
N THR A 29 2.96 -13.17 2.26
CA THR A 29 2.51 -14.40 2.90
C THR A 29 1.35 -14.16 3.87
N PRO A 30 0.14 -14.63 3.55
CA PRO A 30 -1.03 -14.52 4.42
C PRO A 30 -1.00 -15.58 5.53
N ASP A 31 -0.19 -15.36 6.54
CA ASP A 31 -0.05 -16.30 7.66
C ASP A 31 -1.31 -16.27 8.51
N PRO A 32 -1.88 -17.46 8.79
CA PRO A 32 -3.15 -17.60 9.54
C PRO A 32 -3.16 -16.89 10.89
N ALA A 33 -1.99 -16.74 11.49
CA ALA A 33 -1.88 -16.08 12.79
C ALA A 33 -1.60 -14.59 12.61
N ALA A 34 -0.64 -14.30 11.74
CA ALA A 34 -0.27 -12.92 11.42
C ALA A 34 -1.47 -12.12 10.89
N LEU A 35 -2.40 -12.82 10.25
CA LEU A 35 -3.60 -12.19 9.72
C LEU A 35 -4.41 -11.51 10.83
N LYS A 36 -4.36 -12.11 12.01
CA LYS A 36 -5.09 -11.59 13.18
C LYS A 36 -4.16 -10.81 14.11
N ASP A 37 -3.02 -10.41 13.59
CA ASP A 37 -1.99 -9.77 14.40
C ASP A 37 -2.10 -8.24 14.31
N ARG A 38 -2.09 -7.61 15.49
CA ARG A 38 -2.22 -6.15 15.61
C ARG A 38 -1.10 -5.41 14.88
N ARG A 39 0.11 -5.94 14.95
CA ARG A 39 1.25 -5.38 14.25
C ARG A 39 0.98 -5.30 12.74
N MET A 40 0.46 -6.38 12.16
CA MET A 40 0.06 -6.38 10.76
C MET A 40 -1.01 -5.32 10.50
N GLU A 41 -1.93 -5.17 11.45
CA GLU A 41 -3.05 -4.24 11.31
C GLU A 41 -2.55 -2.84 11.00
N ASN A 42 -1.45 -2.43 11.64
CA ASN A 42 -0.87 -1.11 11.42
C ASN A 42 -0.50 -0.91 9.96
N LEU A 43 0.13 -1.92 9.36
CA LEU A 43 0.54 -1.83 7.97
C LEU A 43 -0.69 -1.79 7.07
N VAL A 44 -1.70 -2.57 7.42
CA VAL A 44 -2.95 -2.62 6.66
C VAL A 44 -3.65 -1.25 6.72
N ALA A 45 -3.61 -0.65 7.90
CA ALA A 45 -4.16 0.68 8.11
C ALA A 45 -3.48 1.71 7.21
N TYR A 46 -2.16 1.58 7.02
CA TYR A 46 -1.43 2.48 6.15
C TYR A 46 -1.91 2.32 4.71
N ALA A 47 -2.19 1.08 4.31
CA ALA A 47 -2.67 0.79 2.96
C ALA A 47 -4.02 1.45 2.72
N LYS A 48 -4.90 1.34 3.73
CA LYS A 48 -6.17 2.05 3.74
C LYS A 48 -5.97 3.55 3.59
N LYS A 49 -5.09 4.08 4.41
CA LYS A 49 -4.76 5.50 4.39
C LYS A 49 -4.31 5.93 3.01
N VAL A 50 -3.50 5.11 2.37
CA VAL A 50 -3.07 5.35 1.00
C VAL A 50 -4.28 5.52 0.07
N GLU A 51 -5.22 4.60 0.17
CA GLU A 51 -6.44 4.68 -0.63
C GLU A 51 -7.16 6.00 -0.42
N GLY A 52 -7.28 6.41 0.84
CA GLY A 52 -7.92 7.67 1.16
C GLY A 52 -7.18 8.86 0.59
N ASP A 53 -5.87 8.91 0.81
CA ASP A 53 -5.04 10.01 0.34
C ASP A 53 -5.04 10.06 -1.19
N MET A 54 -4.84 8.91 -1.81
CA MET A 54 -4.82 8.81 -3.27
C MET A 54 -6.17 9.21 -3.84
N TYR A 55 -7.22 8.86 -3.11
CA TYR A 55 -8.60 9.10 -3.58
C TYR A 55 -8.80 10.55 -4.04
N GLU A 56 -8.19 11.51 -3.35
CA GLU A 56 -8.29 12.91 -3.78
C GLU A 56 -7.56 13.12 -5.11
N SER A 57 -6.33 12.63 -5.17
CA SER A 57 -5.48 12.73 -6.36
C SER A 57 -6.08 11.92 -7.53
N ALA A 58 -6.66 10.78 -7.19
CA ALA A 58 -7.31 9.83 -8.13
C ALA A 58 -8.38 10.44 -9.04
N ASN A 59 -8.36 11.76 -9.24
CA ASN A 59 -9.38 12.42 -10.03
C ASN A 59 -9.09 12.24 -11.52
N SER A 60 -8.24 11.26 -11.85
CA SER A 60 -7.99 10.88 -13.23
C SER A 60 -7.41 9.47 -13.28
N ARG A 61 -7.89 8.65 -14.22
CA ARG A 61 -7.59 7.22 -14.22
C ARG A 61 -6.08 6.93 -14.17
N ASP A 62 -5.33 7.57 -15.06
CA ASP A 62 -3.89 7.31 -15.14
C ASP A 62 -3.19 7.70 -13.85
N GLU A 63 -3.60 8.82 -13.27
CA GLU A 63 -2.98 9.32 -12.05
C GLU A 63 -3.15 8.32 -10.92
N TYR A 64 -4.37 7.80 -10.78
CA TYR A 64 -4.69 6.84 -9.72
C TYR A 64 -3.76 5.62 -9.78
N TYR A 65 -3.62 5.03 -10.97
CA TYR A 65 -2.77 3.88 -11.16
C TYR A 65 -1.30 4.23 -10.91
N HIS A 66 -0.88 5.41 -11.37
CA HIS A 66 0.53 5.80 -11.34
C HIS A 66 1.01 5.95 -9.90
N LEU A 67 0.18 6.57 -9.07
CA LEU A 67 0.53 6.84 -7.68
C LEU A 67 0.76 5.56 -6.90
N LEU A 68 -0.20 4.64 -7.00
CA LEU A 68 -0.12 3.38 -6.29
C LEU A 68 1.05 2.53 -6.80
N ALA A 69 1.17 2.42 -8.11
CA ALA A 69 2.25 1.64 -8.72
C ALA A 69 3.62 2.19 -8.30
N GLU A 70 3.75 3.51 -8.27
CA GLU A 70 5.01 4.15 -7.87
C GLU A 70 5.35 3.78 -6.43
N LYS A 71 4.36 3.80 -5.55
CA LYS A 71 4.57 3.44 -4.15
C LYS A 71 5.07 2.01 -4.00
N ILE A 72 4.53 1.11 -4.79
CA ILE A 72 4.94 -0.30 -4.73
C ILE A 72 6.42 -0.42 -5.10
N TYR A 73 6.84 0.28 -6.15
CA TYR A 73 8.26 0.30 -6.52
C TYR A 73 9.09 0.96 -5.42
N LYS A 74 8.56 2.02 -4.79
CA LYS A 74 9.25 2.67 -3.68
C LYS A 74 9.51 1.65 -2.56
N ILE A 75 8.48 0.86 -2.24
CA ILE A 75 8.62 -0.23 -1.27
C ILE A 75 9.69 -1.22 -1.72
N GLN A 76 9.72 -1.52 -3.02
CA GLN A 76 10.67 -2.49 -3.55
C GLN A 76 12.08 -1.97 -3.35
N LYS A 77 12.26 -0.68 -3.58
CA LYS A 77 13.55 -0.04 -3.44
C LYS A 77 14.00 -0.08 -1.98
N GLU A 78 13.07 0.17 -1.07
CA GLU A 78 13.39 0.18 0.36
C GLU A 78 13.81 -1.21 0.84
N LEU A 79 13.00 -2.21 0.48
CA LEU A 79 13.27 -3.60 0.86
C LEU A 79 14.61 -4.04 0.30
N GLU A 80 14.90 -3.63 -0.93
CA GLU A 80 16.20 -3.89 -1.53
C GLU A 80 17.30 -3.15 -0.79
N GLU A 81 17.07 -1.86 -0.57
CA GLU A 81 18.09 -0.97 0.00
C GLU A 81 18.61 -1.48 1.34
N LYS A 82 17.70 -1.87 2.21
CA LYS A 82 18.08 -2.37 3.52
C LYS A 82 18.95 -3.63 3.38
N ARG A 83 18.59 -4.49 2.42
CA ARG A 83 19.34 -5.72 2.20
C ARG A 83 20.69 -5.44 1.57
N ARG A 84 20.72 -4.37 0.81
CA ARG A 84 21.93 -3.91 0.14
C ARG A 84 22.95 -3.45 1.17
N SER A 85 22.44 -2.92 2.28
CA SER A 85 23.28 -2.47 3.37
C SER A 85 23.50 -3.61 4.36
N ARG A 86 22.97 -4.79 4.00
CA ARG A 86 23.03 -6.00 4.83
C ARG A 86 22.15 -5.86 6.07
N LEU A 87 22.07 -6.95 6.84
CA LEU A 87 21.18 -7.01 8.02
C LEU A 87 19.80 -6.44 7.71
N ASP B 1 2.36 14.57 3.64
CA ASP B 1 2.71 13.48 2.75
C ASP B 1 1.57 13.14 1.81
N ALA B 2 1.50 13.83 0.69
CA ALA B 2 0.44 13.60 -0.29
C ALA B 2 0.79 12.43 -1.19
N GLY B 3 0.82 11.23 -0.62
CA GLY B 3 1.13 10.04 -1.37
C GLY B 3 2.54 10.04 -1.92
N ASN B 4 3.51 9.81 -1.05
CA ASN B 4 4.90 9.81 -1.44
C ASN B 4 5.55 8.48 -1.09
N ILE B 5 6.52 8.52 -0.19
CA ILE B 5 7.34 7.34 0.12
C ILE B 5 6.78 6.64 1.34
N LEU B 6 6.98 5.32 1.42
CA LEU B 6 6.44 4.53 2.51
C LEU B 6 7.43 4.49 3.67
N PRO B 7 6.92 4.74 4.89
CA PRO B 7 7.72 4.82 6.12
C PRO B 7 8.74 3.70 6.28
N SER B 8 9.97 4.10 6.58
CA SER B 8 11.08 3.19 6.83
C SER B 8 10.72 2.20 7.94
N ASP B 9 10.03 2.71 8.96
CA ASP B 9 9.67 1.91 10.12
C ASP B 9 8.78 0.72 9.73
N ILE B 10 7.85 0.91 8.79
CA ILE B 10 7.01 -0.20 8.32
C ILE B 10 7.87 -1.26 7.61
N MET B 11 8.86 -0.78 6.86
CA MET B 11 9.80 -1.68 6.18
C MET B 11 10.59 -2.50 7.20
N ASP B 12 11.02 -1.84 8.26
CA ASP B 12 11.64 -2.54 9.39
C ASP B 12 10.64 -3.49 10.05
N PHE B 13 9.40 -3.04 10.15
CA PHE B 13 8.34 -3.76 10.85
C PHE B 13 8.10 -5.14 10.25
N VAL B 14 8.03 -5.23 8.93
CA VAL B 14 7.82 -6.52 8.26
C VAL B 14 8.99 -7.48 8.52
N LEU B 15 10.21 -6.97 8.42
CA LEU B 15 11.39 -7.76 8.70
C LEU B 15 11.43 -8.17 10.17
N LYS B 16 10.96 -7.28 11.04
CA LYS B 16 10.90 -7.57 12.49
C LYS B 16 10.06 -8.81 12.77
N ASN B 17 9.11 -9.10 11.89
CA ASN B 17 8.26 -10.27 12.05
C ASN B 17 8.85 -11.45 11.27
N THR B 18 9.01 -12.57 11.94
CA THR B 18 9.56 -13.76 11.32
C THR B 18 8.72 -14.98 11.71
N PRO B 19 7.57 -15.18 11.04
CA PRO B 19 6.67 -16.27 11.34
C PRO B 19 6.98 -17.53 10.53
#